data_7F7N
#
_entry.id   7F7N
#
_entity_poly.entity_id   1
_entity_poly.type   'polypeptide(L)'
_entity_poly.pdbx_seq_one_letter_code
;MSGTRPAARRTNLTAAQNVVRSVDAEERIAWVSKALCRTTDPDELFVRGAAQRKAAVICRHCPVMQECAADALDNKVEFG
VWGGMTERQRRALLKQHPEVVSWSDYLEKRKRRTGTAGLEHHHHHH
;
_entity_poly.pdbx_strand_id   A
#
# COMPACT_ATOMS: atom_id res chain seq x y z
N MET A 1 -28.56 44.01 14.92
CA MET A 1 -27.49 44.80 14.25
C MET A 1 -26.28 44.99 15.18
N SER A 2 -25.05 44.97 14.63
CA SER A 2 -23.79 45.15 15.37
C SER A 2 -22.69 45.76 14.47
N GLY A 3 -21.63 46.30 15.08
CA GLY A 3 -20.49 46.91 14.37
C GLY A 3 -19.62 45.92 13.57
N THR A 4 -18.83 46.45 12.63
CA THR A 4 -17.99 45.65 11.71
C THR A 4 -16.79 44.93 12.34
N ARG A 5 -16.32 45.39 13.51
CA ARG A 5 -15.23 44.81 14.31
C ARG A 5 -15.55 44.84 15.83
N PRO A 6 -15.13 43.82 16.61
CA PRO A 6 -15.23 43.83 18.07
C PRO A 6 -14.22 44.79 18.72
N ALA A 7 -14.26 44.89 20.06
CA ALA A 7 -13.24 45.57 20.86
C ALA A 7 -11.84 44.98 20.64
N ALA A 8 -10.79 45.82 20.65
CA ALA A 8 -9.40 45.39 20.44
C ALA A 8 -8.87 44.52 21.60
N ARG A 9 -9.33 44.80 22.83
CA ARG A 9 -9.11 44.00 24.06
C ARG A 9 -7.63 43.65 24.31
N ARG A 10 -6.76 44.66 24.19
CA ARG A 10 -5.28 44.54 24.32
C ARG A 10 -4.81 44.35 25.77
N THR A 11 -5.63 44.70 26.75
CA THR A 11 -5.34 44.66 28.20
C THR A 11 -4.22 45.60 28.70
N ASN A 12 -3.92 45.57 30.01
CA ASN A 12 -2.76 46.26 30.60
C ASN A 12 -1.40 45.73 30.07
N LEU A 13 -1.39 44.56 29.40
CA LEU A 13 -0.26 43.96 28.67
C LEU A 13 1.01 43.75 29.52
N THR A 14 1.10 42.60 30.19
CA THR A 14 2.23 42.27 31.08
C THR A 14 3.61 42.10 30.43
N ALA A 15 3.65 41.60 29.18
CA ALA A 15 4.83 41.53 28.32
C ALA A 15 6.07 40.86 28.99
N ALA A 16 5.85 39.76 29.72
CA ALA A 16 6.89 39.04 30.45
C ALA A 16 7.96 38.38 29.54
N GLN A 17 9.18 38.24 30.06
CA GLN A 17 10.36 37.71 29.34
C GLN A 17 11.12 36.63 30.14
N ASN A 18 10.41 35.91 31.03
CA ASN A 18 10.97 34.87 31.89
C ASN A 18 11.49 33.65 31.09
N VAL A 19 12.52 32.96 31.61
CA VAL A 19 13.17 31.79 31.02
C VAL A 19 13.71 30.84 32.10
N VAL A 20 13.67 29.52 31.84
CA VAL A 20 14.17 28.48 32.78
C VAL A 20 15.70 28.52 32.90
N ARG A 21 16.23 28.48 34.13
CA ARG A 21 17.68 28.64 34.43
C ARG A 21 18.29 27.63 35.44
N SER A 22 17.59 26.55 35.78
CA SER A 22 18.11 25.49 36.68
C SER A 22 19.40 24.84 36.14
N VAL A 23 19.49 24.68 34.82
CA VAL A 23 20.69 24.29 34.04
C VAL A 23 20.84 25.22 32.83
N ASP A 24 21.09 26.50 33.09
CA ASP A 24 21.05 27.59 32.10
C ASP A 24 21.85 27.47 30.79
N ALA A 25 22.84 26.57 30.72
CA ALA A 25 23.52 26.23 29.47
C ALA A 25 22.59 25.52 28.48
N GLU A 26 21.73 24.61 28.99
CA GLU A 26 20.75 23.83 28.21
C GLU A 26 19.33 24.41 28.27
N GLU A 27 18.86 24.80 29.45
CA GLU A 27 17.45 25.17 29.69
C GLU A 27 16.99 26.42 28.93
N ARG A 28 17.89 27.39 28.72
CA ARG A 28 17.63 28.57 27.87
C ARG A 28 17.35 28.20 26.40
N ILE A 29 17.91 27.09 25.91
CA ILE A 29 17.65 26.54 24.57
C ILE A 29 16.37 25.68 24.60
N ALA A 30 16.28 24.76 25.56
CA ALA A 30 15.17 23.81 25.69
C ALA A 30 13.79 24.49 25.94
N TRP A 31 13.79 25.67 26.57
CA TRP A 31 12.60 26.52 26.75
C TRP A 31 11.98 27.05 25.44
N VAL A 32 12.76 27.17 24.36
CA VAL A 32 12.28 27.64 23.05
C VAL A 32 11.40 26.60 22.36
N SER A 33 10.22 27.02 21.89
CA SER A 33 9.26 26.20 21.12
C SER A 33 8.36 27.07 20.23
N LYS A 34 7.92 26.51 19.09
CA LYS A 34 6.93 27.11 18.17
C LYS A 34 5.46 26.86 18.58
N ALA A 35 5.25 26.32 19.79
CA ALA A 35 3.93 26.04 20.39
C ALA A 35 3.07 25.01 19.62
N LEU A 36 3.72 24.03 19.00
CA LEU A 36 3.10 22.85 18.36
C LEU A 36 3.47 21.55 19.09
N CYS A 37 2.74 20.46 18.80
CA CYS A 37 2.98 19.13 19.39
C CYS A 37 4.32 18.49 18.94
N ARG A 38 4.83 18.88 17.77
CA ARG A 38 6.08 18.37 17.17
C ARG A 38 7.30 18.53 18.10
N THR A 39 7.90 17.40 18.50
CA THR A 39 9.12 17.29 19.32
C THR A 39 9.83 15.94 19.14
N THR A 40 10.97 15.74 19.81
CA THR A 40 11.79 14.51 19.70
C THR A 40 12.47 14.23 18.35
N ASP A 41 12.87 15.32 17.68
CA ASP A 41 13.73 15.27 16.48
C ASP A 41 15.17 14.73 16.69
N PRO A 42 15.87 14.27 15.63
CA PRO A 42 17.18 13.61 15.78
C PRO A 42 18.27 14.44 16.48
N ASP A 43 18.25 15.77 16.35
CA ASP A 43 19.10 16.70 17.08
C ASP A 43 18.64 17.01 18.52
N GLU A 44 17.34 17.18 18.72
CA GLU A 44 16.67 17.37 20.02
C GLU A 44 16.94 16.22 21.02
N LEU A 45 17.20 15.01 20.53
CA LEU A 45 17.59 13.85 21.35
C LEU A 45 18.91 14.04 22.12
N PHE A 46 19.85 14.89 21.68
CA PHE A 46 21.20 14.97 22.27
C PHE A 46 21.33 15.33 23.76
N VAL A 47 20.41 16.13 24.29
CA VAL A 47 20.30 16.40 25.74
C VAL A 47 19.44 15.41 26.54
N ARG A 48 18.56 14.68 25.84
CA ARG A 48 17.57 13.74 26.42
C ARG A 48 18.08 12.29 26.52
N GLY A 49 18.81 11.82 25.52
CA GLY A 49 19.55 10.56 25.51
C GLY A 49 20.94 10.73 26.11
N ALA A 50 21.13 10.34 27.37
CA ALA A 50 22.36 10.61 28.14
C ALA A 50 23.63 9.94 27.57
N ALA A 51 23.48 8.88 26.75
CA ALA A 51 24.59 8.26 26.01
C ALA A 51 25.18 9.18 24.92
N GLN A 52 24.39 10.12 24.37
CA GLN A 52 24.80 11.22 23.49
C GLN A 52 25.64 10.77 22.27
N ARG A 53 25.36 9.57 21.72
CA ARG A 53 26.08 8.98 20.58
C ARG A 53 25.66 9.64 19.25
N LYS A 54 26.61 9.80 18.31
CA LYS A 54 26.41 10.50 17.02
C LYS A 54 25.28 9.91 16.18
N ALA A 55 25.08 8.58 16.23
CA ALA A 55 24.04 7.85 15.51
C ALA A 55 22.60 8.34 15.82
N ALA A 56 22.37 8.98 16.98
CA ALA A 56 21.07 9.57 17.32
C ALA A 56 20.60 10.63 16.30
N VAL A 57 21.53 11.31 15.60
CA VAL A 57 21.21 12.28 14.54
C VAL A 57 20.62 11.68 13.25
N ILE A 58 20.55 10.34 13.15
CA ILE A 58 20.08 9.58 11.98
C ILE A 58 19.05 8.49 12.36
N CYS A 59 18.36 8.65 13.50
CA CYS A 59 17.38 7.67 13.99
C CYS A 59 16.11 7.54 13.12
N ARG A 60 15.77 8.57 12.34
CA ARG A 60 14.57 8.62 11.47
C ARG A 60 14.64 7.64 10.28
N HIS A 61 13.47 7.25 9.75
CA HIS A 61 13.32 6.46 8.52
C HIS A 61 13.74 7.27 7.26
N CYS A 62 13.90 6.59 6.13
CA CYS A 62 14.12 7.21 4.81
C CYS A 62 12.91 8.10 4.43
N PRO A 63 13.07 9.19 3.66
CA PRO A 63 11.95 10.04 3.23
C PRO A 63 10.89 9.35 2.35
N VAL A 64 11.27 8.27 1.65
CA VAL A 64 10.35 7.42 0.86
C VAL A 64 9.38 6.57 1.71
N MET A 65 8.38 5.97 1.06
CA MET A 65 7.46 4.96 1.62
C MET A 65 8.16 3.61 1.92
N GLN A 66 9.12 3.62 2.85
CA GLN A 66 10.02 2.51 3.17
C GLN A 66 9.28 1.28 3.74
N GLU A 67 8.32 1.51 4.63
CA GLU A 67 7.62 0.49 5.41
C GLU A 67 6.68 -0.39 4.58
N CYS A 68 6.69 -1.70 4.87
CA CYS A 68 5.94 -2.75 4.17
C CYS A 68 6.19 -2.81 2.64
N ALA A 69 7.36 -2.35 2.17
CA ALA A 69 7.72 -2.24 0.76
C ALA A 69 9.22 -2.41 0.50
N ALA A 70 10.04 -1.43 0.93
CA ALA A 70 11.49 -1.45 0.77
C ALA A 70 12.19 -2.26 1.88
N ASP A 71 11.63 -2.29 3.09
CA ASP A 71 12.03 -3.18 4.18
C ASP A 71 11.87 -4.67 3.80
N ALA A 72 10.75 -4.98 3.15
CA ALA A 72 10.42 -6.24 2.49
C ALA A 72 11.19 -6.48 1.15
N LEU A 73 12.13 -5.57 0.80
CA LEU A 73 12.93 -5.50 -0.42
C LEU A 73 12.15 -5.24 -1.73
N ASP A 74 11.07 -5.98 -1.99
CA ASP A 74 10.36 -5.98 -3.29
C ASP A 74 8.82 -5.99 -3.24
N ASN A 75 8.21 -5.74 -2.08
CA ASN A 75 6.75 -5.66 -1.92
C ASN A 75 6.20 -4.29 -2.39
N LYS A 76 6.50 -3.89 -3.63
CA LYS A 76 6.21 -2.56 -4.22
C LYS A 76 4.73 -2.35 -4.62
N VAL A 77 3.82 -2.76 -3.74
CA VAL A 77 2.35 -2.57 -3.84
C VAL A 77 1.93 -1.09 -3.68
N GLU A 78 0.72 -0.75 -4.11
CA GLU A 78 0.18 0.63 -4.11
C GLU A 78 -1.32 0.66 -3.77
N PHE A 79 -1.76 1.65 -2.98
CA PHE A 79 -3.11 1.78 -2.40
C PHE A 79 -3.64 0.70 -1.44
N GLY A 80 -3.08 -0.50 -1.51
CA GLY A 80 -3.37 -1.65 -0.64
C GLY A 80 -2.50 -2.85 -1.00
N VAL A 81 -2.92 -4.06 -0.60
CA VAL A 81 -2.16 -5.31 -0.81
C VAL A 81 -2.03 -5.79 -2.27
N TRP A 82 -2.84 -5.23 -3.18
CA TRP A 82 -2.92 -5.63 -4.59
C TRP A 82 -1.73 -5.24 -5.49
N GLY A 83 -1.45 -6.10 -6.49
CA GLY A 83 -0.45 -5.91 -7.55
C GLY A 83 -1.03 -5.36 -8.86
N GLY A 84 -1.99 -4.43 -8.79
CA GLY A 84 -2.58 -3.78 -9.97
C GLY A 84 -3.57 -4.63 -10.78
N MET A 85 -4.28 -5.56 -10.12
CA MET A 85 -5.37 -6.35 -10.74
C MET A 85 -6.55 -5.46 -11.14
N THR A 86 -7.28 -5.84 -12.20
CA THR A 86 -8.35 -5.02 -12.81
C THR A 86 -9.39 -4.44 -11.85
N GLU A 87 -9.64 -3.12 -11.87
CA GLU A 87 -10.43 -2.44 -10.83
C GLU A 87 -11.85 -2.96 -10.65
N ARG A 88 -12.62 -3.17 -11.74
CA ARG A 88 -14.01 -3.62 -11.65
C ARG A 88 -14.15 -5.01 -11.00
N GLN A 89 -13.26 -5.93 -11.37
CA GLN A 89 -13.16 -7.27 -10.76
C GLN A 89 -12.64 -7.19 -9.32
N ARG A 90 -11.57 -6.42 -9.07
CA ARG A 90 -10.97 -6.23 -7.72
C ARG A 90 -12.00 -5.70 -6.73
N ARG A 91 -12.68 -4.60 -7.06
CA ARG A 91 -13.63 -3.89 -6.19
C ARG A 91 -14.87 -4.74 -5.88
N ALA A 92 -15.42 -5.42 -6.88
CA ALA A 92 -16.54 -6.36 -6.71
C ALA A 92 -16.19 -7.55 -5.80
N LEU A 93 -15.07 -8.23 -6.09
CA LEU A 93 -14.64 -9.40 -5.31
C LEU A 93 -14.19 -9.02 -3.89
N LEU A 94 -13.55 -7.85 -3.70
CA LEU A 94 -13.11 -7.40 -2.38
C LEU A 94 -14.28 -7.08 -1.43
N LYS A 95 -15.40 -6.57 -1.97
CA LYS A 95 -16.66 -6.41 -1.19
C LYS A 95 -17.27 -7.77 -0.81
N GLN A 96 -17.17 -8.76 -1.70
CA GLN A 96 -17.70 -10.12 -1.50
C GLN A 96 -16.81 -11.02 -0.59
N HIS A 97 -15.50 -10.78 -0.56
CA HIS A 97 -14.48 -11.64 0.05
C HIS A 97 -13.28 -10.83 0.59
N PRO A 98 -12.86 -10.99 1.86
CA PRO A 98 -11.70 -10.27 2.42
C PRO A 98 -10.38 -10.59 1.67
N GLU A 99 -9.42 -9.68 1.79
CA GLU A 99 -8.15 -9.60 1.03
C GLU A 99 -7.10 -10.70 1.33
N VAL A 100 -7.49 -11.81 1.96
CA VAL A 100 -6.62 -12.97 2.26
C VAL A 100 -6.03 -13.60 0.99
N VAL A 101 -4.97 -14.41 1.14
CA VAL A 101 -4.15 -14.92 0.02
C VAL A 101 -4.90 -15.63 -1.12
N SER A 102 -6.03 -16.29 -0.85
CA SER A 102 -6.86 -16.91 -1.90
C SER A 102 -7.56 -15.90 -2.82
N TRP A 103 -7.97 -14.74 -2.28
CA TRP A 103 -8.54 -13.62 -3.05
C TRP A 103 -7.52 -12.95 -3.96
N SER A 104 -6.35 -12.62 -3.42
CA SER A 104 -5.28 -11.95 -4.19
C SER A 104 -4.70 -12.87 -5.26
N ASP A 105 -4.49 -14.16 -4.97
CA ASP A 105 -4.08 -15.18 -5.94
C ASP A 105 -5.05 -15.35 -7.12
N TYR A 106 -6.35 -15.52 -6.84
CA TYR A 106 -7.37 -15.57 -7.89
C TYR A 106 -7.41 -14.34 -8.81
N LEU A 107 -7.33 -13.14 -8.23
CA LEU A 107 -7.26 -11.90 -9.01
C LEU A 107 -5.93 -11.73 -9.77
N GLU A 108 -4.80 -12.22 -9.27
CA GLU A 108 -3.53 -12.22 -10.00
C GLU A 108 -3.62 -13.13 -11.25
N LYS A 109 -4.34 -14.26 -11.16
CA LYS A 109 -4.70 -15.08 -12.33
C LYS A 109 -5.69 -14.37 -13.25
N ARG A 110 -6.73 -13.73 -12.72
CA ARG A 110 -7.74 -12.93 -13.45
C ARG A 110 -7.13 -11.77 -14.25
N LYS A 111 -6.05 -11.15 -13.74
CA LYS A 111 -5.28 -10.08 -14.41
C LYS A 111 -4.76 -10.51 -15.80
N ARG A 112 -4.38 -11.80 -15.94
CA ARG A 112 -4.07 -12.45 -17.22
C ARG A 112 -5.32 -13.04 -17.90
N ARG A 113 -6.10 -13.83 -17.16
CA ARG A 113 -7.32 -14.54 -17.60
C ARG A 113 -8.57 -13.63 -17.49
N THR A 114 -8.61 -12.58 -18.31
CA THR A 114 -9.69 -11.57 -18.30
C THR A 114 -11.03 -11.94 -18.95
N GLY A 115 -11.05 -12.99 -19.79
CA GLY A 115 -12.21 -13.39 -20.60
C GLY A 115 -13.40 -13.98 -19.85
N THR A 116 -14.46 -14.33 -20.58
CA THR A 116 -15.68 -14.99 -20.03
C THR A 116 -15.51 -16.44 -19.57
N ALA A 117 -16.42 -16.91 -18.71
CA ALA A 117 -16.42 -18.29 -18.20
C ALA A 117 -16.60 -19.36 -19.29
N GLY A 118 -16.23 -20.61 -18.98
CA GLY A 118 -16.38 -21.79 -19.85
C GLY A 118 -17.81 -22.33 -19.92
N LEU A 119 -18.76 -21.49 -20.33
CA LEU A 119 -20.19 -21.82 -20.45
C LEU A 119 -20.46 -22.88 -21.53
N GLU A 120 -21.59 -23.60 -21.41
CA GLU A 120 -21.95 -24.74 -22.27
C GLU A 120 -21.99 -24.40 -23.77
N HIS A 121 -22.36 -23.16 -24.12
CA HIS A 121 -22.38 -22.65 -25.51
C HIS A 121 -21.01 -22.60 -26.20
N HIS A 122 -19.90 -22.66 -25.43
CA HIS A 122 -18.48 -22.54 -25.85
C HIS A 122 -18.09 -21.20 -26.51
N HIS A 123 -16.78 -20.88 -26.50
CA HIS A 123 -16.20 -19.70 -27.17
C HIS A 123 -15.97 -19.95 -28.68
N HIS A 124 -16.63 -19.15 -29.53
CA HIS A 124 -16.51 -19.17 -31.02
C HIS A 124 -17.07 -17.86 -31.63
N HIS A 125 -16.86 -17.67 -32.93
CA HIS A 125 -17.50 -16.59 -33.72
C HIS A 125 -19.03 -16.74 -33.77
N HIS A 126 -19.75 -15.69 -34.19
CA HIS A 126 -21.21 -15.70 -34.39
C HIS A 126 -21.64 -16.66 -35.52
N MET A 1 23.34 -14.10 29.54
CA MET A 1 23.62 -14.87 28.29
C MET A 1 23.80 -13.94 27.08
N SER A 2 24.53 -14.39 26.06
CA SER A 2 24.84 -13.60 24.85
C SER A 2 23.61 -13.28 23.98
N GLY A 3 22.74 -14.29 23.75
CA GLY A 3 21.56 -14.18 22.89
C GLY A 3 21.83 -14.10 21.38
N THR A 4 23.10 -14.23 20.95
CA THR A 4 23.51 -14.24 19.53
C THR A 4 23.04 -15.44 18.70
N ARG A 5 23.13 -15.31 17.37
CA ARG A 5 22.76 -16.33 16.36
C ARG A 5 23.47 -17.70 16.58
N PRO A 6 22.88 -18.83 16.13
CA PRO A 6 23.45 -20.17 16.33
C PRO A 6 24.82 -20.39 15.67
N ALA A 7 24.99 -19.88 14.44
CA ALA A 7 26.21 -20.05 13.65
C ALA A 7 27.34 -19.12 14.11
N ALA A 8 28.59 -19.62 14.17
CA ALA A 8 29.75 -18.84 14.58
C ALA A 8 30.23 -17.81 13.52
N ARG A 9 29.76 -17.93 12.26
CA ARG A 9 30.04 -17.01 11.14
C ARG A 9 29.60 -15.57 11.45
N ARG A 10 30.30 -14.57 10.88
CA ARG A 10 29.98 -13.14 11.04
C ARG A 10 28.62 -12.76 10.44
N THR A 11 27.94 -11.78 11.04
CA THR A 11 26.58 -11.35 10.65
C THR A 11 26.49 -10.32 9.52
N ASN A 12 27.57 -9.56 9.26
CA ASN A 12 27.65 -8.55 8.20
C ASN A 12 29.10 -8.39 7.72
N LEU A 13 29.31 -8.02 6.44
CA LEU A 13 30.63 -7.87 5.81
C LEU A 13 30.58 -6.79 4.71
N THR A 14 31.42 -5.76 4.83
CA THR A 14 31.46 -4.63 3.87
C THR A 14 31.90 -4.98 2.44
N ALA A 15 32.74 -6.02 2.28
CA ALA A 15 33.23 -6.51 0.99
C ALA A 15 32.11 -7.03 0.05
N ALA A 16 30.93 -7.36 0.59
CA ALA A 16 29.73 -7.72 -0.19
C ALA A 16 29.12 -6.53 -0.98
N GLN A 17 29.49 -5.29 -0.62
CA GLN A 17 29.16 -4.01 -1.31
C GLN A 17 27.67 -3.74 -1.55
N ASN A 18 26.77 -4.32 -0.74
CA ASN A 18 25.31 -4.27 -0.93
C ASN A 18 24.60 -2.99 -0.43
N VAL A 19 25.34 -2.00 0.11
CA VAL A 19 24.82 -0.81 0.81
C VAL A 19 25.41 0.49 0.26
N VAL A 20 24.70 1.62 0.34
CA VAL A 20 25.19 2.94 -0.14
C VAL A 20 26.48 3.46 0.49
N ARG A 21 26.92 2.88 1.62
CA ARG A 21 28.23 3.12 2.26
C ARG A 21 29.38 2.25 1.73
N SER A 22 29.09 1.21 0.91
CA SER A 22 30.05 0.19 0.47
C SER A 22 30.03 -0.13 -1.03
N VAL A 23 28.91 0.15 -1.73
CA VAL A 23 28.73 -0.03 -3.18
C VAL A 23 29.73 0.75 -4.05
N ASP A 24 30.19 0.12 -5.14
CA ASP A 24 31.10 0.71 -6.12
C ASP A 24 30.58 2.00 -6.79
N ALA A 25 31.47 2.96 -7.09
CA ALA A 25 31.13 4.32 -7.53
C ALA A 25 30.14 4.39 -8.71
N GLU A 26 30.34 3.57 -9.74
CA GLU A 26 29.51 3.61 -10.96
C GLU A 26 28.09 3.07 -10.72
N GLU A 27 27.93 2.08 -9.83
CA GLU A 27 26.62 1.63 -9.35
C GLU A 27 26.01 2.59 -8.32
N ARG A 28 26.83 3.28 -7.50
CA ARG A 28 26.39 4.33 -6.56
C ARG A 28 25.74 5.52 -7.30
N ILE A 29 26.33 5.91 -8.44
CA ILE A 29 25.80 6.94 -9.35
C ILE A 29 24.47 6.51 -10.00
N ALA A 30 24.30 5.23 -10.31
CA ALA A 30 23.04 4.67 -10.80
C ALA A 30 21.95 4.57 -9.70
N TRP A 31 22.35 4.25 -8.47
CA TRP A 31 21.48 4.14 -7.29
C TRP A 31 20.91 5.49 -6.81
N VAL A 32 21.77 6.50 -6.67
CA VAL A 32 21.40 7.85 -6.25
C VAL A 32 20.56 8.64 -7.28
N SER A 33 19.70 9.55 -6.80
CA SER A 33 18.93 10.47 -7.64
C SER A 33 18.74 11.83 -6.95
N LYS A 34 19.14 12.93 -7.62
CA LYS A 34 19.21 14.33 -7.17
C LYS A 34 20.10 14.65 -5.94
N ALA A 35 20.11 13.79 -4.92
CA ALA A 35 20.71 14.01 -3.61
C ALA A 35 20.22 15.33 -2.96
N LEU A 36 21.04 15.94 -2.08
CA LEU A 36 20.76 17.21 -1.39
C LEU A 36 19.51 17.17 -0.47
N CYS A 37 19.17 18.32 0.13
CA CYS A 37 18.09 18.44 1.12
C CYS A 37 16.68 18.26 0.49
N ARG A 38 16.47 18.73 -0.75
CA ARG A 38 15.17 18.68 -1.48
C ARG A 38 15.29 17.91 -2.80
N THR A 39 14.18 17.27 -3.22
CA THR A 39 14.08 16.39 -4.40
C THR A 39 12.84 16.63 -5.29
N THR A 40 12.82 16.01 -6.48
CA THR A 40 11.79 16.19 -7.52
C THR A 40 10.31 15.99 -7.14
N ASP A 41 9.44 16.87 -7.63
CA ASP A 41 7.97 16.72 -7.52
C ASP A 41 7.37 15.57 -8.37
N PRO A 42 6.22 14.97 -7.99
CA PRO A 42 5.71 13.73 -8.61
C PRO A 42 5.57 13.73 -10.15
N ASP A 43 5.12 14.83 -10.73
CA ASP A 43 4.92 14.94 -12.18
C ASP A 43 6.21 14.91 -13.01
N GLU A 44 7.24 15.61 -12.54
CA GLU A 44 8.59 15.58 -13.12
C GLU A 44 9.38 14.31 -12.74
N LEU A 45 9.17 13.79 -11.52
CA LEU A 45 9.77 12.55 -11.03
C LEU A 45 9.37 11.34 -11.90
N PHE A 46 8.11 11.28 -12.36
CA PHE A 46 7.66 10.31 -13.36
C PHE A 46 8.51 10.22 -14.64
N VAL A 47 8.96 11.37 -15.15
CA VAL A 47 9.84 11.48 -16.34
C VAL A 47 11.23 10.84 -16.17
N ARG A 48 11.69 10.61 -14.92
CA ARG A 48 12.93 9.87 -14.62
C ARG A 48 12.83 8.36 -14.94
N GLY A 49 11.61 7.83 -15.13
CA GLY A 49 11.36 6.47 -15.58
C GLY A 49 9.86 6.14 -15.63
N ALA A 50 9.31 5.91 -16.84
CA ALA A 50 7.87 5.77 -17.07
C ALA A 50 7.24 4.49 -16.47
N ALA A 51 8.04 3.54 -15.98
CA ALA A 51 7.57 2.38 -15.21
C ALA A 51 7.00 2.76 -13.82
N GLN A 52 7.32 3.94 -13.30
CA GLN A 52 6.73 4.49 -12.07
C GLN A 52 5.21 4.72 -12.23
N ARG A 53 4.40 4.34 -11.23
CA ARG A 53 2.95 4.58 -11.23
C ARG A 53 2.68 6.04 -10.85
N LYS A 54 2.25 6.86 -11.82
CA LYS A 54 2.10 8.32 -11.69
C LYS A 54 0.96 8.70 -10.73
N ALA A 55 1.12 9.83 -10.03
CA ALA A 55 0.15 10.38 -9.07
C ALA A 55 0.11 11.93 -9.17
N ALA A 56 -0.92 12.54 -8.54
CA ALA A 56 -1.09 13.99 -8.49
C ALA A 56 0.08 14.71 -7.76
N VAL A 57 0.35 15.97 -8.14
CA VAL A 57 1.50 16.75 -7.62
C VAL A 57 1.46 17.00 -6.11
N ILE A 58 0.26 17.17 -5.54
CA ILE A 58 -0.03 17.27 -4.10
C ILE A 58 -1.21 16.34 -3.76
N CYS A 59 -1.06 15.51 -2.73
CA CYS A 59 -2.10 14.59 -2.23
C CYS A 59 -1.84 14.23 -0.76
N ARG A 60 -2.88 14.20 0.09
CA ARG A 60 -2.77 13.82 1.51
C ARG A 60 -2.42 12.34 1.66
N HIS A 61 -1.36 12.04 2.43
CA HIS A 61 -0.84 10.66 2.65
C HIS A 61 -0.16 10.42 4.00
N CYS A 62 0.66 11.37 4.48
CA CYS A 62 1.49 11.21 5.69
C CYS A 62 0.76 10.76 6.99
N PRO A 63 -0.48 11.19 7.28
CA PRO A 63 -1.19 10.82 8.51
C PRO A 63 -1.42 9.32 8.72
N VAL A 64 -1.45 8.52 7.64
CA VAL A 64 -1.58 7.04 7.72
C VAL A 64 -0.34 6.29 8.22
N MET A 65 0.80 6.98 8.36
CA MET A 65 2.06 6.41 8.86
C MET A 65 2.13 6.32 10.40
N GLN A 66 1.06 6.70 11.11
CA GLN A 66 0.88 6.49 12.55
C GLN A 66 0.69 4.99 12.90
N GLU A 67 0.38 4.68 14.17
CA GLU A 67 0.27 3.30 14.70
C GLU A 67 -0.79 2.41 14.01
N CYS A 68 -1.74 3.01 13.28
CA CYS A 68 -2.68 2.31 12.40
C CYS A 68 -2.99 3.16 11.14
N ALA A 69 -3.07 2.52 9.97
CA ALA A 69 -3.33 3.21 8.69
C ALA A 69 -4.79 3.68 8.51
N ALA A 70 -5.71 3.25 9.38
CA ALA A 70 -7.15 3.53 9.27
C ALA A 70 -7.57 4.98 9.61
N ASP A 71 -6.63 5.87 9.94
CA ASP A 71 -6.93 7.28 10.25
C ASP A 71 -7.62 8.09 9.15
N ALA A 72 -7.21 7.87 7.89
CA ALA A 72 -7.78 8.54 6.72
C ALA A 72 -9.08 7.87 6.20
N LEU A 73 -9.23 6.55 6.37
CA LEU A 73 -10.36 5.74 5.89
C LEU A 73 -10.49 4.45 6.72
N ASP A 74 -11.72 4.07 7.09
CA ASP A 74 -11.98 2.83 7.83
C ASP A 74 -11.44 1.56 7.17
N ASN A 75 -10.63 0.79 7.91
CA ASN A 75 -9.97 -0.45 7.47
C ASN A 75 -9.21 -0.33 6.13
N LYS A 76 -8.50 0.80 5.92
CA LYS A 76 -7.71 1.07 4.69
C LYS A 76 -6.68 -0.05 4.43
N VAL A 77 -6.65 -0.52 3.18
CA VAL A 77 -5.78 -1.63 2.70
C VAL A 77 -4.30 -1.25 2.46
N GLU A 78 -3.78 -0.28 3.20
CA GLU A 78 -2.46 0.36 2.98
C GLU A 78 -1.28 -0.64 2.97
N PHE A 79 -1.37 -1.68 3.80
CA PHE A 79 -0.38 -2.75 3.91
C PHE A 79 -0.41 -3.88 2.85
N GLY A 80 -1.41 -3.87 1.97
CA GLY A 80 -1.60 -4.88 0.91
C GLY A 80 -0.54 -4.78 -0.20
N VAL A 81 0.23 -5.85 -0.42
CA VAL A 81 1.28 -5.93 -1.45
C VAL A 81 0.75 -6.04 -2.90
N TRP A 82 -0.48 -6.55 -3.06
CA TRP A 82 -1.19 -6.70 -4.33
C TRP A 82 -1.60 -5.38 -4.99
N GLY A 83 -1.68 -5.40 -6.33
CA GLY A 83 -2.07 -4.24 -7.15
C GLY A 83 -2.02 -4.51 -8.66
N GLY A 84 -2.67 -3.65 -9.45
CA GLY A 84 -2.70 -3.71 -10.93
C GLY A 84 -3.74 -4.69 -11.52
N MET A 85 -4.51 -5.41 -10.68
CA MET A 85 -5.65 -6.23 -11.13
C MET A 85 -6.82 -5.33 -11.57
N THR A 86 -7.67 -5.79 -12.50
CA THR A 86 -8.75 -4.95 -13.07
C THR A 86 -9.75 -4.43 -12.02
N GLU A 87 -10.06 -3.13 -12.06
CA GLU A 87 -10.79 -2.43 -11.00
C GLU A 87 -12.20 -2.97 -10.72
N ARG A 88 -12.99 -3.29 -11.77
CA ARG A 88 -14.36 -3.79 -11.61
C ARG A 88 -14.43 -5.11 -10.85
N GLN A 89 -13.55 -6.05 -11.21
CA GLN A 89 -13.40 -7.34 -10.52
C GLN A 89 -12.79 -7.17 -9.12
N ARG A 90 -11.74 -6.34 -9.00
CA ARG A 90 -11.07 -6.01 -7.74
C ARG A 90 -12.06 -5.51 -6.68
N ARG A 91 -12.81 -4.44 -6.98
CA ARG A 91 -13.74 -3.79 -6.04
C ARG A 91 -14.92 -4.70 -5.66
N ALA A 92 -15.57 -5.31 -6.65
CA ALA A 92 -16.74 -6.18 -6.43
C ALA A 92 -16.39 -7.41 -5.59
N LEU A 93 -15.32 -8.14 -5.96
CA LEU A 93 -14.93 -9.37 -5.25
C LEU A 93 -14.28 -9.07 -3.89
N LEU A 94 -13.54 -7.96 -3.73
CA LEU A 94 -12.95 -7.57 -2.44
C LEU A 94 -14.04 -7.21 -1.41
N LYS A 95 -15.09 -6.48 -1.85
CA LYS A 95 -16.25 -6.14 -1.02
C LYS A 95 -17.03 -7.38 -0.57
N GLN A 96 -17.13 -8.40 -1.42
CA GLN A 96 -17.76 -9.69 -1.11
C GLN A 96 -16.91 -10.63 -0.24
N HIS A 97 -15.57 -10.62 -0.42
CA HIS A 97 -14.63 -11.60 0.16
C HIS A 97 -13.35 -10.96 0.77
N PRO A 98 -13.46 -10.05 1.75
CA PRO A 98 -12.32 -9.27 2.24
C PRO A 98 -11.28 -10.05 3.08
N GLU A 99 -11.69 -11.14 3.75
CA GLU A 99 -10.84 -11.86 4.72
C GLU A 99 -9.94 -12.96 4.11
N VAL A 100 -10.18 -13.37 2.86
CA VAL A 100 -9.54 -14.55 2.22
C VAL A 100 -8.38 -14.22 1.28
N VAL A 101 -7.33 -15.06 1.29
CA VAL A 101 -6.17 -14.95 0.38
C VAL A 101 -6.42 -15.45 -1.05
N SER A 102 -7.36 -16.39 -1.21
CA SER A 102 -7.75 -16.96 -2.52
C SER A 102 -8.32 -15.89 -3.49
N TRP A 103 -8.91 -14.83 -2.95
CA TRP A 103 -9.32 -13.64 -3.69
C TRP A 103 -8.17 -12.95 -4.44
N SER A 104 -7.05 -12.71 -3.74
CA SER A 104 -5.83 -12.13 -4.33
C SER A 104 -5.20 -13.09 -5.34
N ASP A 105 -5.07 -14.37 -4.98
CA ASP A 105 -4.57 -15.42 -5.87
C ASP A 105 -5.33 -15.55 -7.21
N TYR A 106 -6.66 -15.55 -7.16
CA TYR A 106 -7.51 -15.48 -8.34
C TYR A 106 -7.30 -14.27 -9.25
N LEU A 107 -7.32 -13.06 -8.66
CA LEU A 107 -7.11 -11.81 -9.41
C LEU A 107 -5.69 -11.70 -9.96
N GLU A 108 -4.66 -12.21 -9.26
CA GLU A 108 -3.30 -12.34 -9.81
C GLU A 108 -3.25 -13.27 -11.01
N LYS A 109 -3.90 -14.44 -10.96
CA LYS A 109 -4.05 -15.34 -12.12
C LYS A 109 -4.82 -14.72 -13.30
N ARG A 110 -5.79 -13.83 -13.03
CA ARG A 110 -6.51 -13.05 -14.05
C ARG A 110 -5.64 -11.92 -14.66
N LYS A 111 -4.81 -11.27 -13.83
CA LYS A 111 -3.80 -10.26 -14.20
C LYS A 111 -2.67 -10.83 -15.06
N ARG A 112 -2.20 -12.04 -14.73
CA ARG A 112 -1.16 -12.81 -15.43
C ARG A 112 -1.65 -13.41 -16.76
N ARG A 113 -0.72 -13.92 -17.58
CA ARG A 113 -0.99 -14.49 -18.92
C ARG A 113 -1.98 -15.66 -18.87
N THR A 114 -2.95 -15.65 -19.80
CA THR A 114 -4.00 -16.69 -19.93
C THR A 114 -3.52 -18.08 -20.40
N GLY A 115 -4.37 -19.10 -20.28
CA GLY A 115 -4.12 -20.48 -20.72
C GLY A 115 -5.40 -21.30 -20.91
N THR A 116 -5.27 -22.45 -21.61
CA THR A 116 -6.40 -23.30 -22.05
C THR A 116 -7.20 -24.05 -20.98
N ALA A 117 -6.61 -24.27 -19.80
CA ALA A 117 -7.25 -24.99 -18.70
C ALA A 117 -8.48 -24.27 -18.12
N GLY A 118 -9.50 -25.02 -17.71
CA GLY A 118 -10.73 -24.51 -17.10
C GLY A 118 -11.76 -25.59 -16.80
N LEU A 119 -12.73 -25.30 -15.92
CA LEU A 119 -13.72 -26.27 -15.43
C LEU A 119 -14.67 -26.76 -16.55
N GLU A 120 -14.94 -25.91 -17.54
CA GLU A 120 -15.76 -26.26 -18.73
C GLU A 120 -15.02 -27.12 -19.76
N HIS A 121 -13.67 -27.18 -19.70
CA HIS A 121 -12.80 -27.94 -20.61
C HIS A 121 -12.38 -29.29 -20.00
N HIS A 122 -11.76 -30.17 -20.80
CA HIS A 122 -11.25 -31.51 -20.40
C HIS A 122 -10.03 -31.45 -19.45
N HIS A 123 -10.25 -30.95 -18.22
CA HIS A 123 -9.22 -30.69 -17.20
C HIS A 123 -8.81 -31.94 -16.39
N HIS A 124 -9.70 -32.94 -16.28
CA HIS A 124 -9.46 -34.22 -15.58
C HIS A 124 -8.49 -35.14 -16.35
N HIS A 125 -7.99 -36.19 -15.68
CA HIS A 125 -7.19 -37.28 -16.28
C HIS A 125 -7.98 -38.05 -17.36
N HIS A 126 -7.27 -38.80 -18.21
CA HIS A 126 -7.86 -39.66 -19.27
C HIS A 126 -8.74 -40.79 -18.69
N MET A 1 -15.88 -12.54 52.65
CA MET A 1 -14.54 -12.44 51.99
C MET A 1 -13.63 -11.44 52.73
N SER A 2 -12.31 -11.62 52.63
CA SER A 2 -11.29 -10.79 53.30
C SER A 2 -9.95 -10.76 52.53
N GLY A 3 -9.09 -9.78 52.84
CA GLY A 3 -7.75 -9.64 52.25
C GLY A 3 -7.70 -9.17 50.78
N THR A 4 -8.84 -8.69 50.24
CA THR A 4 -9.00 -8.26 48.84
C THR A 4 -9.96 -7.09 48.60
N ARG A 5 -9.91 -6.48 47.39
CA ARG A 5 -10.76 -5.35 46.99
C ARG A 5 -12.25 -5.76 46.95
N PRO A 6 -13.21 -4.92 47.39
CA PRO A 6 -14.63 -5.29 47.49
C PRO A 6 -15.27 -5.83 46.19
N ALA A 7 -14.87 -5.28 45.04
CA ALA A 7 -15.33 -5.68 43.71
C ALA A 7 -14.66 -6.94 43.14
N ALA A 8 -13.77 -7.61 43.89
CA ALA A 8 -12.99 -8.80 43.51
C ALA A 8 -12.12 -8.62 42.24
N ARG A 9 -11.69 -7.37 41.96
CA ARG A 9 -11.02 -6.93 40.73
C ARG A 9 -9.75 -6.12 41.00
N ARG A 10 -8.70 -6.79 41.48
CA ARG A 10 -7.42 -6.20 41.92
C ARG A 10 -6.64 -5.47 40.81
N THR A 11 -6.97 -5.70 39.54
CA THR A 11 -6.45 -4.92 38.39
C THR A 11 -6.68 -3.40 38.44
N ASN A 12 -7.60 -2.93 39.29
CA ASN A 12 -7.79 -1.51 39.62
C ASN A 12 -6.64 -0.87 40.43
N LEU A 13 -5.74 -1.67 41.03
CA LEU A 13 -4.60 -1.21 41.83
C LEU A 13 -3.59 -0.38 41.03
N THR A 14 -3.04 0.67 41.63
CA THR A 14 -2.07 1.63 41.06
C THR A 14 -0.65 1.12 40.76
N ALA A 15 -0.53 -0.07 40.18
CA ALA A 15 0.75 -0.74 39.89
C ALA A 15 1.59 -0.06 38.78
N ALA A 16 0.97 0.81 37.97
CA ALA A 16 1.61 1.60 36.91
C ALA A 16 0.98 3.00 36.77
N GLN A 17 1.68 3.93 36.11
CA GLN A 17 1.28 5.33 35.95
C GLN A 17 0.05 5.53 35.03
N ASN A 18 -0.20 4.59 34.11
CA ASN A 18 -1.24 4.62 33.06
C ASN A 18 -1.15 5.79 32.05
N VAL A 19 -0.10 6.62 32.13
CA VAL A 19 0.24 7.73 31.21
C VAL A 19 1.76 7.79 30.98
N VAL A 20 2.19 8.23 29.79
CA VAL A 20 3.61 8.34 29.39
C VAL A 20 4.46 7.06 29.53
N ARG A 21 3.80 5.89 29.41
CA ARG A 21 4.42 4.56 29.49
C ARG A 21 5.29 4.23 28.28
N SER A 22 6.25 3.33 28.47
CA SER A 22 7.19 2.85 27.44
C SER A 22 7.69 1.42 27.74
N VAL A 23 8.15 0.71 26.71
CA VAL A 23 8.87 -0.57 26.84
C VAL A 23 10.29 -0.41 27.42
N ASP A 24 10.87 0.79 27.33
CA ASP A 24 12.23 1.11 27.77
C ASP A 24 12.43 2.60 28.15
N ALA A 25 13.02 2.88 29.32
CA ALA A 25 13.34 4.23 29.78
C ALA A 25 14.21 5.02 28.77
N GLU A 26 15.17 4.35 28.14
CA GLU A 26 16.08 4.96 27.16
C GLU A 26 15.42 5.16 25.78
N GLU A 27 14.35 4.41 25.47
CA GLU A 27 13.49 4.64 24.31
C GLU A 27 12.57 5.85 24.53
N ARG A 28 11.99 5.99 25.74
CA ARG A 28 11.06 7.08 26.08
C ARG A 28 11.67 8.47 25.86
N ILE A 29 12.92 8.66 26.30
CA ILE A 29 13.66 9.93 26.18
C ILE A 29 14.16 10.21 24.76
N ALA A 30 14.26 9.20 23.88
CA ALA A 30 14.72 9.36 22.49
C ALA A 30 13.68 10.00 21.56
N TRP A 31 12.41 10.06 21.96
CA TRP A 31 11.30 10.61 21.16
C TRP A 31 11.34 12.15 21.00
N VAL A 32 11.95 12.87 21.96
CA VAL A 32 12.10 14.33 21.94
C VAL A 32 13.20 14.84 20.99
N SER A 33 13.05 16.07 20.46
CA SER A 33 14.05 16.76 19.63
C SER A 33 14.01 18.28 19.80
N LYS A 34 15.17 18.94 19.69
CA LYS A 34 15.32 20.40 19.71
C LYS A 34 14.94 21.09 18.38
N ALA A 35 14.74 20.31 17.31
CA ALA A 35 14.40 20.82 15.97
C ALA A 35 13.02 21.52 15.93
N LEU A 36 12.87 22.49 15.02
CA LEU A 36 11.67 23.32 14.84
C LEU A 36 10.57 22.61 14.01
N CYS A 37 10.24 21.37 14.40
CA CYS A 37 9.28 20.48 13.72
C CYS A 37 9.55 20.19 12.24
N ARG A 38 10.82 20.29 11.82
CA ARG A 38 11.31 20.08 10.44
C ARG A 38 12.73 19.51 10.43
N THR A 39 13.00 18.55 9.55
CA THR A 39 14.32 17.90 9.36
C THR A 39 14.55 17.34 7.94
N THR A 40 15.79 17.02 7.59
CA THR A 40 16.17 16.43 6.29
C THR A 40 15.49 15.12 5.92
N ASP A 41 14.99 14.98 4.68
CA ASP A 41 14.41 13.73 4.18
C ASP A 41 15.39 12.54 4.08
N PRO A 42 14.95 11.27 4.34
CA PRO A 42 15.82 10.09 4.25
C PRO A 42 16.43 9.84 2.86
N ASP A 43 15.87 10.44 1.80
CA ASP A 43 16.45 10.44 0.45
C ASP A 43 17.89 11.00 0.38
N GLU A 44 18.16 12.09 1.09
CA GLU A 44 19.48 12.72 1.14
C GLU A 44 20.49 11.88 1.95
N LEU A 45 19.97 11.12 2.93
CA LEU A 45 20.71 10.11 3.70
C LEU A 45 20.78 8.75 2.97
N PHE A 46 20.18 8.62 1.79
CA PHE A 46 20.01 7.36 1.05
C PHE A 46 19.45 6.15 1.80
N VAL A 47 18.58 6.42 2.79
CA VAL A 47 17.99 5.42 3.70
C VAL A 47 19.01 4.55 4.47
N ARG A 48 20.19 5.12 4.78
CA ARG A 48 21.35 4.40 5.36
C ARG A 48 21.11 3.67 6.69
N GLY A 49 20.10 4.10 7.47
CA GLY A 49 19.68 3.41 8.71
C GLY A 49 18.84 2.14 8.47
N ALA A 50 18.40 1.91 7.24
CA ALA A 50 17.64 0.73 6.79
C ALA A 50 18.45 -0.06 5.73
N ALA A 51 17.82 -0.49 4.62
CA ALA A 51 18.45 -1.25 3.54
C ALA A 51 19.48 -0.45 2.69
N GLN A 52 19.61 0.86 2.91
CA GLN A 52 20.55 1.81 2.27
C GLN A 52 20.53 1.87 0.73
N ARG A 53 19.42 1.46 0.09
CA ARG A 53 19.28 1.44 -1.38
C ARG A 53 19.14 2.86 -1.97
N LYS A 54 19.93 3.18 -3.00
CA LYS A 54 19.87 4.48 -3.72
C LYS A 54 18.51 4.73 -4.38
N ALA A 55 17.83 3.66 -4.81
CA ALA A 55 16.52 3.69 -5.47
C ALA A 55 15.32 3.97 -4.53
N ALA A 56 15.50 3.97 -3.20
CA ALA A 56 14.44 4.12 -2.19
C ALA A 56 13.93 5.58 -2.04
N VAL A 57 13.76 6.30 -3.16
CA VAL A 57 13.33 7.70 -3.22
C VAL A 57 11.88 7.93 -2.76
N ILE A 58 11.59 9.17 -2.34
CA ILE A 58 10.35 9.63 -1.69
C ILE A 58 10.02 8.80 -0.43
N CYS A 59 11.05 8.48 0.36
CA CYS A 59 10.98 7.54 1.50
C CYS A 59 9.91 7.91 2.55
N ARG A 60 9.64 9.21 2.74
CA ARG A 60 8.61 9.74 3.66
C ARG A 60 7.15 9.40 3.27
N HIS A 61 6.89 9.05 2.01
CA HIS A 61 5.54 8.68 1.52
C HIS A 61 5.01 7.39 2.18
N CYS A 62 3.69 7.34 2.43
CA CYS A 62 3.00 6.23 3.09
C CYS A 62 1.62 6.00 2.46
N PRO A 63 1.53 5.22 1.36
CA PRO A 63 0.27 4.94 0.66
C PRO A 63 -0.66 4.03 1.49
N VAL A 64 -1.98 4.16 1.27
CA VAL A 64 -3.04 3.45 2.03
C VAL A 64 -4.32 3.26 1.20
N MET A 65 -5.08 2.19 1.49
CA MET A 65 -6.23 1.72 0.71
C MET A 65 -7.47 2.63 0.77
N GLN A 66 -7.65 3.35 1.88
CA GLN A 66 -8.85 4.12 2.24
C GLN A 66 -8.50 5.41 3.03
N GLU A 67 -9.50 6.25 3.32
CA GLU A 67 -9.33 7.42 4.21
C GLU A 67 -9.09 7.03 5.68
N CYS A 68 -9.62 5.87 6.11
CA CYS A 68 -9.35 5.27 7.42
C CYS A 68 -8.00 4.52 7.47
N ALA A 69 -7.58 4.09 8.66
CA ALA A 69 -6.32 3.37 8.92
C ALA A 69 -6.32 1.89 8.44
N ALA A 70 -6.81 1.62 7.22
CA ALA A 70 -7.02 0.27 6.67
C ALA A 70 -5.76 -0.62 6.71
N ASP A 71 -4.57 -0.05 6.49
CA ASP A 71 -3.27 -0.73 6.60
C ASP A 71 -2.94 -1.36 7.97
N ALA A 72 -3.58 -0.87 9.04
CA ALA A 72 -3.50 -1.41 10.40
C ALA A 72 -4.72 -2.30 10.79
N LEU A 73 -5.68 -2.51 9.88
CA LEU A 73 -6.98 -3.13 10.20
C LEU A 73 -7.41 -4.29 9.28
N ASP A 74 -7.18 -4.22 7.97
CA ASP A 74 -7.74 -5.17 6.99
C ASP A 74 -6.92 -5.36 5.68
N ASN A 75 -6.71 -6.63 5.28
CA ASN A 75 -6.10 -7.03 4.00
C ASN A 75 -4.75 -6.30 3.71
N LYS A 76 -3.87 -6.26 4.73
CA LYS A 76 -2.64 -5.46 4.77
C LYS A 76 -1.70 -5.72 3.58
N VAL A 77 -1.20 -4.62 3.01
CA VAL A 77 -0.14 -4.59 1.99
C VAL A 77 0.61 -3.25 2.05
N GLU A 78 1.94 -3.28 2.18
CA GLU A 78 2.75 -2.07 2.47
C GLU A 78 2.74 -1.03 1.34
N PHE A 79 2.50 -1.46 0.10
CA PHE A 79 2.28 -0.59 -1.06
C PHE A 79 0.96 0.20 -1.14
N GLY A 80 0.03 -0.04 -0.20
CA GLY A 80 -1.31 0.59 -0.17
C GLY A 80 -2.29 0.09 -1.24
N VAL A 81 -1.85 -0.80 -2.15
CA VAL A 81 -2.64 -1.51 -3.16
C VAL A 81 -1.99 -2.86 -3.50
N TRP A 82 -2.82 -3.87 -3.78
CA TRP A 82 -2.36 -5.27 -3.91
C TRP A 82 -1.64 -5.59 -5.24
N GLY A 83 -1.99 -4.88 -6.31
CA GLY A 83 -1.38 -5.02 -7.65
C GLY A 83 -2.25 -4.48 -8.79
N GLY A 84 -1.76 -4.60 -10.02
CA GLY A 84 -2.38 -4.07 -11.25
C GLY A 84 -3.50 -4.94 -11.84
N MET A 85 -4.26 -5.65 -11.00
CA MET A 85 -5.44 -6.45 -11.41
C MET A 85 -6.65 -5.54 -11.67
N THR A 86 -7.53 -5.91 -12.61
CA THR A 86 -8.66 -5.09 -13.08
C THR A 86 -9.56 -4.52 -11.99
N GLU A 87 -9.79 -3.20 -11.96
CA GLU A 87 -10.43 -2.50 -10.84
C GLU A 87 -11.86 -2.98 -10.53
N ARG A 88 -12.73 -3.14 -11.54
CA ARG A 88 -14.13 -3.57 -11.33
C ARG A 88 -14.21 -4.94 -10.64
N GLN A 89 -13.42 -5.89 -11.13
CA GLN A 89 -13.29 -7.25 -10.57
C GLN A 89 -12.66 -7.22 -9.16
N ARG A 90 -11.57 -6.45 -8.99
CA ARG A 90 -10.88 -6.24 -7.70
C ARG A 90 -11.85 -5.73 -6.62
N ARG A 91 -12.53 -4.61 -6.91
CA ARG A 91 -13.46 -3.92 -5.99
C ARG A 91 -14.69 -4.76 -5.66
N ALA A 92 -15.33 -5.36 -6.66
CA ALA A 92 -16.51 -6.21 -6.47
C ALA A 92 -16.20 -7.46 -5.62
N LEU A 93 -15.16 -8.22 -5.97
CA LEU A 93 -14.79 -9.44 -5.24
C LEU A 93 -14.25 -9.13 -3.82
N LEU A 94 -13.58 -7.98 -3.63
CA LEU A 94 -13.13 -7.55 -2.30
C LEU A 94 -14.29 -7.22 -1.36
N LYS A 95 -15.36 -6.58 -1.86
CA LYS A 95 -16.59 -6.35 -1.08
C LYS A 95 -17.37 -7.63 -0.78
N GLN A 96 -17.46 -8.55 -1.76
CA GLN A 96 -18.24 -9.79 -1.65
C GLN A 96 -17.57 -10.90 -0.82
N HIS A 97 -16.23 -11.02 -0.89
CA HIS A 97 -15.46 -12.16 -0.35
C HIS A 97 -14.16 -11.76 0.38
N PRO A 98 -14.16 -10.78 1.32
CA PRO A 98 -12.94 -10.27 1.98
C PRO A 98 -12.21 -11.32 2.85
N GLU A 99 -12.93 -12.31 3.39
CA GLU A 99 -12.36 -13.33 4.29
C GLU A 99 -11.58 -14.44 3.55
N VAL A 100 -11.72 -14.55 2.23
CA VAL A 100 -11.08 -15.60 1.40
C VAL A 100 -9.61 -15.25 1.13
N VAL A 101 -8.68 -16.01 1.72
CA VAL A 101 -7.22 -15.75 1.57
C VAL A 101 -6.70 -15.86 0.12
N SER A 102 -7.37 -16.63 -0.73
CA SER A 102 -7.07 -16.79 -2.15
C SER A 102 -7.51 -15.60 -3.03
N TRP A 103 -8.19 -14.58 -2.48
CA TRP A 103 -8.75 -13.44 -3.21
C TRP A 103 -7.75 -12.70 -4.13
N SER A 104 -6.58 -12.33 -3.61
CA SER A 104 -5.53 -11.65 -4.36
C SER A 104 -4.88 -12.57 -5.41
N ASP A 105 -4.62 -13.83 -5.05
CA ASP A 105 -4.10 -14.86 -5.95
C ASP A 105 -4.99 -15.17 -7.16
N TYR A 106 -6.31 -15.28 -6.93
CA TYR A 106 -7.31 -15.42 -7.99
C TYR A 106 -7.38 -14.26 -8.98
N LEU A 107 -7.32 -13.03 -8.47
CA LEU A 107 -7.24 -11.82 -9.29
C LEU A 107 -5.93 -11.75 -10.08
N GLU A 108 -4.79 -12.13 -9.49
CA GLU A 108 -3.50 -12.21 -10.21
C GLU A 108 -3.54 -13.26 -11.33
N LYS A 109 -4.15 -14.44 -11.08
CA LYS A 109 -4.41 -15.45 -12.12
C LYS A 109 -5.31 -14.92 -13.25
N ARG A 110 -6.39 -14.21 -12.93
CA ARG A 110 -7.27 -13.52 -13.90
C ARG A 110 -6.53 -12.47 -14.74
N LYS A 111 -5.57 -11.73 -14.14
CA LYS A 111 -4.70 -10.79 -14.85
C LYS A 111 -3.69 -11.51 -15.77
N ARG A 112 -3.06 -12.58 -15.27
CA ARG A 112 -1.98 -13.34 -15.94
C ARG A 112 -2.49 -14.21 -17.10
N ARG A 113 -3.65 -14.85 -16.97
CA ARG A 113 -4.27 -15.76 -17.95
C ARG A 113 -5.61 -15.19 -18.44
N THR A 114 -5.71 -14.91 -19.75
CA THR A 114 -6.86 -14.25 -20.39
C THR A 114 -7.12 -14.66 -21.84
N GLY A 115 -8.27 -14.26 -22.39
CA GLY A 115 -8.68 -14.52 -23.78
C GLY A 115 -9.33 -15.88 -24.04
N THR A 116 -9.46 -16.74 -23.03
CA THR A 116 -10.05 -18.10 -23.16
C THR A 116 -11.51 -18.13 -23.63
N ALA A 117 -12.32 -17.16 -23.21
CA ALA A 117 -13.70 -16.99 -23.70
C ALA A 117 -13.74 -16.60 -25.19
N GLY A 118 -12.79 -15.78 -25.65
CA GLY A 118 -12.62 -15.42 -27.06
C GLY A 118 -12.21 -16.63 -27.92
N LEU A 119 -11.22 -17.40 -27.46
CA LEU A 119 -10.78 -18.64 -28.12
C LEU A 119 -11.93 -19.67 -28.21
N GLU A 120 -12.72 -19.80 -27.16
CA GLU A 120 -13.93 -20.64 -27.14
C GLU A 120 -15.00 -20.13 -28.13
N HIS A 121 -15.25 -18.81 -28.19
CA HIS A 121 -16.15 -18.19 -29.17
C HIS A 121 -15.72 -18.41 -30.63
N HIS A 122 -14.40 -18.37 -30.91
CA HIS A 122 -13.81 -18.71 -32.22
C HIS A 122 -13.77 -20.22 -32.54
N HIS A 123 -14.13 -21.10 -31.59
CA HIS A 123 -14.12 -22.58 -31.71
C HIS A 123 -15.34 -23.21 -31.01
N HIS A 124 -16.53 -22.63 -31.23
CA HIS A 124 -17.78 -23.01 -30.54
C HIS A 124 -18.28 -24.41 -30.89
N HIS A 125 -19.18 -24.96 -30.05
CA HIS A 125 -19.89 -26.24 -30.29
C HIS A 125 -20.74 -26.18 -31.58
N HIS A 126 -20.99 -27.32 -32.21
CA HIS A 126 -21.91 -27.45 -33.35
C HIS A 126 -23.38 -27.14 -32.95
N MET A 1 36.40 -23.18 -4.05
CA MET A 1 36.21 -24.39 -4.90
C MET A 1 36.95 -24.25 -6.23
N SER A 2 37.79 -25.23 -6.59
CA SER A 2 38.54 -25.25 -7.87
C SER A 2 37.65 -25.48 -9.10
N GLY A 3 38.05 -24.95 -10.26
CA GLY A 3 37.40 -25.21 -11.55
C GLY A 3 36.02 -24.56 -11.75
N THR A 4 35.67 -23.56 -10.94
CA THR A 4 34.38 -22.83 -10.99
C THR A 4 34.44 -21.34 -10.63
N ARG A 5 33.39 -20.58 -10.96
CA ARG A 5 33.27 -19.12 -10.77
C ARG A 5 33.29 -18.71 -9.28
N PRO A 6 33.78 -17.49 -8.95
CA PRO A 6 33.95 -17.02 -7.56
C PRO A 6 32.64 -16.82 -6.79
N ALA A 7 31.51 -16.61 -7.49
CA ALA A 7 30.19 -16.40 -6.89
C ALA A 7 29.09 -17.15 -7.67
N ALA A 8 28.19 -17.81 -6.94
CA ALA A 8 27.04 -18.54 -7.48
C ALA A 8 25.83 -17.65 -7.84
N ARG A 9 26.03 -16.31 -7.88
CA ARG A 9 24.99 -15.28 -8.11
C ARG A 9 24.21 -15.47 -9.42
N ARG A 10 22.96 -15.00 -9.46
CA ARG A 10 22.08 -15.01 -10.65
C ARG A 10 22.49 -13.91 -11.64
N THR A 11 22.29 -14.12 -12.94
CA THR A 11 22.63 -13.13 -13.99
C THR A 11 21.92 -11.78 -13.90
N ASN A 12 20.72 -11.76 -13.33
CA ASN A 12 19.96 -10.56 -12.94
C ASN A 12 19.04 -10.91 -11.74
N LEU A 13 18.83 -9.97 -10.82
CA LEU A 13 17.99 -10.15 -9.63
C LEU A 13 17.50 -8.79 -9.09
N THR A 14 16.26 -8.74 -8.56
CA THR A 14 15.65 -7.57 -7.90
C THR A 14 16.22 -7.15 -6.53
N ALA A 15 17.44 -7.59 -6.21
CA ALA A 15 18.15 -7.40 -4.94
C ALA A 15 19.68 -7.51 -5.15
N ALA A 16 20.46 -6.98 -4.21
CA ALA A 16 21.93 -6.99 -4.25
C ALA A 16 22.54 -8.40 -4.15
N GLN A 17 23.71 -8.60 -4.77
CA GLN A 17 24.42 -9.89 -4.86
C GLN A 17 25.94 -9.76 -4.59
N ASN A 18 26.34 -8.79 -3.77
CA ASN A 18 27.74 -8.46 -3.47
C ASN A 18 27.91 -7.90 -2.04
N VAL A 19 29.16 -7.80 -1.57
CA VAL A 19 29.55 -7.23 -0.26
C VAL A 19 29.29 -5.72 -0.20
N VAL A 20 29.21 -5.18 1.02
CA VAL A 20 28.77 -3.78 1.29
C VAL A 20 29.62 -2.65 0.68
N ARG A 21 30.86 -2.95 0.23
CA ARG A 21 31.73 -2.03 -0.52
C ARG A 21 31.50 -2.01 -2.05
N SER A 22 30.43 -2.64 -2.55
CA SER A 22 30.13 -2.82 -3.98
C SER A 22 30.13 -1.50 -4.78
N VAL A 23 29.58 -0.43 -4.19
CA VAL A 23 29.64 0.95 -4.69
C VAL A 23 29.57 1.88 -3.46
N ASP A 24 30.60 2.70 -3.29
CA ASP A 24 30.86 3.51 -2.08
C ASP A 24 29.68 4.30 -1.49
N ALA A 25 29.14 5.23 -2.28
CA ALA A 25 28.11 6.16 -1.83
C ALA A 25 26.70 5.52 -1.68
N GLU A 26 26.39 4.50 -2.49
CA GLU A 26 25.03 3.94 -2.59
C GLU A 26 24.83 2.64 -1.78
N GLU A 27 25.80 1.73 -1.74
CA GLU A 27 25.58 0.39 -1.17
C GLU A 27 25.41 0.41 0.35
N ARG A 28 26.13 1.32 1.06
CA ARG A 28 25.93 1.51 2.51
C ARG A 28 24.55 2.07 2.85
N ILE A 29 24.01 2.96 2.02
CA ILE A 29 22.65 3.50 2.16
C ILE A 29 21.58 2.44 1.87
N ALA A 30 21.82 1.58 0.87
CA ALA A 30 20.96 0.43 0.56
C ALA A 30 20.96 -0.63 1.68
N TRP A 31 22.13 -0.90 2.28
CA TRP A 31 22.29 -1.79 3.43
C TRP A 31 21.60 -1.31 4.72
N VAL A 32 21.85 -0.03 5.08
CA VAL A 32 21.32 0.72 6.23
C VAL A 32 21.64 0.21 7.65
N SER A 33 21.88 1.14 8.58
CA SER A 33 22.22 0.85 9.99
C SER A 33 21.12 0.12 10.77
N LYS A 34 21.51 -0.61 11.83
CA LYS A 34 20.62 -1.45 12.65
C LYS A 34 19.61 -0.61 13.45
N ALA A 35 18.37 -1.07 13.57
CA ALA A 35 17.27 -0.33 14.22
C ALA A 35 17.50 -0.06 15.73
N LEU A 36 18.21 -0.97 16.42
CA LEU A 36 18.57 -0.81 17.85
C LEU A 36 19.56 0.36 18.08
N CYS A 37 20.35 0.73 17.06
CA CYS A 37 21.38 1.76 17.11
C CYS A 37 20.83 3.11 16.59
N ARG A 38 19.78 3.64 17.23
CA ARG A 38 19.01 4.88 16.92
C ARG A 38 18.25 4.89 15.57
N THR A 39 18.66 4.11 14.58
CA THR A 39 18.02 4.03 13.26
C THR A 39 16.49 3.83 13.26
N THR A 40 15.75 4.63 12.49
CA THR A 40 14.28 4.51 12.37
C THR A 40 13.43 4.83 13.61
N ASP A 41 14.01 5.49 14.62
CA ASP A 41 13.30 6.03 15.78
C ASP A 41 12.32 7.20 15.51
N PRO A 42 11.34 7.50 16.39
CA PRO A 42 10.30 8.50 16.14
C PRO A 42 10.80 9.92 15.85
N ASP A 43 11.89 10.34 16.49
CA ASP A 43 12.61 11.58 16.19
C ASP A 43 13.51 11.51 14.95
N GLU A 44 14.24 10.41 14.80
CA GLU A 44 15.09 10.10 13.63
C GLU A 44 14.30 10.12 12.31
N LEU A 45 13.04 9.69 12.32
CA LEU A 45 12.08 9.79 11.21
C LEU A 45 11.64 11.23 10.87
N PHE A 46 11.81 12.18 11.79
CA PHE A 46 11.43 13.61 11.63
C PHE A 46 12.55 14.61 11.34
N VAL A 47 13.77 14.35 11.81
CA VAL A 47 14.99 15.13 11.46
C VAL A 47 15.56 14.86 10.05
N ARG A 48 14.90 14.02 9.23
CA ARG A 48 15.32 13.66 7.86
C ARG A 48 15.42 14.85 6.91
N GLY A 49 14.59 15.88 7.10
CA GLY A 49 14.59 17.13 6.32
C GLY A 49 13.73 18.22 6.95
N ALA A 50 14.13 19.48 6.79
CA ALA A 50 13.56 20.64 7.51
C ALA A 50 12.10 20.97 7.13
N ALA A 51 11.58 20.43 6.02
CA ALA A 51 10.18 20.60 5.59
C ALA A 51 9.17 19.78 6.41
N GLN A 52 9.62 18.69 7.08
CA GLN A 52 8.76 17.75 7.83
C GLN A 52 8.42 18.29 9.24
N ARG A 53 7.73 19.43 9.31
CA ARG A 53 7.35 20.10 10.57
C ARG A 53 6.25 19.35 11.33
N LYS A 54 6.51 19.06 12.62
CA LYS A 54 5.55 18.49 13.60
C LYS A 54 6.01 18.79 15.04
N ALA A 55 5.07 18.96 15.97
CA ALA A 55 5.36 19.17 17.40
C ALA A 55 5.69 17.87 18.15
N ALA A 56 6.55 17.95 19.17
CA ALA A 56 6.84 16.89 20.15
C ALA A 56 7.24 15.51 19.55
N VAL A 57 8.02 15.50 18.45
CA VAL A 57 8.38 14.27 17.70
C VAL A 57 9.15 13.20 18.48
N ILE A 58 9.70 13.55 19.66
CA ILE A 58 10.34 12.61 20.60
C ILE A 58 9.37 11.64 21.29
N CYS A 59 8.04 11.86 21.19
CA CYS A 59 7.03 11.00 21.80
C CYS A 59 6.96 9.57 21.19
N ARG A 60 6.38 8.62 21.95
CA ARG A 60 6.20 7.22 21.52
C ARG A 60 5.27 7.11 20.30
N HIS A 61 5.75 6.45 19.23
CA HIS A 61 4.96 6.09 18.04
C HIS A 61 4.17 4.79 18.25
N CYS A 62 3.01 4.64 17.59
CA CYS A 62 2.23 3.40 17.59
C CYS A 62 2.97 2.23 16.89
N PRO A 63 2.72 0.95 17.27
CA PRO A 63 3.48 -0.18 16.73
C PRO A 63 3.16 -0.52 15.27
N VAL A 64 1.93 -0.23 14.81
CA VAL A 64 1.35 -0.56 13.49
C VAL A 64 1.19 -2.06 13.15
N MET A 65 0.14 -2.40 12.40
CA MET A 65 -0.17 -3.74 11.90
C MET A 65 -0.11 -4.86 12.98
N GLN A 66 -0.78 -4.62 14.11
CA GLN A 66 -0.94 -5.57 15.21
C GLN A 66 -1.87 -6.76 14.87
N GLU A 67 -2.22 -7.59 15.86
CA GLU A 67 -2.95 -8.86 15.70
C GLU A 67 -4.27 -8.76 14.91
N CYS A 68 -5.02 -7.65 15.01
CA CYS A 68 -6.22 -7.37 14.21
C CYS A 68 -6.00 -6.20 13.22
N ALA A 69 -7.00 -5.94 12.36
CA ALA A 69 -6.92 -5.00 11.23
C ALA A 69 -6.70 -3.51 11.59
N ALA A 70 -6.73 -3.15 12.88
CA ALA A 70 -6.34 -1.84 13.43
C ALA A 70 -7.03 -0.63 12.76
N ASP A 71 -8.36 -0.68 12.64
CA ASP A 71 -9.21 0.32 11.95
C ASP A 71 -8.96 1.80 12.29
N ALA A 72 -8.57 2.07 13.55
CA ALA A 72 -8.29 3.40 14.08
C ALA A 72 -6.88 3.94 13.75
N LEU A 73 -6.03 3.14 13.08
CA LEU A 73 -4.60 3.42 12.86
C LEU A 73 -4.13 3.12 11.43
N ASP A 74 -4.54 1.97 10.87
CA ASP A 74 -4.06 1.44 9.58
C ASP A 74 -5.08 1.39 8.44
N ASN A 75 -4.65 1.74 7.22
CA ASN A 75 -5.47 1.57 6.01
C ASN A 75 -5.54 0.09 5.61
N LYS A 76 -6.72 -0.39 5.18
CA LYS A 76 -6.96 -1.83 4.97
C LYS A 76 -6.15 -2.44 3.82
N VAL A 77 -5.65 -1.61 2.89
CA VAL A 77 -4.68 -2.01 1.85
C VAL A 77 -3.33 -2.49 2.41
N GLU A 78 -2.88 -1.98 3.56
CA GLU A 78 -1.55 -2.31 4.11
C GLU A 78 -1.43 -3.81 4.49
N PHE A 79 -2.54 -4.42 4.89
CA PHE A 79 -2.64 -5.86 5.17
C PHE A 79 -2.51 -6.84 3.99
N GLY A 80 -2.48 -6.32 2.76
CA GLY A 80 -2.38 -7.12 1.54
C GLY A 80 -2.41 -6.24 0.29
N VAL A 81 -1.32 -5.48 0.06
CA VAL A 81 -1.27 -4.43 -0.97
C VAL A 81 -1.48 -4.99 -2.37
N TRP A 82 -2.59 -4.60 -3.02
CA TRP A 82 -2.89 -4.97 -4.40
C TRP A 82 -2.07 -4.21 -5.45
N GLY A 83 -1.69 -4.90 -6.54
CA GLY A 83 -1.10 -4.30 -7.74
C GLY A 83 -2.15 -3.97 -8.80
N GLY A 84 -1.76 -4.01 -10.08
CA GLY A 84 -2.59 -3.67 -11.25
C GLY A 84 -3.70 -4.66 -11.63
N MET A 85 -4.32 -5.32 -10.64
CA MET A 85 -5.46 -6.24 -10.82
C MET A 85 -6.71 -5.45 -11.23
N THR A 86 -7.53 -6.01 -12.13
CA THR A 86 -8.65 -5.32 -12.80
C THR A 86 -9.59 -4.50 -11.91
N GLU A 87 -9.75 -3.20 -12.18
CA GLU A 87 -10.40 -2.21 -11.29
C GLU A 87 -11.78 -2.62 -10.77
N ARG A 88 -12.75 -2.92 -11.66
CA ARG A 88 -14.12 -3.30 -11.26
C ARG A 88 -14.19 -4.67 -10.58
N GLN A 89 -13.41 -5.63 -11.08
CA GLN A 89 -13.34 -7.00 -10.54
C GLN A 89 -12.73 -7.02 -9.14
N ARG A 90 -11.68 -6.23 -8.93
CA ARG A 90 -10.97 -6.06 -7.65
C ARG A 90 -11.91 -5.55 -6.56
N ARG A 91 -12.65 -4.46 -6.82
CA ARG A 91 -13.67 -3.91 -5.90
C ARG A 91 -14.80 -4.90 -5.63
N ALA A 92 -15.39 -5.49 -6.67
CA ALA A 92 -16.51 -6.42 -6.54
C ALA A 92 -16.14 -7.65 -5.69
N LEU A 93 -15.04 -8.34 -6.02
CA LEU A 93 -14.61 -9.54 -5.29
C LEU A 93 -14.14 -9.20 -3.86
N LEU A 94 -13.48 -8.06 -3.65
CA LEU A 94 -13.06 -7.63 -2.30
C LEU A 94 -14.26 -7.33 -1.39
N LYS A 95 -15.30 -6.68 -1.93
CA LYS A 95 -16.57 -6.41 -1.24
C LYS A 95 -17.39 -7.68 -0.96
N GLN A 96 -17.37 -8.65 -1.89
CA GLN A 96 -18.07 -9.94 -1.77
C GLN A 96 -17.39 -10.95 -0.84
N HIS A 97 -16.05 -10.98 -0.79
CA HIS A 97 -15.24 -12.00 -0.09
C HIS A 97 -13.92 -11.42 0.50
N PRO A 98 -14.00 -10.50 1.49
CA PRO A 98 -12.82 -9.86 2.10
C PRO A 98 -11.99 -10.79 3.00
N GLU A 99 -12.60 -11.83 3.59
CA GLU A 99 -11.95 -12.69 4.60
C GLU A 99 -10.97 -13.73 4.04
N VAL A 100 -11.13 -14.14 2.76
CA VAL A 100 -10.36 -15.24 2.15
C VAL A 100 -8.94 -14.83 1.69
N VAL A 101 -7.95 -15.66 1.99
CA VAL A 101 -6.53 -15.42 1.62
C VAL A 101 -6.29 -15.57 0.10
N SER A 102 -7.04 -16.45 -0.56
CA SER A 102 -6.96 -16.73 -2.01
C SER A 102 -7.44 -15.58 -2.92
N TRP A 103 -8.03 -14.51 -2.37
CA TRP A 103 -8.59 -13.39 -3.11
C TRP A 103 -7.61 -12.71 -4.09
N SER A 104 -6.42 -12.35 -3.59
CA SER A 104 -5.36 -11.72 -4.39
C SER A 104 -4.74 -12.69 -5.41
N ASP A 105 -4.47 -13.94 -5.01
CA ASP A 105 -4.01 -15.00 -5.92
C ASP A 105 -4.95 -15.27 -7.11
N TYR A 106 -6.25 -15.33 -6.84
CA TYR A 106 -7.29 -15.46 -7.87
C TYR A 106 -7.38 -14.28 -8.86
N LEU A 107 -7.39 -13.05 -8.35
CA LEU A 107 -7.35 -11.85 -9.19
C LEU A 107 -6.05 -11.73 -9.99
N GLU A 108 -4.89 -12.12 -9.44
CA GLU A 108 -3.63 -12.18 -10.19
C GLU A 108 -3.69 -13.25 -11.30
N LYS A 109 -4.23 -14.44 -11.03
CA LYS A 109 -4.46 -15.50 -12.03
C LYS A 109 -5.39 -15.03 -13.15
N ARG A 110 -6.45 -14.28 -12.81
CA ARG A 110 -7.37 -13.65 -13.77
C ARG A 110 -6.69 -12.56 -14.60
N LYS A 111 -5.87 -11.69 -13.98
CA LYS A 111 -5.07 -10.65 -14.65
C LYS A 111 -4.04 -11.23 -15.64
N ARG A 112 -3.42 -12.36 -15.27
CA ARG A 112 -2.54 -13.20 -16.12
C ARG A 112 -3.25 -13.94 -17.25
N ARG A 113 -4.60 -14.01 -17.20
CA ARG A 113 -5.53 -14.73 -18.10
C ARG A 113 -5.40 -16.25 -18.05
N THR A 114 -6.50 -16.94 -18.40
CA THR A 114 -6.58 -18.42 -18.41
C THR A 114 -5.73 -19.14 -19.47
N GLY A 115 -5.46 -20.43 -19.28
CA GLY A 115 -4.67 -21.27 -20.19
C GLY A 115 -5.34 -21.54 -21.55
N THR A 116 -4.54 -21.80 -22.58
CA THR A 116 -5.01 -22.03 -23.97
C THR A 116 -5.66 -23.38 -24.28
N ALA A 117 -5.39 -24.41 -23.47
CA ALA A 117 -5.99 -25.74 -23.61
C ALA A 117 -7.48 -25.77 -23.26
N GLY A 118 -8.29 -26.52 -24.01
CA GLY A 118 -9.71 -26.73 -23.74
C GLY A 118 -9.97 -27.73 -22.59
N LEU A 119 -11.04 -27.51 -21.84
CA LEU A 119 -11.38 -28.28 -20.63
C LEU A 119 -11.70 -29.77 -20.91
N GLU A 120 -12.17 -30.07 -22.13
CA GLU A 120 -12.58 -31.42 -22.56
C GLU A 120 -11.43 -32.38 -22.87
N HIS A 121 -10.15 -31.97 -22.70
CA HIS A 121 -8.95 -32.75 -23.10
C HIS A 121 -8.88 -34.16 -22.48
N HIS A 122 -9.45 -34.35 -21.29
CA HIS A 122 -9.57 -35.63 -20.55
C HIS A 122 -10.82 -36.47 -20.89
N HIS A 123 -11.54 -36.12 -21.97
CA HIS A 123 -12.88 -36.62 -22.37
C HIS A 123 -13.98 -36.21 -21.38
N HIS A 124 -15.25 -36.21 -21.82
CA HIS A 124 -16.39 -35.67 -21.05
C HIS A 124 -16.78 -36.57 -19.85
N HIS A 125 -17.41 -35.96 -18.83
CA HIS A 125 -17.97 -36.67 -17.67
C HIS A 125 -19.17 -37.57 -18.07
N HIS A 126 -19.37 -38.67 -17.33
CA HIS A 126 -20.54 -39.56 -17.48
C HIS A 126 -21.86 -38.83 -17.09
N MET A 1 14.66 -37.99 9.31
CA MET A 1 15.69 -37.45 10.24
C MET A 1 16.38 -36.21 9.64
N SER A 2 16.64 -35.18 10.44
CA SER A 2 17.29 -33.93 10.02
C SER A 2 18.75 -34.10 9.58
N GLY A 3 19.25 -33.19 8.74
CA GLY A 3 20.62 -33.21 8.21
C GLY A 3 21.72 -32.82 9.22
N THR A 4 21.34 -32.26 10.38
CA THR A 4 22.24 -31.86 11.48
C THR A 4 23.19 -32.94 12.01
N ARG A 5 24.47 -32.59 12.16
CA ARG A 5 25.52 -33.50 12.68
C ARG A 5 25.45 -33.66 14.21
N PRO A 6 26.10 -34.69 14.81
CA PRO A 6 26.19 -34.87 16.26
C PRO A 6 26.70 -33.64 17.04
N ALA A 7 27.57 -32.85 16.40
CA ALA A 7 28.14 -31.61 16.93
C ALA A 7 27.20 -30.38 16.86
N ALA A 8 25.91 -30.59 16.54
CA ALA A 8 24.86 -29.57 16.41
C ALA A 8 25.12 -28.50 15.33
N ARG A 9 25.73 -28.90 14.20
CA ARG A 9 26.06 -28.06 13.03
C ARG A 9 25.61 -28.67 11.70
N ARG A 10 25.49 -27.85 10.65
CA ARG A 10 25.12 -28.26 9.28
C ARG A 10 26.30 -28.88 8.50
N THR A 11 27.51 -28.33 8.68
CA THR A 11 28.76 -28.63 7.93
C THR A 11 28.77 -28.41 6.41
N ASN A 12 27.74 -28.85 5.68
CA ASN A 12 27.49 -28.52 4.26
C ASN A 12 26.89 -27.11 4.08
N LEU A 13 27.58 -26.08 4.59
CA LEU A 13 27.19 -24.67 4.48
C LEU A 13 27.35 -24.16 3.03
N THR A 14 26.31 -23.51 2.49
CA THR A 14 26.31 -22.96 1.12
C THR A 14 27.09 -21.64 0.93
N ALA A 15 27.16 -20.80 1.97
CA ALA A 15 27.93 -19.55 1.95
C ALA A 15 29.46 -19.79 2.01
N ALA A 16 30.22 -19.05 1.21
CA ALA A 16 31.69 -19.04 1.24
C ALA A 16 32.23 -18.23 2.43
N GLN A 17 33.46 -18.51 2.87
CA GLN A 17 34.13 -17.82 3.99
C GLN A 17 34.30 -16.31 3.78
N ASN A 18 34.28 -15.83 2.53
CA ASN A 18 34.40 -14.41 2.19
C ASN A 18 33.30 -13.52 2.85
N VAL A 19 32.14 -14.11 3.19
CA VAL A 19 31.06 -13.41 3.94
C VAL A 19 31.28 -13.23 5.44
N VAL A 20 32.32 -13.86 6.02
CA VAL A 20 32.56 -13.92 7.48
C VAL A 20 34.00 -13.73 7.95
N ARG A 21 35.00 -13.93 7.06
CA ARG A 21 36.44 -13.98 7.38
C ARG A 21 37.04 -12.79 8.12
N SER A 22 36.43 -11.60 8.04
CA SER A 22 36.90 -10.36 8.67
C SER A 22 36.66 -10.34 10.19
N VAL A 23 37.52 -11.06 10.95
CA VAL A 23 37.41 -11.23 12.41
C VAL A 23 36.13 -11.95 12.90
N ASP A 24 35.66 -12.92 12.11
CA ASP A 24 34.57 -13.87 12.42
C ASP A 24 33.26 -13.29 12.99
N ALA A 25 33.18 -13.19 14.33
CA ALA A 25 32.05 -12.63 15.06
C ALA A 25 31.72 -11.17 14.67
N GLU A 26 32.74 -10.40 14.30
CA GLU A 26 32.63 -8.95 14.05
C GLU A 26 32.05 -8.61 12.67
N GLU A 27 32.24 -9.47 11.67
CA GLU A 27 31.73 -9.25 10.30
C GLU A 27 30.20 -9.37 10.20
N ARG A 28 29.56 -10.06 11.15
CA ARG A 28 28.11 -10.29 11.20
C ARG A 28 27.27 -9.01 11.15
N ILE A 29 27.82 -7.89 11.63
CA ILE A 29 27.16 -6.57 11.60
C ILE A 29 26.92 -6.09 10.16
N ALA A 30 27.84 -6.37 9.23
CA ALA A 30 27.73 -5.97 7.83
C ALA A 30 26.53 -6.62 7.09
N TRP A 31 26.02 -7.75 7.62
CA TRP A 31 24.82 -8.43 7.10
C TRP A 31 23.51 -7.68 7.45
N VAL A 32 23.55 -6.74 8.40
CA VAL A 32 22.37 -6.06 8.98
C VAL A 32 22.43 -4.53 9.07
N SER A 33 23.63 -3.92 9.03
CA SER A 33 23.84 -2.47 9.06
C SER A 33 25.08 -2.05 8.25
N LYS A 34 25.11 -0.80 7.79
CA LYS A 34 26.21 -0.23 7.00
C LYS A 34 27.48 -0.01 7.84
N ALA A 35 28.66 -0.23 7.23
CA ALA A 35 29.96 0.04 7.85
C ALA A 35 30.34 1.53 7.89
N LEU A 36 29.80 2.34 6.96
CA LEU A 36 30.04 3.78 6.85
C LEU A 36 29.23 4.59 7.88
N CYS A 37 29.71 5.81 8.17
CA CYS A 37 29.14 6.79 9.11
C CYS A 37 29.09 6.35 10.61
N ARG A 38 28.91 7.33 11.50
CA ARG A 38 28.84 7.13 12.97
C ARG A 38 27.58 6.36 13.40
N THR A 39 27.72 5.50 14.41
CA THR A 39 26.63 4.75 15.07
C THR A 39 26.67 4.76 16.61
N THR A 40 25.54 4.47 17.26
CA THR A 40 25.37 4.45 18.73
C THR A 40 24.35 3.37 19.08
N ASP A 41 24.51 2.74 20.25
CA ASP A 41 23.51 1.83 20.82
C ASP A 41 22.24 2.54 21.37
N PRO A 42 21.05 1.91 21.35
CA PRO A 42 19.79 2.58 21.73
C PRO A 42 19.74 3.03 23.20
N ASP A 43 20.27 2.22 24.12
CA ASP A 43 20.45 2.59 25.53
C ASP A 43 21.61 3.58 25.78
N GLU A 44 22.69 3.44 25.03
CA GLU A 44 23.82 4.39 25.04
C GLU A 44 23.35 5.80 24.66
N LEU A 45 22.53 5.93 23.61
CA LEU A 45 21.91 7.20 23.19
C LEU A 45 21.00 7.79 24.29
N PHE A 46 20.48 6.96 25.20
CA PHE A 46 19.78 7.41 26.41
C PHE A 46 20.68 7.93 27.54
N VAL A 47 21.76 7.22 27.88
CA VAL A 47 22.77 7.73 28.84
C VAL A 47 23.51 8.98 28.35
N ARG A 48 23.67 9.13 27.02
CA ARG A 48 24.17 10.33 26.33
C ARG A 48 23.15 11.48 26.22
N GLY A 49 21.88 11.25 26.54
CA GLY A 49 20.81 12.26 26.54
C GLY A 49 19.47 11.72 27.04
N ALA A 50 19.02 12.16 28.21
CA ALA A 50 17.84 11.62 28.89
C ALA A 50 16.52 11.79 28.10
N ALA A 51 16.46 12.77 27.18
CA ALA A 51 15.31 13.03 26.30
C ALA A 51 14.89 11.82 25.43
N GLN A 52 15.76 10.82 25.24
CA GLN A 52 15.43 9.55 24.58
C GLN A 52 14.43 8.67 25.36
N ARG A 53 14.30 8.84 26.69
CA ARG A 53 13.50 8.03 27.65
C ARG A 53 13.83 6.52 27.69
N LYS A 54 14.20 6.00 28.88
CA LYS A 54 14.54 4.58 29.11
C LYS A 54 13.44 3.58 28.74
N ALA A 55 12.17 3.98 28.86
CA ALA A 55 11.01 3.16 28.46
C ALA A 55 10.72 3.18 26.94
N ALA A 56 11.11 4.24 26.23
CA ALA A 56 10.86 4.41 24.79
C ALA A 56 11.95 3.76 23.91
N VAL A 57 13.22 3.78 24.36
CA VAL A 57 14.31 3.02 23.72
C VAL A 57 14.12 1.50 23.89
N ILE A 58 14.54 0.72 22.89
CA ILE A 58 14.40 -0.76 22.84
C ILE A 58 12.94 -1.23 23.00
N CYS A 59 11.98 -0.47 22.44
CA CYS A 59 10.56 -0.83 22.42
C CYS A 59 10.30 -2.05 21.52
N ARG A 60 9.32 -2.91 21.90
CA ARG A 60 8.91 -4.09 21.10
C ARG A 60 8.19 -3.73 19.80
N HIS A 61 7.34 -2.70 19.81
CA HIS A 61 6.69 -2.17 18.60
C HIS A 61 7.71 -1.55 17.62
N CYS A 62 7.47 -1.69 16.32
CA CYS A 62 8.38 -1.26 15.24
C CYS A 62 7.58 -0.97 13.96
N PRO A 63 7.99 -0.01 13.08
CA PRO A 63 7.30 0.32 11.83
C PRO A 63 7.07 -0.85 10.85
N VAL A 64 7.79 -1.97 11.01
CA VAL A 64 7.56 -3.25 10.31
C VAL A 64 6.28 -4.01 10.74
N MET A 65 5.38 -3.35 11.48
CA MET A 65 4.15 -3.88 12.10
C MET A 65 4.40 -4.94 13.18
N GLN A 66 5.57 -4.95 13.81
CA GLN A 66 5.93 -5.92 14.86
C GLN A 66 4.97 -5.80 16.07
N GLU A 67 4.63 -6.95 16.68
CA GLU A 67 3.61 -7.15 17.73
C GLU A 67 2.15 -6.86 17.29
N CYS A 68 1.94 -5.93 16.34
CA CYS A 68 0.63 -5.63 15.75
C CYS A 68 0.15 -6.80 14.85
N ALA A 69 1.03 -7.26 13.93
CA ALA A 69 0.74 -8.35 12.99
C ALA A 69 1.99 -9.01 12.37
N ALA A 70 3.00 -8.19 12.03
CA ALA A 70 4.22 -8.49 11.25
C ALA A 70 3.98 -9.02 9.81
N ASP A 71 3.11 -10.02 9.65
CA ASP A 71 2.81 -10.65 8.35
C ASP A 71 2.03 -9.78 7.36
N ALA A 72 1.14 -8.91 7.84
CA ALA A 72 0.25 -8.09 7.00
C ALA A 72 1.00 -7.14 6.04
N LEU A 73 2.24 -6.76 6.38
CA LEU A 73 3.12 -5.93 5.56
C LEU A 73 3.73 -6.68 4.34
N ASP A 74 3.74 -8.02 4.37
CA ASP A 74 4.46 -8.88 3.41
C ASP A 74 3.67 -10.03 2.74
N ASN A 75 2.73 -10.63 3.47
CA ASN A 75 1.93 -11.79 3.03
C ASN A 75 0.93 -11.47 1.90
N LYS A 76 0.45 -10.22 1.82
CA LYS A 76 -0.65 -9.79 0.94
C LYS A 76 -0.49 -8.35 0.44
N VAL A 77 -1.07 -8.06 -0.73
CA VAL A 77 -1.11 -6.71 -1.34
C VAL A 77 -2.18 -5.80 -0.71
N GLU A 78 -1.85 -4.53 -0.49
CA GLU A 78 -2.70 -3.51 0.17
C GLU A 78 -2.37 -2.08 -0.31
N PHE A 79 -3.15 -1.09 0.14
CA PHE A 79 -2.86 0.34 -0.03
C PHE A 79 -2.62 0.92 -1.44
N GLY A 80 -3.39 0.45 -2.43
CA GLY A 80 -3.33 0.92 -3.82
C GLY A 80 -2.28 0.24 -4.70
N VAL A 81 -1.36 -0.55 -4.12
CA VAL A 81 -0.38 -1.38 -4.86
C VAL A 81 -1.09 -2.45 -5.73
N TRP A 82 -2.31 -2.83 -5.36
CA TRP A 82 -3.22 -3.69 -6.13
C TRP A 82 -3.78 -3.10 -7.45
N GLY A 83 -3.50 -1.83 -7.75
CA GLY A 83 -4.12 -1.06 -8.84
C GLY A 83 -3.93 -1.62 -10.26
N GLY A 84 -2.90 -2.45 -10.47
CA GLY A 84 -2.65 -3.15 -11.75
C GLY A 84 -3.64 -4.28 -12.06
N MET A 85 -4.36 -4.80 -11.05
CA MET A 85 -5.45 -5.79 -11.21
C MET A 85 -6.77 -5.08 -11.55
N THR A 86 -7.65 -5.72 -12.34
CA THR A 86 -8.85 -5.06 -12.91
C THR A 86 -9.79 -4.37 -11.91
N GLU A 87 -10.16 -3.12 -12.14
CA GLU A 87 -10.86 -2.26 -11.17
C GLU A 87 -12.21 -2.85 -10.69
N ARG A 88 -13.06 -3.28 -11.64
CA ARG A 88 -14.38 -3.85 -11.32
C ARG A 88 -14.28 -5.17 -10.56
N GLN A 89 -13.42 -6.09 -11.03
CA GLN A 89 -13.19 -7.39 -10.38
C GLN A 89 -12.57 -7.22 -8.97
N ARG A 90 -11.57 -6.35 -8.83
CA ARG A 90 -10.94 -6.00 -7.56
C ARG A 90 -11.95 -5.49 -6.54
N ARG A 91 -12.69 -4.42 -6.87
CA ARG A 91 -13.69 -3.80 -5.98
C ARG A 91 -14.82 -4.77 -5.62
N ALA A 92 -15.47 -5.38 -6.62
CA ALA A 92 -16.62 -6.25 -6.41
C ALA A 92 -16.28 -7.46 -5.54
N LEU A 93 -15.24 -8.24 -5.90
CA LEU A 93 -14.89 -9.45 -5.17
C LEU A 93 -14.32 -9.15 -3.77
N LEU A 94 -13.59 -8.05 -3.58
CA LEU A 94 -13.08 -7.65 -2.27
C LEU A 94 -14.22 -7.27 -1.30
N LYS A 95 -15.21 -6.51 -1.77
CA LYS A 95 -16.40 -6.14 -1.00
C LYS A 95 -17.29 -7.35 -0.65
N GLN A 96 -17.41 -8.31 -1.59
CA GLN A 96 -18.16 -9.56 -1.39
C GLN A 96 -17.48 -10.54 -0.43
N HIS A 97 -16.15 -10.67 -0.51
CA HIS A 97 -15.36 -11.70 0.19
C HIS A 97 -14.06 -11.16 0.83
N PRO A 98 -14.14 -10.31 1.90
CA PRO A 98 -12.95 -9.65 2.46
C PRO A 98 -11.91 -10.60 3.08
N GLU A 99 -12.37 -11.68 3.73
CA GLU A 99 -11.51 -12.60 4.52
C GLU A 99 -10.92 -13.77 3.73
N VAL A 100 -11.37 -14.01 2.49
CA VAL A 100 -11.04 -15.21 1.69
C VAL A 100 -9.67 -15.05 1.02
N VAL A 101 -8.68 -15.85 1.44
CA VAL A 101 -7.28 -15.76 0.96
C VAL A 101 -7.08 -16.01 -0.54
N SER A 102 -8.01 -16.74 -1.18
CA SER A 102 -8.02 -17.00 -2.63
C SER A 102 -8.32 -15.75 -3.48
N TRP A 103 -8.79 -14.65 -2.88
CA TRP A 103 -9.16 -13.41 -3.59
C TRP A 103 -8.01 -12.78 -4.39
N SER A 104 -6.86 -12.53 -3.76
CA SER A 104 -5.68 -11.97 -4.42
C SER A 104 -5.06 -12.95 -5.42
N ASP A 105 -5.04 -14.25 -5.09
CA ASP A 105 -4.64 -15.32 -6.01
C ASP A 105 -5.45 -15.33 -7.32
N TYR A 106 -6.79 -15.25 -7.22
CA TYR A 106 -7.66 -15.12 -8.39
C TYR A 106 -7.34 -13.94 -9.31
N LEU A 107 -7.19 -12.74 -8.75
CA LEU A 107 -6.90 -11.53 -9.51
C LEU A 107 -5.51 -11.57 -10.18
N GLU A 108 -4.49 -12.08 -9.49
CA GLU A 108 -3.16 -12.33 -10.09
C GLU A 108 -3.21 -13.41 -11.20
N LYS A 109 -3.92 -14.51 -10.97
CA LYS A 109 -4.13 -15.59 -11.93
C LYS A 109 -4.85 -15.10 -13.18
N ARG A 110 -5.88 -14.27 -13.03
CA ARG A 110 -6.56 -13.52 -14.12
C ARG A 110 -5.57 -12.61 -14.87
N LYS A 111 -4.83 -11.77 -14.14
CA LYS A 111 -3.86 -10.80 -14.69
C LYS A 111 -2.77 -11.47 -15.54
N ARG A 112 -2.29 -12.64 -15.09
CA ARG A 112 -1.26 -13.47 -15.77
C ARG A 112 -1.79 -14.28 -16.95
N ARG A 113 -2.99 -14.87 -16.81
CA ARG A 113 -3.66 -15.69 -17.85
C ARG A 113 -4.18 -14.87 -19.04
N THR A 114 -4.80 -13.71 -18.77
CA THR A 114 -5.45 -12.87 -19.79
C THR A 114 -4.53 -12.26 -20.86
N GLY A 115 -5.04 -12.09 -22.08
CA GLY A 115 -4.30 -11.56 -23.23
C GLY A 115 -4.18 -10.02 -23.23
N THR A 116 -3.18 -9.50 -23.95
CA THR A 116 -2.97 -8.05 -24.17
C THR A 116 -3.90 -7.40 -25.19
N ALA A 117 -3.98 -6.07 -25.20
CA ALA A 117 -4.72 -5.30 -26.22
C ALA A 117 -4.10 -5.42 -27.64
N GLY A 118 -2.83 -5.84 -27.75
CA GLY A 118 -2.12 -6.00 -29.03
C GLY A 118 -2.63 -7.14 -29.91
N LEU A 119 -3.36 -8.11 -29.33
CA LEU A 119 -3.94 -9.26 -30.04
C LEU A 119 -5.01 -8.85 -31.09
N GLU A 120 -5.50 -7.62 -31.04
CA GLU A 120 -6.37 -7.00 -32.06
C GLU A 120 -5.66 -6.68 -33.40
N HIS A 121 -4.35 -6.96 -33.52
CA HIS A 121 -3.58 -6.81 -34.77
C HIS A 121 -4.26 -7.46 -35.98
N HIS A 122 -4.40 -6.73 -37.10
CA HIS A 122 -4.97 -7.18 -38.39
C HIS A 122 -6.30 -7.98 -38.25
N HIS A 123 -7.22 -7.46 -37.43
CA HIS A 123 -8.46 -8.16 -37.00
C HIS A 123 -9.40 -8.54 -38.17
N HIS A 124 -10.06 -9.70 -38.05
CA HIS A 124 -11.06 -10.19 -39.02
C HIS A 124 -12.41 -9.45 -38.94
N HIS A 125 -12.79 -8.93 -37.76
CA HIS A 125 -13.96 -8.05 -37.56
C HIS A 125 -13.75 -6.68 -38.22
N HIS A 126 -14.84 -5.94 -38.45
CA HIS A 126 -14.80 -4.53 -38.87
C HIS A 126 -14.04 -3.65 -37.85
N MET A 1 -28.04 46.48 12.74
CA MET A 1 -28.43 45.77 11.48
C MET A 1 -27.29 45.85 10.43
N SER A 2 -27.04 44.77 9.70
CA SER A 2 -26.06 44.71 8.60
C SER A 2 -26.49 43.67 7.53
N GLY A 3 -26.03 43.85 6.29
CA GLY A 3 -26.36 42.98 5.15
C GLY A 3 -25.72 41.58 5.23
N THR A 4 -26.33 40.62 4.52
CA THR A 4 -25.83 39.23 4.41
C THR A 4 -24.54 39.04 3.59
N ARG A 5 -23.90 37.87 3.75
CA ARG A 5 -22.65 37.49 3.04
C ARG A 5 -22.86 37.38 1.52
N PRO A 6 -21.83 37.57 0.68
CA PRO A 6 -21.93 37.37 -0.78
C PRO A 6 -22.47 35.98 -1.13
N ALA A 7 -23.53 35.91 -1.94
CA ALA A 7 -24.23 34.67 -2.32
C ALA A 7 -24.68 33.79 -1.12
N ALA A 8 -24.76 34.36 0.10
CA ALA A 8 -24.94 33.68 1.38
C ALA A 8 -23.84 32.63 1.72
N ARG A 9 -22.74 32.59 0.94
CA ARG A 9 -21.61 31.65 1.07
C ARG A 9 -20.68 32.01 2.24
N ARG A 10 -19.78 31.08 2.61
CA ARG A 10 -18.70 31.30 3.60
C ARG A 10 -17.58 32.15 2.99
N THR A 11 -17.20 33.24 3.66
CA THR A 11 -16.13 34.16 3.20
C THR A 11 -14.70 33.81 3.65
N ASN A 12 -14.56 33.20 4.84
CA ASN A 12 -13.29 32.84 5.48
C ASN A 12 -13.40 31.51 6.26
N LEU A 13 -12.29 30.80 6.42
CA LEU A 13 -12.24 29.48 7.06
C LEU A 13 -10.92 29.28 7.84
N THR A 14 -11.02 29.06 9.16
CA THR A 14 -9.86 28.85 10.05
C THR A 14 -9.06 27.55 9.82
N ALA A 15 -9.68 26.54 9.21
CA ALA A 15 -9.05 25.27 8.84
C ALA A 15 -8.10 25.35 7.61
N ALA A 16 -8.01 26.51 6.94
CA ALA A 16 -7.09 26.73 5.81
C ALA A 16 -5.62 26.63 6.23
N GLN A 17 -4.74 26.25 5.27
CA GLN A 17 -3.30 26.12 5.51
C GLN A 17 -2.63 27.48 5.80
N ASN A 18 -1.70 27.51 6.76
CA ASN A 18 -1.00 28.74 7.19
C ASN A 18 -0.18 29.40 6.05
N VAL A 19 0.27 28.60 5.06
CA VAL A 19 0.99 29.09 3.86
C VAL A 19 0.17 29.97 2.91
N VAL A 20 -1.17 29.91 2.96
CA VAL A 20 -2.07 30.70 2.11
C VAL A 20 -1.83 32.20 2.34
N ARG A 21 -1.45 32.90 1.28
CA ARG A 21 -1.09 34.33 1.27
C ARG A 21 -1.50 35.04 -0.03
N SER A 22 -1.56 34.31 -1.15
CA SER A 22 -2.14 34.77 -2.42
C SER A 22 -3.66 34.51 -2.47
N VAL A 23 -4.31 34.89 -3.57
CA VAL A 23 -5.75 34.61 -3.83
C VAL A 23 -6.00 33.10 -3.87
N ASP A 24 -7.10 32.63 -3.27
CA ASP A 24 -7.40 31.20 -3.07
C ASP A 24 -7.13 30.24 -4.24
N ALA A 25 -7.69 30.55 -5.41
CA ALA A 25 -7.49 29.78 -6.64
C ALA A 25 -6.02 29.78 -7.09
N GLU A 26 -5.40 30.95 -7.17
CA GLU A 26 -4.04 31.15 -7.68
C GLU A 26 -2.98 30.53 -6.74
N GLU A 27 -3.21 30.60 -5.42
CA GLU A 27 -2.42 29.92 -4.39
C GLU A 27 -2.44 28.40 -4.60
N ARG A 28 -3.63 27.79 -4.66
CA ARG A 28 -3.80 26.34 -4.85
C ARG A 28 -3.32 25.84 -6.21
N ILE A 29 -3.38 26.67 -7.26
CA ILE A 29 -2.77 26.40 -8.57
C ILE A 29 -1.24 26.39 -8.47
N ALA A 30 -0.64 27.36 -7.80
CA ALA A 30 0.81 27.48 -7.63
C ALA A 30 1.43 26.31 -6.83
N TRP A 31 0.66 25.62 -5.99
CA TRP A 31 1.10 24.39 -5.28
C TRP A 31 1.34 23.19 -6.23
N VAL A 32 0.71 23.19 -7.42
CA VAL A 32 0.89 22.15 -8.44
C VAL A 32 2.22 22.31 -9.21
N SER A 33 2.95 21.21 -9.40
CA SER A 33 4.23 21.17 -10.16
C SER A 33 4.05 21.23 -11.68
N LYS A 34 3.17 22.10 -12.18
CA LYS A 34 2.73 22.13 -13.59
C LYS A 34 3.86 22.48 -14.58
N ALA A 35 4.77 23.36 -14.17
CA ALA A 35 5.89 23.84 -15.00
C ALA A 35 7.26 23.85 -14.28
N LEU A 36 7.37 23.21 -13.11
CA LEU A 36 8.63 23.04 -12.37
C LEU A 36 9.52 21.94 -13.01
N CYS A 37 10.81 21.92 -12.67
CA CYS A 37 11.74 20.87 -13.12
C CYS A 37 11.33 19.47 -12.60
N ARG A 38 11.59 18.41 -13.40
CA ARG A 38 11.17 17.03 -13.10
C ARG A 38 12.00 16.40 -11.98
N THR A 39 11.46 16.41 -10.76
CA THR A 39 12.04 15.70 -9.60
C THR A 39 11.94 14.16 -9.66
N THR A 40 12.83 13.46 -8.96
CA THR A 40 12.82 11.98 -8.86
C THR A 40 13.39 11.39 -7.56
N ASP A 41 13.04 10.13 -7.26
CA ASP A 41 13.49 9.41 -6.06
C ASP A 41 14.99 9.02 -6.03
N PRO A 42 15.63 8.88 -4.84
CA PRO A 42 17.05 8.54 -4.73
C PRO A 42 17.46 7.23 -5.43
N ASP A 43 16.59 6.21 -5.37
CA ASP A 43 16.81 4.92 -6.04
C ASP A 43 16.75 4.96 -7.57
N GLU A 44 15.83 5.77 -8.13
CA GLU A 44 15.77 6.05 -9.56
C GLU A 44 16.97 6.88 -10.03
N LEU A 45 17.31 7.94 -9.28
CA LEU A 45 18.51 8.76 -9.51
C LEU A 45 19.79 7.91 -9.51
N PHE A 46 19.86 6.89 -8.65
CA PHE A 46 20.88 5.86 -8.67
C PHE A 46 20.90 4.97 -9.92
N VAL A 47 19.81 4.22 -10.13
CA VAL A 47 19.76 3.17 -11.16
C VAL A 47 19.91 3.64 -12.62
N ARG A 48 19.51 4.88 -12.93
CA ARG A 48 19.73 5.51 -14.26
C ARG A 48 21.20 5.91 -14.52
N GLY A 49 22.07 5.79 -13.51
CA GLY A 49 23.51 6.02 -13.57
C GLY A 49 24.25 5.14 -12.56
N ALA A 50 24.25 3.82 -12.80
CA ALA A 50 24.72 2.79 -11.86
C ALA A 50 26.19 2.91 -11.41
N ALA A 51 27.00 3.74 -12.08
CA ALA A 51 28.36 4.12 -11.65
C ALA A 51 28.38 4.82 -10.27
N GLN A 52 27.25 5.38 -9.81
CA GLN A 52 27.02 5.91 -8.46
C GLN A 52 26.88 4.77 -7.42
N ARG A 53 27.83 3.81 -7.40
CA ARG A 53 27.79 2.53 -6.66
C ARG A 53 27.30 2.69 -5.20
N LYS A 54 26.09 2.18 -4.93
CA LYS A 54 25.39 2.17 -3.63
C LYS A 54 25.18 3.56 -2.98
N ALA A 55 25.35 4.66 -3.73
CA ALA A 55 25.32 6.03 -3.21
C ALA A 55 23.90 6.42 -2.73
N ALA A 56 23.74 6.59 -1.41
CA ALA A 56 22.50 7.00 -0.72
C ALA A 56 21.24 6.13 -1.00
N VAL A 57 21.41 4.92 -1.54
CA VAL A 57 20.29 4.02 -1.88
C VAL A 57 19.52 3.54 -0.65
N ILE A 58 18.19 3.47 -0.77
CA ILE A 58 17.18 3.16 0.26
C ILE A 58 17.14 4.17 1.43
N CYS A 59 18.26 4.39 2.13
CA CYS A 59 18.34 5.14 3.38
C CYS A 59 17.92 6.62 3.31
N ARG A 60 18.06 7.26 2.14
CA ARG A 60 17.64 8.65 1.89
C ARG A 60 16.12 8.82 1.73
N HIS A 61 15.39 7.75 1.38
CA HIS A 61 13.93 7.76 1.18
C HIS A 61 13.17 7.90 2.51
N CYS A 62 12.10 8.69 2.52
CA CYS A 62 11.16 8.78 3.65
C CYS A 62 10.34 7.48 3.83
N PRO A 63 9.90 7.13 5.05
CA PRO A 63 9.05 5.95 5.29
C PRO A 63 7.65 6.14 4.68
N VAL A 64 7.16 5.10 3.98
CA VAL A 64 5.84 5.11 3.31
C VAL A 64 4.68 4.81 4.27
N MET A 65 4.86 3.81 5.15
CA MET A 65 3.82 3.35 6.08
C MET A 65 3.82 4.12 7.41
N GLN A 66 2.65 4.16 8.07
CA GLN A 66 2.50 4.66 9.45
C GLN A 66 3.17 3.70 10.47
N GLU A 67 3.27 4.12 11.73
CA GLU A 67 3.89 3.37 12.83
C GLU A 67 3.25 1.99 13.09
N CYS A 68 1.97 1.80 12.72
CA CYS A 68 1.25 0.53 12.74
C CYS A 68 1.57 -0.42 11.54
N ALA A 69 2.61 -0.12 10.76
CA ALA A 69 3.07 -0.90 9.58
C ALA A 69 1.96 -1.17 8.54
N ALA A 70 1.02 -0.22 8.39
CA ALA A 70 -0.18 -0.32 7.55
C ALA A 70 -1.14 -1.50 7.89
N ASP A 71 -1.05 -2.08 9.09
CA ASP A 71 -2.04 -3.06 9.59
C ASP A 71 -3.42 -2.48 9.90
N ALA A 72 -3.44 -1.33 10.59
CA ALA A 72 -4.65 -0.62 11.04
C ALA A 72 -5.06 0.58 10.15
N LEU A 73 -4.21 0.99 9.20
CA LEU A 73 -4.37 2.18 8.34
C LEU A 73 -3.91 1.92 6.89
N ASP A 74 -4.48 2.66 5.94
CA ASP A 74 -4.12 2.60 4.51
C ASP A 74 -4.18 1.21 3.84
N ASN A 75 -3.09 0.74 3.22
CA ASN A 75 -3.03 -0.53 2.48
C ASN A 75 -1.59 -1.10 2.49
N LYS A 76 -1.44 -2.41 2.71
CA LYS A 76 -0.16 -3.14 2.67
C LYS A 76 0.58 -3.03 1.32
N VAL A 77 -0.15 -2.80 0.22
CA VAL A 77 0.38 -2.57 -1.13
C VAL A 77 0.96 -1.17 -1.44
N GLU A 78 0.99 -0.28 -0.44
CA GLU A 78 1.37 1.14 -0.56
C GLU A 78 0.41 1.98 -1.44
N PHE A 79 0.75 3.26 -1.65
CA PHE A 79 -0.08 4.24 -2.35
C PHE A 79 -0.49 3.92 -3.80
N GLY A 80 -1.69 4.35 -4.20
CA GLY A 80 -2.26 4.11 -5.54
C GLY A 80 -2.88 2.72 -5.74
N VAL A 81 -2.87 1.86 -4.71
CA VAL A 81 -3.44 0.49 -4.70
C VAL A 81 -2.85 -0.49 -5.74
N TRP A 82 -3.35 -1.74 -5.76
CA TRP A 82 -2.85 -2.82 -6.61
C TRP A 82 -2.85 -2.46 -8.11
N GLY A 83 -1.75 -2.76 -8.81
CA GLY A 83 -1.61 -2.60 -10.26
C GLY A 83 -1.99 -3.85 -11.05
N GLY A 84 -2.60 -3.67 -12.22
CA GLY A 84 -2.90 -4.74 -13.21
C GLY A 84 -4.10 -5.66 -12.87
N MET A 85 -4.44 -5.84 -11.59
CA MET A 85 -5.68 -6.52 -11.17
C MET A 85 -6.90 -5.64 -11.49
N THR A 86 -7.73 -6.03 -12.46
CA THR A 86 -8.81 -5.20 -13.04
C THR A 86 -9.77 -4.49 -12.08
N GLU A 87 -10.04 -3.20 -12.31
CA GLU A 87 -10.75 -2.29 -11.39
C GLU A 87 -12.08 -2.83 -10.83
N ARG A 88 -13.09 -3.04 -11.67
CA ARG A 88 -14.44 -3.42 -11.21
C ARG A 88 -14.49 -4.82 -10.60
N GLN A 89 -13.75 -5.77 -11.18
CA GLN A 89 -13.62 -7.14 -10.65
C GLN A 89 -12.93 -7.15 -9.28
N ARG A 90 -11.81 -6.42 -9.13
CA ARG A 90 -11.07 -6.28 -7.87
C ARG A 90 -11.96 -5.69 -6.77
N ARG A 91 -12.63 -4.57 -7.04
CA ARG A 91 -13.52 -3.87 -6.10
C ARG A 91 -14.73 -4.70 -5.68
N ALA A 92 -15.45 -5.29 -6.65
CA ALA A 92 -16.63 -6.12 -6.39
C ALA A 92 -16.31 -7.36 -5.57
N LEU A 93 -15.25 -8.11 -5.95
CA LEU A 93 -14.85 -9.32 -5.22
C LEU A 93 -14.25 -9.01 -3.85
N LEU A 94 -13.59 -7.86 -3.67
CA LEU A 94 -13.05 -7.43 -2.37
C LEU A 94 -14.17 -7.16 -1.35
N LYS A 95 -15.27 -6.53 -1.79
CA LYS A 95 -16.47 -6.33 -0.94
C LYS A 95 -17.17 -7.64 -0.57
N GLN A 96 -17.17 -8.62 -1.48
CA GLN A 96 -17.77 -9.95 -1.25
C GLN A 96 -16.91 -10.90 -0.39
N HIS A 97 -15.58 -10.85 -0.53
CA HIS A 97 -14.64 -11.82 0.06
C HIS A 97 -13.38 -11.16 0.70
N PRO A 98 -13.52 -10.22 1.65
CA PRO A 98 -12.39 -9.43 2.17
C PRO A 98 -11.40 -10.24 3.04
N GLU A 99 -11.85 -11.30 3.73
CA GLU A 99 -11.04 -12.03 4.72
C GLU A 99 -10.12 -13.12 4.13
N VAL A 100 -10.39 -13.59 2.90
CA VAL A 100 -9.73 -14.76 2.29
C VAL A 100 -8.49 -14.44 1.44
N VAL A 101 -7.45 -15.29 1.54
CA VAL A 101 -6.22 -15.18 0.72
C VAL A 101 -6.44 -15.49 -0.77
N SER A 102 -7.40 -16.37 -1.07
CA SER A 102 -7.76 -16.79 -2.44
C SER A 102 -8.24 -15.63 -3.33
N TRP A 103 -8.72 -14.52 -2.74
CA TRP A 103 -9.09 -13.30 -3.46
C TRP A 103 -7.91 -12.70 -4.25
N SER A 104 -6.76 -12.53 -3.58
CA SER A 104 -5.54 -12.03 -4.21
C SER A 104 -5.04 -13.00 -5.29
N ASP A 105 -5.01 -14.30 -4.99
CA ASP A 105 -4.53 -15.32 -5.91
C ASP A 105 -5.36 -15.46 -7.20
N TYR A 106 -6.69 -15.39 -7.09
CA TYR A 106 -7.59 -15.37 -8.25
C TYR A 106 -7.41 -14.18 -9.20
N LEU A 107 -7.32 -12.98 -8.63
CA LEU A 107 -7.07 -11.75 -9.39
C LEU A 107 -5.65 -11.71 -9.96
N GLU A 108 -4.66 -12.29 -9.27
CA GLU A 108 -3.31 -12.50 -9.81
C GLU A 108 -3.30 -13.46 -10.99
N LYS A 109 -4.01 -14.61 -10.91
CA LYS A 109 -4.21 -15.52 -12.04
C LYS A 109 -4.85 -14.82 -13.25
N ARG A 110 -5.86 -13.97 -13.03
CA ARG A 110 -6.48 -13.12 -14.07
C ARG A 110 -5.49 -12.12 -14.68
N LYS A 111 -4.71 -11.42 -13.85
CA LYS A 111 -3.65 -10.48 -14.27
C LYS A 111 -2.56 -11.15 -15.11
N ARG A 112 -2.20 -12.39 -14.74
CA ARG A 112 -1.29 -13.31 -15.49
C ARG A 112 -2.04 -14.18 -16.52
N ARG A 113 -3.13 -13.67 -17.12
CA ARG A 113 -4.12 -14.33 -18.00
C ARG A 113 -4.85 -15.52 -17.36
N THR A 114 -4.11 -16.57 -17.01
CA THR A 114 -4.56 -17.73 -16.21
C THR A 114 -3.63 -18.18 -15.08
N GLY A 115 -2.40 -17.63 -15.01
CA GLY A 115 -1.34 -18.09 -14.11
C GLY A 115 -0.83 -19.51 -14.40
N THR A 116 -0.06 -20.08 -13.47
CA THR A 116 0.49 -21.45 -13.55
C THR A 116 -0.55 -22.57 -13.64
N ALA A 117 -0.35 -23.55 -14.54
CA ALA A 117 -1.22 -24.71 -14.69
C ALA A 117 -1.16 -25.67 -13.47
N GLY A 118 -2.27 -26.34 -13.17
CA GLY A 118 -2.38 -27.31 -12.07
C GLY A 118 -1.60 -28.61 -12.32
N LEU A 119 -1.08 -29.22 -11.24
CA LEU A 119 -0.18 -30.37 -11.26
C LEU A 119 -0.80 -31.66 -11.86
N GLU A 120 -2.13 -31.73 -11.99
CA GLU A 120 -2.87 -32.87 -12.54
C GLU A 120 -2.47 -33.21 -14.00
N HIS A 121 -1.98 -32.23 -14.77
CA HIS A 121 -1.49 -32.42 -16.15
C HIS A 121 -0.36 -33.46 -16.21
N HIS A 122 -0.45 -34.44 -17.12
CA HIS A 122 0.42 -35.63 -17.21
C HIS A 122 0.50 -36.51 -15.94
N HIS A 123 -0.46 -36.36 -15.00
CA HIS A 123 -0.53 -37.12 -13.73
C HIS A 123 -1.87 -37.85 -13.52
N HIS A 124 -3.01 -37.19 -13.74
CA HIS A 124 -4.35 -37.84 -13.71
C HIS A 124 -4.57 -38.79 -14.90
N HIS A 125 -3.93 -38.47 -16.04
CA HIS A 125 -3.83 -39.25 -17.29
C HIS A 125 -2.47 -38.97 -17.95
N HIS A 126 -2.09 -39.74 -18.98
CA HIS A 126 -0.86 -39.51 -19.77
C HIS A 126 -0.86 -38.14 -20.48
N MET A 1 -60.92 32.96 11.65
CA MET A 1 -61.16 32.53 10.24
C MET A 1 -60.78 31.06 10.02
N SER A 2 -61.38 30.40 9.02
CA SER A 2 -61.13 29.00 8.64
C SER A 2 -61.41 28.76 7.16
N GLY A 3 -60.67 27.84 6.53
CA GLY A 3 -60.82 27.47 5.11
C GLY A 3 -59.86 26.37 4.65
N THR A 4 -60.13 25.80 3.47
CA THR A 4 -59.39 24.71 2.78
C THR A 4 -59.24 23.33 3.45
N ARG A 5 -58.99 23.28 4.76
CA ARG A 5 -58.85 22.09 5.62
C ARG A 5 -57.92 21.01 5.01
N PRO A 6 -56.58 21.23 4.98
CA PRO A 6 -55.63 20.35 4.31
C PRO A 6 -55.53 18.91 4.87
N ALA A 7 -55.88 18.71 6.14
CA ALA A 7 -55.82 17.42 6.84
C ALA A 7 -56.94 17.26 7.88
N ALA A 8 -57.17 16.01 8.34
CA ALA A 8 -58.17 15.66 9.34
C ALA A 8 -57.79 16.03 10.80
N ARG A 9 -56.55 16.46 11.03
CA ARG A 9 -55.97 16.79 12.35
C ARG A 9 -56.78 17.86 13.11
N ARG A 10 -56.88 17.68 14.43
CA ARG A 10 -57.67 18.52 15.38
C ARG A 10 -57.10 18.41 16.80
N THR A 11 -57.59 19.23 17.73
CA THR A 11 -57.09 19.31 19.12
C THR A 11 -56.97 18.01 19.92
N ASN A 12 -57.83 17.03 19.63
CA ASN A 12 -57.87 15.70 20.28
C ASN A 12 -57.34 14.54 19.42
N LEU A 13 -56.87 14.79 18.18
CA LEU A 13 -56.43 13.75 17.23
C LEU A 13 -55.39 14.28 16.23
N THR A 14 -54.17 13.73 16.28
CA THR A 14 -53.01 14.13 15.44
C THR A 14 -53.05 13.76 13.96
N ALA A 15 -53.97 12.89 13.53
CA ALA A 15 -54.00 12.26 12.20
C ALA A 15 -52.68 11.55 11.83
N ALA A 16 -51.95 11.06 12.86
CA ALA A 16 -50.61 10.49 12.79
C ALA A 16 -49.54 11.38 12.14
N GLN A 17 -49.64 12.72 12.27
CA GLN A 17 -48.59 13.68 11.90
C GLN A 17 -47.42 13.66 12.91
N ASN A 18 -46.95 12.45 13.23
CA ASN A 18 -46.00 12.12 14.30
C ASN A 18 -44.54 12.28 13.83
N VAL A 19 -43.62 12.58 14.76
CA VAL A 19 -42.18 12.75 14.51
C VAL A 19 -41.39 11.44 14.58
N VAL A 20 -40.45 11.22 13.66
CA VAL A 20 -39.59 10.01 13.60
C VAL A 20 -40.38 8.69 13.53
N ARG A 21 -41.27 8.59 12.53
CA ARG A 21 -42.21 7.46 12.35
C ARG A 21 -41.50 6.10 12.16
N SER A 22 -40.30 6.12 11.56
CA SER A 22 -39.36 5.00 11.47
C SER A 22 -39.98 3.72 10.84
N VAL A 23 -39.48 2.53 11.23
CA VAL A 23 -39.84 1.18 10.72
C VAL A 23 -39.48 0.89 9.26
N ASP A 24 -40.10 1.61 8.32
CA ASP A 24 -39.90 1.39 6.89
C ASP A 24 -38.54 1.85 6.32
N ALA A 25 -37.98 1.10 5.36
CA ALA A 25 -36.63 1.32 4.83
C ALA A 25 -36.43 2.71 4.17
N GLU A 26 -37.49 3.30 3.60
CA GLU A 26 -37.46 4.61 2.94
C GLU A 26 -37.97 5.73 3.86
N GLU A 27 -38.91 5.42 4.76
CA GLU A 27 -39.37 6.32 5.82
C GLU A 27 -38.22 6.68 6.77
N ARG A 28 -37.37 5.71 7.16
CA ARG A 28 -36.16 5.97 7.96
C ARG A 28 -35.12 6.85 7.25
N ILE A 29 -35.08 6.83 5.91
CA ILE A 29 -34.30 7.78 5.11
C ILE A 29 -34.94 9.18 5.13
N ALA A 30 -36.26 9.26 5.03
CA ALA A 30 -37.00 10.53 5.11
C ALA A 30 -36.81 11.25 6.46
N TRP A 31 -36.78 10.50 7.57
CA TRP A 31 -36.49 11.00 8.92
C TRP A 31 -35.00 11.17 9.30
N VAL A 32 -34.06 10.92 8.39
CA VAL A 32 -32.61 10.88 8.70
C VAL A 32 -32.00 12.19 9.25
N SER A 33 -32.57 13.35 8.87
CA SER A 33 -32.23 14.66 9.43
C SER A 33 -33.36 15.68 9.24
N LYS A 34 -33.52 16.60 10.21
CA LYS A 34 -34.41 17.77 10.14
C LYS A 34 -33.80 18.99 9.44
N ALA A 35 -32.53 18.89 9.00
CA ALA A 35 -31.72 19.99 8.47
C ALA A 35 -30.91 19.58 7.21
N LEU A 36 -30.03 20.46 6.74
CA LEU A 36 -29.11 20.20 5.62
C LEU A 36 -28.12 19.06 5.91
N CYS A 37 -27.54 18.48 4.86
CA CYS A 37 -26.65 17.31 4.94
C CYS A 37 -25.37 17.53 5.77
N ARG A 38 -24.85 18.77 5.82
CA ARG A 38 -23.75 19.18 6.71
C ARG A 38 -24.30 19.45 8.13
N THR A 39 -24.29 18.42 8.97
CA THR A 39 -24.57 18.54 10.41
C THR A 39 -23.49 19.33 11.18
N THR A 40 -23.77 19.72 12.43
CA THR A 40 -22.82 20.45 13.29
C THR A 40 -21.44 19.80 13.44
N ASP A 41 -20.37 20.56 13.21
CA ASP A 41 -18.99 20.11 13.42
C ASP A 41 -18.69 19.73 14.89
N PRO A 42 -17.84 18.72 15.18
CA PRO A 42 -17.69 18.18 16.54
C PRO A 42 -17.16 19.20 17.56
N ASP A 43 -16.25 20.08 17.16
CA ASP A 43 -15.74 21.16 18.02
C ASP A 43 -16.80 22.21 18.38
N GLU A 44 -17.54 22.68 17.39
CA GLU A 44 -18.72 23.54 17.54
C GLU A 44 -19.82 22.91 18.41
N LEU A 45 -20.14 21.64 18.18
CA LEU A 45 -21.14 20.87 18.92
C LEU A 45 -20.75 20.67 20.40
N PHE A 46 -19.45 20.49 20.68
CA PHE A 46 -18.93 20.44 22.04
C PHE A 46 -18.83 21.78 22.79
N VAL A 47 -18.24 22.81 22.17
CA VAL A 47 -17.99 24.12 22.81
C VAL A 47 -19.24 24.94 23.17
N ARG A 48 -20.36 24.75 22.46
CA ARG A 48 -21.66 25.38 22.80
C ARG A 48 -22.26 24.84 24.11
N GLY A 49 -21.88 23.65 24.55
CA GLY A 49 -22.18 23.10 25.87
C GLY A 49 -21.09 23.48 26.87
N ALA A 50 -21.38 24.41 27.78
CA ALA A 50 -20.40 24.97 28.72
C ALA A 50 -19.89 23.96 29.78
N ALA A 51 -18.78 24.30 30.45
CA ALA A 51 -18.03 23.43 31.37
C ALA A 51 -17.57 22.10 30.70
N GLN A 52 -17.14 22.21 29.43
CA GLN A 52 -16.83 21.08 28.55
C GLN A 52 -15.54 20.31 28.98
N ARG A 53 -15.52 18.99 28.72
CA ARG A 53 -14.34 18.12 28.91
C ARG A 53 -13.54 17.93 27.61
N LYS A 54 -12.26 17.58 27.74
CA LYS A 54 -11.31 17.43 26.61
C LYS A 54 -11.63 16.24 25.68
N ALA A 55 -12.25 15.19 26.22
CA ALA A 55 -12.62 13.99 25.45
C ALA A 55 -13.65 14.28 24.34
N ALA A 56 -13.52 13.59 23.20
CA ALA A 56 -14.46 13.55 22.07
C ALA A 56 -14.76 14.90 21.34
N VAL A 57 -14.04 15.99 21.64
CA VAL A 57 -14.19 17.29 20.96
C VAL A 57 -13.81 17.28 19.47
N ILE A 58 -13.06 16.28 19.02
CA ILE A 58 -12.72 16.01 17.60
C ILE A 58 -12.75 14.49 17.31
N CYS A 59 -12.98 14.14 16.04
CA CYS A 59 -12.99 12.75 15.54
C CYS A 59 -12.51 12.70 14.08
N ARG A 60 -11.91 11.59 13.64
CA ARG A 60 -11.43 11.33 12.25
C ARG A 60 -10.53 12.42 11.62
N HIS A 61 -9.81 13.17 12.46
CA HIS A 61 -8.97 14.32 12.03
C HIS A 61 -7.61 13.93 11.42
N CYS A 62 -7.08 12.75 11.74
CA CYS A 62 -5.85 12.23 11.10
C CYS A 62 -6.15 11.71 9.68
N PRO A 63 -5.42 12.14 8.64
CA PRO A 63 -5.60 11.64 7.26
C PRO A 63 -5.07 10.21 7.09
N VAL A 64 -5.57 9.50 6.06
CA VAL A 64 -5.21 8.10 5.76
C VAL A 64 -3.71 7.86 5.58
N MET A 65 -3.01 8.83 4.97
CA MET A 65 -1.55 8.77 4.79
C MET A 65 -0.79 8.79 6.11
N GLN A 66 -1.22 9.60 7.08
CA GLN A 66 -0.60 9.62 8.42
C GLN A 66 -0.99 8.40 9.27
N GLU A 67 -2.19 7.84 9.08
CA GLU A 67 -2.56 6.55 9.67
C GLU A 67 -1.70 5.40 9.11
N CYS A 68 -1.35 5.46 7.82
CA CYS A 68 -0.44 4.54 7.13
C CYS A 68 1.07 4.86 7.31
N ALA A 69 1.42 5.82 8.16
CA ALA A 69 2.78 6.34 8.38
C ALA A 69 3.52 6.82 7.10
N ALA A 70 2.78 7.17 6.05
CA ALA A 70 3.33 7.49 4.72
C ALA A 70 4.18 8.77 4.70
N ASP A 71 3.86 9.75 5.56
CA ASP A 71 4.70 10.93 5.80
C ASP A 71 6.09 10.65 6.42
N ALA A 72 6.23 9.54 7.14
CA ALA A 72 7.46 9.10 7.81
C ALA A 72 8.24 8.03 7.02
N LEU A 73 7.55 7.07 6.40
CA LEU A 73 8.12 5.87 5.79
C LEU A 73 8.04 5.88 4.25
N ASP A 74 6.86 5.62 3.68
CA ASP A 74 6.65 5.42 2.24
C ASP A 74 5.25 5.75 1.71
N ASN A 75 5.16 6.31 0.51
CA ASN A 75 3.88 6.64 -0.15
C ASN A 75 3.10 5.35 -0.51
N LYS A 76 1.90 5.17 0.05
CA LYS A 76 1.02 4.02 -0.21
C LYS A 76 0.33 4.12 -1.58
N VAL A 77 0.25 2.98 -2.27
CA VAL A 77 -0.42 2.83 -3.58
C VAL A 77 -1.95 2.87 -3.48
N GLU A 78 -2.64 3.46 -4.46
CA GLU A 78 -4.11 3.47 -4.56
C GLU A 78 -4.73 2.06 -4.64
N PHE A 79 -3.95 1.07 -5.10
CA PHE A 79 -4.27 -0.36 -5.06
C PHE A 79 -4.23 -1.07 -3.69
N GLY A 80 -3.76 -0.39 -2.64
CA GLY A 80 -3.45 -0.99 -1.34
C GLY A 80 -2.04 -1.58 -1.32
N VAL A 81 -1.87 -2.78 -0.73
CA VAL A 81 -0.59 -3.53 -0.80
C VAL A 81 -0.34 -4.23 -2.15
N TRP A 82 -1.38 -4.39 -2.98
CA TRP A 82 -1.32 -4.98 -4.32
C TRP A 82 -1.05 -3.92 -5.42
N GLY A 83 -1.12 -4.31 -6.69
CA GLY A 83 -0.97 -3.41 -7.84
C GLY A 83 -1.38 -4.02 -9.18
N GLY A 84 -1.82 -3.18 -10.13
CA GLY A 84 -2.11 -3.56 -11.53
C GLY A 84 -3.39 -4.37 -11.77
N MET A 85 -4.24 -4.54 -10.75
CA MET A 85 -5.51 -5.29 -10.83
C MET A 85 -6.57 -4.57 -11.68
N THR A 86 -7.55 -5.31 -12.21
CA THR A 86 -8.74 -4.71 -12.85
C THR A 86 -9.68 -4.07 -11.82
N GLU A 87 -10.02 -2.79 -11.96
CA GLU A 87 -10.74 -2.03 -10.90
C GLU A 87 -12.09 -2.64 -10.51
N ARG A 88 -12.94 -2.97 -11.49
CA ARG A 88 -14.27 -3.56 -11.24
C ARG A 88 -14.17 -4.92 -10.55
N GLN A 89 -13.28 -5.79 -11.05
CA GLN A 89 -13.09 -7.14 -10.52
C GLN A 89 -12.50 -7.12 -9.10
N ARG A 90 -11.50 -6.27 -8.85
CA ARG A 90 -10.96 -6.00 -7.50
C ARG A 90 -12.06 -5.56 -6.54
N ARG A 91 -12.77 -4.48 -6.87
CA ARG A 91 -13.75 -3.81 -6.01
C ARG A 91 -14.97 -4.68 -5.71
N ALA A 92 -15.50 -5.38 -6.72
CA ALA A 92 -16.63 -6.31 -6.57
C ALA A 92 -16.26 -7.52 -5.68
N LEU A 93 -15.16 -8.21 -5.99
CA LEU A 93 -14.77 -9.44 -5.27
C LEU A 93 -14.27 -9.13 -3.84
N LEU A 94 -13.56 -8.02 -3.64
CA LEU A 94 -13.09 -7.59 -2.31
C LEU A 94 -14.25 -7.21 -1.37
N LYS A 95 -15.33 -6.63 -1.92
CA LYS A 95 -16.56 -6.32 -1.19
C LYS A 95 -17.36 -7.58 -0.86
N GLN A 96 -17.42 -8.52 -1.82
CA GLN A 96 -18.12 -9.81 -1.69
C GLN A 96 -17.46 -10.77 -0.66
N HIS A 97 -16.12 -10.85 -0.67
CA HIS A 97 -15.30 -11.74 0.18
C HIS A 97 -14.09 -11.00 0.80
N PRO A 98 -14.26 -10.18 1.85
CA PRO A 98 -13.19 -9.35 2.42
C PRO A 98 -12.07 -10.14 3.12
N GLU A 99 -12.39 -11.26 3.77
CA GLU A 99 -11.45 -11.99 4.66
C GLU A 99 -10.63 -13.09 3.99
N VAL A 100 -11.04 -13.60 2.82
CA VAL A 100 -10.41 -14.78 2.18
C VAL A 100 -9.02 -14.52 1.60
N VAL A 101 -8.03 -15.36 1.96
CA VAL A 101 -6.62 -15.21 1.52
C VAL A 101 -6.40 -15.43 0.02
N SER A 102 -7.20 -16.30 -0.60
CA SER A 102 -7.10 -16.67 -2.03
C SER A 102 -7.54 -15.56 -3.01
N TRP A 103 -8.17 -14.49 -2.52
CA TRP A 103 -8.74 -13.41 -3.36
C TRP A 103 -7.72 -12.70 -4.27
N SER A 104 -6.58 -12.28 -3.71
CA SER A 104 -5.50 -11.63 -4.46
C SER A 104 -4.81 -12.59 -5.44
N ASP A 105 -4.58 -13.84 -5.02
CA ASP A 105 -4.05 -14.92 -5.87
C ASP A 105 -4.93 -15.28 -7.07
N TYR A 106 -6.25 -15.33 -6.87
CA TYR A 106 -7.23 -15.51 -7.92
C TYR A 106 -7.30 -14.37 -8.96
N LEU A 107 -7.23 -13.11 -8.49
CA LEU A 107 -7.06 -11.93 -9.35
C LEU A 107 -5.72 -11.96 -10.12
N GLU A 108 -4.63 -12.40 -9.50
CA GLU A 108 -3.35 -12.59 -10.19
C GLU A 108 -3.45 -13.65 -11.30
N LYS A 109 -4.20 -14.73 -11.09
CA LYS A 109 -4.55 -15.70 -12.16
C LYS A 109 -5.37 -15.06 -13.29
N ARG A 110 -6.37 -14.22 -13.00
CA ARG A 110 -7.12 -13.47 -14.02
C ARG A 110 -6.24 -12.50 -14.81
N LYS A 111 -5.32 -11.80 -14.14
CA LYS A 111 -4.34 -10.89 -14.77
C LYS A 111 -3.35 -11.64 -15.69
N ARG A 112 -2.82 -12.78 -15.22
CA ARG A 112 -1.72 -13.54 -15.83
C ARG A 112 -2.12 -14.58 -16.88
N ARG A 113 -3.28 -15.22 -16.73
CA ARG A 113 -3.72 -16.39 -17.54
C ARG A 113 -5.21 -16.36 -17.95
N THR A 114 -6.10 -16.01 -17.01
CA THR A 114 -7.57 -16.00 -17.15
C THR A 114 -8.29 -17.34 -17.40
N GLY A 115 -9.63 -17.33 -17.26
CA GLY A 115 -10.49 -18.52 -17.24
C GLY A 115 -10.57 -19.32 -18.56
N THR A 116 -9.98 -18.84 -19.64
CA THR A 116 -9.87 -19.56 -20.93
C THR A 116 -9.09 -20.88 -20.90
N ALA A 117 -8.08 -20.97 -20.03
CA ALA A 117 -7.30 -22.20 -19.80
C ALA A 117 -8.16 -23.27 -19.10
N GLY A 118 -8.06 -24.53 -19.58
CA GLY A 118 -8.84 -25.66 -19.10
C GLY A 118 -10.13 -25.92 -19.90
N LEU A 119 -10.49 -25.04 -20.85
CA LEU A 119 -11.62 -25.22 -21.77
C LEU A 119 -11.26 -26.08 -23.01
N GLU A 120 -9.98 -26.21 -23.34
CA GLU A 120 -9.48 -27.04 -24.45
C GLU A 120 -9.69 -28.55 -24.20
N HIS A 121 -9.80 -29.34 -25.28
CA HIS A 121 -10.07 -30.78 -25.21
C HIS A 121 -8.91 -31.59 -24.57
N HIS A 122 -9.27 -32.57 -23.73
CA HIS A 122 -8.38 -33.59 -23.14
C HIS A 122 -9.05 -34.98 -23.19
N HIS A 123 -8.26 -36.07 -23.19
CA HIS A 123 -8.74 -37.45 -23.45
C HIS A 123 -9.55 -38.11 -22.31
N HIS A 124 -9.75 -37.44 -21.16
CA HIS A 124 -10.67 -37.91 -20.09
C HIS A 124 -12.07 -38.17 -20.66
N HIS A 125 -12.66 -39.33 -20.35
CA HIS A 125 -13.90 -39.91 -20.93
C HIS A 125 -13.85 -40.20 -22.45
N HIS A 126 -13.50 -39.22 -23.30
CA HIS A 126 -13.33 -39.35 -24.76
C HIS A 126 -12.32 -38.32 -25.30
N MET A 1 -15.15 23.07 46.08
CA MET A 1 -14.66 23.55 44.75
C MET A 1 -15.68 24.48 44.09
N SER A 2 -15.24 25.29 43.11
CA SER A 2 -16.09 26.22 42.35
C SER A 2 -17.14 25.52 41.47
N GLY A 3 -18.27 26.21 41.22
CA GLY A 3 -19.38 25.70 40.41
C GLY A 3 -20.52 26.70 40.25
N THR A 4 -21.59 26.28 39.55
CA THR A 4 -22.85 27.03 39.31
C THR A 4 -22.81 28.30 38.46
N ARG A 5 -21.76 29.12 38.59
CA ARG A 5 -21.52 30.34 37.77
C ARG A 5 -21.17 30.00 36.31
N PRO A 6 -21.40 30.93 35.35
CA PRO A 6 -20.95 30.80 33.96
C PRO A 6 -19.42 30.73 33.79
N ALA A 7 -18.99 30.59 32.53
CA ALA A 7 -17.59 30.59 32.12
C ALA A 7 -16.83 31.88 32.48
N ALA A 8 -17.53 33.02 32.57
CA ALA A 8 -16.97 34.35 32.89
C ALA A 8 -15.83 34.79 31.94
N ARG A 9 -15.86 34.34 30.69
CA ARG A 9 -14.82 34.58 29.67
C ARG A 9 -14.77 36.03 29.17
N ARG A 10 -13.67 36.40 28.50
CA ARG A 10 -13.55 37.66 27.76
C ARG A 10 -14.37 37.66 26.46
N THR A 11 -14.74 38.85 25.98
CA THR A 11 -15.32 39.05 24.64
C THR A 11 -14.29 38.85 23.53
N ASN A 12 -14.62 38.12 22.45
CA ASN A 12 -13.65 37.68 21.42
C ASN A 12 -12.49 36.88 22.07
N LEU A 13 -11.36 36.69 21.37
CA LEU A 13 -10.19 35.92 21.83
C LEU A 13 -8.87 36.68 21.58
N THR A 14 -7.95 36.61 22.55
CA THR A 14 -6.65 37.31 22.53
C THR A 14 -5.63 36.86 21.47
N ALA A 15 -5.69 35.58 21.07
CA ALA A 15 -4.82 34.95 20.06
C ALA A 15 -3.30 35.11 20.34
N ALA A 16 -2.90 35.08 21.61
CA ALA A 16 -1.55 35.35 22.10
C ALA A 16 -0.57 34.14 22.06
N GLN A 17 -0.99 33.00 21.47
CA GLN A 17 -0.19 31.76 21.42
C GLN A 17 1.11 31.92 20.60
N ASN A 18 2.17 31.22 21.03
CA ASN A 18 3.53 31.29 20.48
C ASN A 18 4.03 29.91 19.97
N VAL A 19 3.17 29.19 19.26
CA VAL A 19 3.49 27.88 18.65
C VAL A 19 4.56 27.95 17.57
N VAL A 20 5.13 26.81 17.18
CA VAL A 20 6.32 26.72 16.29
C VAL A 20 6.20 27.41 14.93
N ARG A 21 4.98 27.58 14.40
CA ARG A 21 4.69 28.33 13.15
C ARG A 21 4.95 29.84 13.27
N SER A 22 4.86 30.42 14.47
CA SER A 22 5.03 31.86 14.73
C SER A 22 6.46 32.36 14.43
N VAL A 23 7.46 31.47 14.48
CA VAL A 23 8.85 31.68 14.05
C VAL A 23 9.30 30.60 13.06
N ASP A 24 8.54 30.44 11.97
CA ASP A 24 8.67 29.32 11.02
C ASP A 24 10.04 29.05 10.36
N ALA A 25 10.88 30.07 10.23
CA ALA A 25 12.26 29.91 9.75
C ALA A 25 13.20 29.24 10.78
N GLU A 26 12.91 29.36 12.08
CA GLU A 26 13.81 28.95 13.18
C GLU A 26 13.23 27.94 14.18
N GLU A 27 12.08 28.21 14.80
CA GLU A 27 11.59 27.41 15.94
C GLU A 27 11.24 25.96 15.55
N ARG A 28 10.56 25.74 14.42
CA ARG A 28 10.30 24.39 13.88
C ARG A 28 11.55 23.63 13.42
N ILE A 29 12.65 24.35 13.14
CA ILE A 29 13.95 23.75 12.79
C ILE A 29 14.72 23.31 14.05
N ALA A 30 14.72 24.15 15.08
CA ALA A 30 15.30 23.84 16.40
C ALA A 30 14.51 22.75 17.15
N TRP A 31 13.17 22.72 16.97
CA TRP A 31 12.23 21.82 17.61
C TRP A 31 11.24 21.22 16.60
N VAL A 32 11.69 20.22 15.83
CA VAL A 32 10.79 19.41 14.97
C VAL A 32 9.68 18.69 15.76
N SER A 33 9.97 18.35 17.02
CA SER A 33 9.03 17.86 18.04
C SER A 33 9.60 18.14 19.44
N LYS A 34 8.75 18.56 20.39
CA LYS A 34 9.14 18.85 21.79
C LYS A 34 9.08 17.65 22.74
N ALA A 35 8.55 16.51 22.28
CA ALA A 35 8.48 15.24 23.01
C ALA A 35 8.61 14.02 22.06
N LEU A 36 9.12 12.90 22.60
CA LEU A 36 9.41 11.64 21.88
C LEU A 36 10.45 11.76 20.74
N CYS A 37 10.93 10.62 20.25
CA CYS A 37 11.98 10.51 19.22
C CYS A 37 11.42 10.65 17.78
N ARG A 38 10.52 11.62 17.54
CA ARG A 38 9.85 11.83 16.26
C ARG A 38 10.79 12.30 15.15
N THR A 39 10.53 11.85 13.92
CA THR A 39 11.17 12.33 12.69
C THR A 39 12.68 12.06 12.47
N THR A 40 13.29 11.22 13.29
CA THR A 40 14.67 10.71 13.12
C THR A 40 14.88 9.71 11.97
N ASP A 41 14.48 10.11 10.77
CA ASP A 41 14.37 9.28 9.57
C ASP A 41 15.69 8.71 8.98
N PRO A 42 15.64 7.61 8.18
CA PRO A 42 16.86 6.94 7.69
C PRO A 42 17.81 7.83 6.87
N ASP A 43 17.30 8.82 6.15
CA ASP A 43 18.13 9.81 5.45
C ASP A 43 18.99 10.71 6.37
N GLU A 44 18.55 10.95 7.61
CA GLU A 44 19.37 11.59 8.64
C GLU A 44 20.36 10.60 9.26
N LEU A 45 19.91 9.37 9.56
CA LEU A 45 20.75 8.32 10.15
C LEU A 45 21.93 7.91 9.25
N PHE A 46 21.76 7.95 7.92
CA PHE A 46 22.84 7.80 6.95
C PHE A 46 23.79 9.00 6.71
N VAL A 47 23.65 10.09 7.47
CA VAL A 47 24.47 11.31 7.36
C VAL A 47 24.88 11.97 8.70
N ARG A 48 24.84 11.21 9.79
CA ARG A 48 25.38 11.63 11.11
C ARG A 48 26.89 11.88 11.04
N GLY A 49 27.60 11.06 10.26
CA GLY A 49 29.00 11.23 9.86
C GLY A 49 29.14 11.53 8.36
N ALA A 50 30.29 12.08 7.95
CA ALA A 50 30.59 12.34 6.54
C ALA A 50 30.76 11.04 5.73
N ALA A 51 30.24 11.00 4.51
CA ALA A 51 30.27 9.86 3.58
C ALA A 51 29.71 8.52 4.17
N GLN A 52 28.81 8.61 5.15
CA GLN A 52 28.26 7.45 5.88
C GLN A 52 27.27 6.60 5.06
N ARG A 53 26.63 7.18 4.03
CA ARG A 53 25.65 6.49 3.17
C ARG A 53 26.26 5.30 2.42
N LYS A 54 25.58 4.14 2.51
CA LYS A 54 25.97 2.87 1.87
C LYS A 54 24.70 2.03 1.58
N ALA A 55 24.64 1.42 0.38
CA ALA A 55 23.45 0.74 -0.17
C ALA A 55 22.18 1.64 -0.17
N ALA A 56 20.99 1.04 -0.29
CA ALA A 56 19.72 1.77 -0.24
C ALA A 56 19.47 2.38 1.17
N VAL A 57 19.08 3.66 1.21
CA VAL A 57 18.76 4.39 2.47
C VAL A 57 17.52 3.78 3.13
N ILE A 58 16.50 3.44 2.32
CA ILE A 58 15.33 2.65 2.74
C ILE A 58 15.67 1.16 2.53
N CYS A 59 16.44 0.60 3.47
CA CYS A 59 16.95 -0.77 3.40
C CYS A 59 15.78 -1.78 3.43
N ARG A 60 15.71 -2.65 2.41
CA ARG A 60 14.60 -3.61 2.19
C ARG A 60 14.77 -4.93 2.95
N HIS A 61 13.67 -5.69 3.05
CA HIS A 61 13.58 -7.02 3.68
C HIS A 61 12.64 -7.95 2.89
N CYS A 62 12.50 -9.21 3.33
CA CYS A 62 11.52 -10.16 2.79
C CYS A 62 10.07 -9.62 2.85
N PRO A 63 9.14 -10.07 1.99
CA PRO A 63 7.82 -9.46 1.82
C PRO A 63 6.82 -9.66 2.98
N VAL A 64 7.22 -10.33 4.07
CA VAL A 64 6.42 -10.46 5.31
C VAL A 64 6.12 -9.11 5.98
N MET A 65 4.98 -9.03 6.67
CA MET A 65 4.48 -7.85 7.38
C MET A 65 4.02 -8.20 8.81
N GLN A 66 3.23 -9.26 8.94
CA GLN A 66 2.84 -9.91 10.20
C GLN A 66 2.28 -11.31 9.90
N GLU A 67 3.02 -12.36 10.22
CA GLU A 67 2.72 -13.75 9.81
C GLU A 67 1.36 -14.27 10.30
N CYS A 68 0.94 -13.83 11.50
CA CYS A 68 -0.34 -14.23 12.12
C CYS A 68 -1.58 -13.41 11.67
N ALA A 69 -1.40 -12.37 10.84
CA ALA A 69 -2.49 -11.47 10.43
C ALA A 69 -2.29 -10.87 9.02
N ALA A 70 -1.47 -9.83 8.91
CA ALA A 70 -1.29 -9.05 7.67
C ALA A 70 -0.89 -9.92 6.47
N ASP A 71 -0.06 -10.95 6.67
CA ASP A 71 0.38 -11.87 5.62
C ASP A 71 -0.72 -12.65 4.89
N ALA A 72 -1.92 -12.75 5.49
CA ALA A 72 -3.09 -13.42 4.94
C ALA A 72 -4.11 -12.46 4.26
N LEU A 73 -3.88 -11.14 4.28
CA LEU A 73 -4.84 -10.13 3.79
C LEU A 73 -4.24 -8.95 3.00
N ASP A 74 -2.98 -8.58 3.26
CA ASP A 74 -2.21 -7.62 2.44
C ASP A 74 -1.49 -8.26 1.25
N ASN A 75 -1.23 -7.48 0.19
CA ASN A 75 -0.42 -7.94 -0.94
C ASN A 75 1.06 -8.03 -0.51
N LYS A 76 1.75 -9.12 -0.85
CA LYS A 76 3.16 -9.41 -0.49
C LYS A 76 4.17 -8.63 -1.36
N VAL A 77 4.05 -7.30 -1.30
CA VAL A 77 4.84 -6.28 -2.03
C VAL A 77 5.03 -5.03 -1.15
N GLU A 78 6.07 -4.22 -1.41
CA GLU A 78 6.43 -3.09 -0.54
C GLU A 78 5.32 -2.02 -0.37
N PHE A 79 4.41 -1.91 -1.36
CA PHE A 79 3.24 -1.02 -1.31
C PHE A 79 1.98 -1.50 -0.57
N GLY A 80 1.92 -2.79 -0.19
CA GLY A 80 0.82 -3.41 0.57
C GLY A 80 -0.53 -3.58 -0.15
N VAL A 81 -0.89 -2.66 -1.04
CA VAL A 81 -2.09 -2.71 -1.90
C VAL A 81 -1.91 -3.57 -3.16
N TRP A 82 -3.01 -3.83 -3.86
CA TRP A 82 -3.08 -4.59 -5.11
C TRP A 82 -2.19 -4.05 -6.25
N GLY A 83 -1.68 -4.96 -7.09
CA GLY A 83 -0.91 -4.64 -8.31
C GLY A 83 -1.80 -4.33 -9.51
N GLY A 84 -1.41 -4.79 -10.71
CA GLY A 84 -2.15 -4.63 -11.98
C GLY A 84 -3.45 -5.44 -12.11
N MET A 85 -4.05 -5.84 -10.99
CA MET A 85 -5.33 -6.56 -10.88
C MET A 85 -6.50 -5.68 -11.38
N THR A 86 -7.39 -6.22 -12.22
CA THR A 86 -8.50 -5.47 -12.83
C THR A 86 -9.47 -4.84 -11.84
N GLU A 87 -9.68 -3.52 -11.90
CA GLU A 87 -10.42 -2.78 -10.86
C GLU A 87 -11.87 -3.20 -10.63
N ARG A 88 -12.65 -3.46 -11.69
CA ARG A 88 -14.07 -3.85 -11.56
C ARG A 88 -14.24 -5.14 -10.76
N GLN A 89 -13.43 -6.15 -11.07
CA GLN A 89 -13.35 -7.43 -10.35
C GLN A 89 -12.74 -7.26 -8.96
N ARG A 90 -11.64 -6.49 -8.82
CA ARG A 90 -10.96 -6.20 -7.54
C ARG A 90 -11.94 -5.62 -6.52
N ARG A 91 -12.62 -4.55 -6.86
CA ARG A 91 -13.52 -3.78 -5.99
C ARG A 91 -14.76 -4.61 -5.59
N ALA A 92 -15.43 -5.23 -6.56
CA ALA A 92 -16.62 -6.04 -6.34
C ALA A 92 -16.33 -7.28 -5.47
N LEU A 93 -15.31 -8.07 -5.83
CA LEU A 93 -14.98 -9.31 -5.11
C LEU A 93 -14.40 -9.03 -3.72
N LEU A 94 -13.68 -7.91 -3.52
CA LEU A 94 -13.18 -7.52 -2.19
C LEU A 94 -14.32 -7.16 -1.22
N LYS A 95 -15.39 -6.52 -1.70
CA LYS A 95 -16.59 -6.25 -0.88
C LYS A 95 -17.43 -7.51 -0.63
N GLN A 96 -17.51 -8.40 -1.62
CA GLN A 96 -18.31 -9.62 -1.59
C GLN A 96 -17.68 -10.76 -0.76
N HIS A 97 -16.35 -10.90 -0.80
CA HIS A 97 -15.57 -11.99 -0.17
C HIS A 97 -14.28 -11.50 0.54
N PRO A 98 -14.35 -10.57 1.52
CA PRO A 98 -13.17 -10.01 2.19
C PRO A 98 -12.39 -11.03 3.05
N GLU A 99 -13.06 -12.09 3.55
CA GLU A 99 -12.46 -13.07 4.47
C GLU A 99 -11.46 -14.03 3.80
N VAL A 100 -11.63 -14.34 2.51
CA VAL A 100 -10.87 -15.39 1.81
C VAL A 100 -9.45 -14.99 1.41
N VAL A 101 -8.46 -15.86 1.69
CA VAL A 101 -7.04 -15.63 1.37
C VAL A 101 -6.74 -15.72 -0.13
N SER A 102 -7.49 -16.56 -0.85
CA SER A 102 -7.35 -16.80 -2.30
C SER A 102 -7.76 -15.62 -3.21
N TRP A 103 -8.38 -14.57 -2.66
CA TRP A 103 -8.90 -13.42 -3.41
C TRP A 103 -7.86 -12.72 -4.30
N SER A 104 -6.69 -12.38 -3.74
CA SER A 104 -5.60 -11.73 -4.46
C SER A 104 -4.94 -12.66 -5.50
N ASP A 105 -4.70 -13.93 -5.13
CA ASP A 105 -4.20 -14.96 -6.06
C ASP A 105 -5.09 -15.23 -7.28
N TYR A 106 -6.41 -15.29 -7.09
CA TYR A 106 -7.37 -15.38 -8.18
C TYR A 106 -7.35 -14.21 -9.18
N LEU A 107 -7.32 -12.99 -8.67
CA LEU A 107 -7.20 -11.77 -9.49
C LEU A 107 -5.84 -11.70 -10.19
N GLU A 108 -4.75 -12.09 -9.54
CA GLU A 108 -3.43 -12.18 -10.17
C GLU A 108 -3.38 -13.25 -11.28
N LYS A 109 -4.01 -14.41 -11.08
CA LYS A 109 -4.18 -15.44 -12.12
C LYS A 109 -4.95 -14.91 -13.33
N ARG A 110 -6.06 -14.20 -13.12
CA ARG A 110 -6.84 -13.52 -14.17
C ARG A 110 -6.05 -12.41 -14.89
N LYS A 111 -5.21 -11.67 -14.16
CA LYS A 111 -4.24 -10.68 -14.70
C LYS A 111 -3.17 -11.35 -15.58
N ARG A 112 -2.64 -12.50 -15.17
CA ARG A 112 -1.65 -13.30 -15.92
C ARG A 112 -2.21 -13.94 -17.20
N ARG A 113 -3.41 -14.52 -17.14
CA ARG A 113 -4.20 -15.01 -18.30
C ARG A 113 -5.71 -14.76 -18.09
N THR A 114 -6.34 -14.02 -19.00
CA THR A 114 -7.77 -13.65 -18.92
C THR A 114 -8.78 -14.78 -19.19
N GLY A 115 -8.35 -15.85 -19.85
CA GLY A 115 -9.15 -17.05 -20.15
C GLY A 115 -8.36 -18.12 -20.90
N THR A 116 -8.95 -19.31 -21.07
CA THR A 116 -8.33 -20.46 -21.74
C THR A 116 -7.96 -20.28 -23.22
N ALA A 117 -6.73 -20.66 -23.60
CA ALA A 117 -6.26 -20.62 -25.00
C ALA A 117 -6.94 -21.71 -25.88
N GLY A 118 -6.95 -21.49 -27.20
CA GLY A 118 -7.48 -22.45 -28.18
C GLY A 118 -6.54 -23.62 -28.48
N LEU A 119 -5.23 -23.47 -28.20
CA LEU A 119 -4.21 -24.53 -28.35
C LEU A 119 -4.22 -25.53 -27.18
N GLU A 120 -3.71 -26.74 -27.42
CA GLU A 120 -3.58 -27.83 -26.44
C GLU A 120 -2.22 -28.53 -26.51
N HIS A 121 -1.78 -29.10 -25.38
CA HIS A 121 -0.50 -29.84 -25.26
C HIS A 121 -0.58 -31.19 -26.02
N HIS A 122 0.56 -31.65 -26.55
CA HIS A 122 0.70 -32.96 -27.21
C HIS A 122 0.55 -34.14 -26.23
N HIS A 123 0.31 -35.35 -26.75
CA HIS A 123 0.27 -36.60 -25.96
C HIS A 123 1.62 -36.90 -25.29
N HIS A 124 1.60 -37.63 -24.17
CA HIS A 124 2.82 -38.10 -23.47
C HIS A 124 3.58 -39.17 -24.28
N HIS A 125 4.91 -39.25 -24.10
CA HIS A 125 5.78 -40.21 -24.83
C HIS A 125 5.72 -41.65 -24.28
N HIS A 126 5.45 -41.80 -22.97
CA HIS A 126 5.17 -43.10 -22.33
C HIS A 126 3.76 -43.61 -22.69
N MET A 1 -23.47 52.43 -19.72
CA MET A 1 -23.04 53.39 -20.77
C MET A 1 -21.88 54.27 -20.29
N SER A 2 -20.88 54.51 -21.15
CA SER A 2 -19.64 55.28 -20.88
C SER A 2 -18.75 54.69 -19.75
N GLY A 3 -17.62 55.32 -19.48
CA GLY A 3 -16.61 54.90 -18.49
C GLY A 3 -16.92 55.27 -17.03
N THR A 4 -18.11 55.81 -16.75
CA THR A 4 -18.55 56.27 -15.42
C THR A 4 -18.43 55.26 -14.27
N ARG A 5 -17.80 55.68 -13.16
CA ARG A 5 -17.39 54.81 -12.04
C ARG A 5 -17.22 55.60 -10.72
N PRO A 6 -17.41 54.97 -9.54
CA PRO A 6 -17.21 55.64 -8.25
C PRO A 6 -15.72 55.84 -7.89
N ALA A 7 -14.84 54.97 -8.40
CA ALA A 7 -13.39 55.00 -8.20
C ALA A 7 -12.65 54.27 -9.33
N ALA A 8 -11.38 54.60 -9.57
CA ALA A 8 -10.49 53.84 -10.46
C ALA A 8 -9.94 52.55 -9.81
N ARG A 9 -9.77 52.56 -8.48
CA ARG A 9 -9.38 51.41 -7.64
C ARG A 9 -10.48 50.34 -7.59
N ARG A 10 -10.11 49.08 -7.37
CA ARG A 10 -11.03 47.91 -7.40
C ARG A 10 -12.16 47.94 -6.36
N THR A 11 -12.15 48.88 -5.41
CA THR A 11 -13.29 49.15 -4.51
C THR A 11 -14.62 49.39 -5.25
N ASN A 12 -14.54 49.82 -6.53
CA ASN A 12 -15.66 49.91 -7.47
C ASN A 12 -16.39 48.57 -7.78
N LEU A 13 -15.84 47.43 -7.36
CA LEU A 13 -16.46 46.09 -7.48
C LEU A 13 -17.77 45.99 -6.68
N THR A 14 -17.75 46.48 -5.44
CA THR A 14 -18.89 46.49 -4.50
C THR A 14 -19.57 45.15 -4.14
N ALA A 15 -18.85 44.03 -4.28
CA ALA A 15 -19.34 42.70 -3.92
C ALA A 15 -19.30 42.44 -2.40
N ALA A 16 -20.36 41.85 -1.85
CA ALA A 16 -20.48 41.51 -0.43
C ALA A 16 -19.81 40.16 -0.05
N GLN A 17 -19.62 39.26 -1.02
CA GLN A 17 -19.10 37.91 -0.80
C GLN A 17 -17.57 37.86 -0.52
N ASN A 18 -17.12 36.81 0.16
CA ASN A 18 -15.71 36.53 0.44
C ASN A 18 -15.47 35.00 0.46
N VAL A 19 -14.46 34.53 -0.28
CA VAL A 19 -14.10 33.10 -0.41
C VAL A 19 -12.83 32.66 0.33
N VAL A 20 -12.08 33.59 0.96
CA VAL A 20 -10.82 33.30 1.67
C VAL A 20 -9.79 32.56 0.80
N ARG A 21 -9.36 33.22 -0.29
CA ARG A 21 -8.44 32.66 -1.29
C ARG A 21 -7.12 32.15 -0.69
N SER A 22 -6.76 30.91 -1.00
CA SER A 22 -5.56 30.24 -0.46
C SER A 22 -4.25 30.64 -1.16
N VAL A 23 -4.32 31.16 -2.39
CA VAL A 23 -3.12 31.51 -3.20
C VAL A 23 -2.35 32.68 -2.59
N ASP A 24 -3.06 33.75 -2.23
CA ASP A 24 -2.48 34.92 -1.57
C ASP A 24 -2.37 34.80 -0.04
N ALA A 25 -1.15 34.91 0.49
CA ALA A 25 -0.86 34.71 1.91
C ALA A 25 -1.70 35.62 2.82
N GLU A 26 -1.84 36.88 2.44
CA GLU A 26 -2.55 37.89 3.23
C GLU A 26 -4.07 37.67 3.23
N GLU A 27 -4.64 37.24 2.09
CA GLU A 27 -6.06 36.89 1.98
C GLU A 27 -6.42 35.63 2.78
N ARG A 28 -5.51 34.64 2.83
CA ARG A 28 -5.63 33.44 3.68
C ARG A 28 -5.57 33.79 5.16
N ILE A 29 -4.55 34.57 5.56
CA ILE A 29 -4.32 34.96 6.96
C ILE A 29 -5.44 35.86 7.52
N ALA A 30 -6.05 36.71 6.70
CA ALA A 30 -7.11 37.64 7.11
C ALA A 30 -8.34 36.97 7.76
N TRP A 31 -8.60 35.67 7.48
CA TRP A 31 -9.65 34.87 8.11
C TRP A 31 -9.19 33.52 8.73
N VAL A 32 -7.89 33.37 9.00
CA VAL A 32 -7.32 32.21 9.72
C VAL A 32 -7.73 32.13 11.20
N SER A 33 -7.84 30.92 11.76
CA SER A 33 -8.20 30.70 13.17
C SER A 33 -7.60 29.40 13.74
N LYS A 34 -7.23 29.43 15.03
CA LYS A 34 -6.79 28.26 15.82
C LYS A 34 -7.94 27.35 16.27
N ALA A 35 -9.19 27.83 16.21
CA ALA A 35 -10.35 27.12 16.77
C ALA A 35 -10.80 25.91 15.93
N LEU A 36 -10.66 25.99 14.61
CA LEU A 36 -10.90 24.88 13.67
C LEU A 36 -9.76 23.83 13.74
N CYS A 37 -10.04 22.61 13.28
CA CYS A 37 -9.14 21.46 13.45
C CYS A 37 -7.82 21.56 12.64
N ARG A 38 -6.69 21.39 13.33
CA ARG A 38 -5.33 21.24 12.76
C ARG A 38 -4.88 22.34 11.77
N THR A 39 -5.05 23.61 12.14
CA THR A 39 -4.60 24.79 11.36
C THR A 39 -3.08 25.02 11.22
N THR A 40 -2.26 24.26 11.96
CA THR A 40 -0.79 24.42 12.00
C THR A 40 -0.02 24.37 10.67
N ASP A 41 0.80 25.38 10.40
CA ASP A 41 1.73 25.41 9.23
C ASP A 41 3.04 24.61 9.42
N PRO A 42 3.69 24.12 8.33
CA PRO A 42 4.87 23.25 8.44
C PRO A 42 6.10 23.87 9.14
N ASP A 43 6.22 25.20 9.19
CA ASP A 43 7.31 25.90 9.88
C ASP A 43 7.29 25.85 11.43
N GLU A 44 6.16 25.47 12.04
CA GLU A 44 6.08 25.24 13.49
C GLU A 44 6.80 23.96 13.93
N LEU A 45 7.04 23.00 13.02
CA LEU A 45 7.58 21.68 13.32
C LEU A 45 8.99 21.71 13.93
N PHE A 46 9.81 22.68 13.53
CA PHE A 46 11.11 22.99 14.16
C PHE A 46 11.10 23.86 15.44
N VAL A 47 9.90 24.30 15.86
CA VAL A 47 9.65 25.03 17.12
C VAL A 47 9.01 24.15 18.20
N ARG A 48 7.96 23.40 17.85
CA ARG A 48 7.30 22.44 18.77
C ARG A 48 8.17 21.21 19.08
N GLY A 49 8.99 20.77 18.11
CA GLY A 49 10.03 19.76 18.32
C GLY A 49 11.34 20.41 18.75
N ALA A 50 11.76 20.21 20.01
CA ALA A 50 13.00 20.80 20.53
C ALA A 50 14.25 20.21 19.84
N ALA A 51 15.23 21.08 19.54
CA ALA A 51 16.46 20.78 18.79
C ALA A 51 16.27 20.20 17.37
N GLN A 52 15.04 20.23 16.83
CA GLN A 52 14.76 19.85 15.43
C GLN A 52 15.22 20.99 14.49
N ARG A 53 16.02 20.66 13.46
CA ARG A 53 16.65 21.66 12.57
C ARG A 53 15.67 22.30 11.59
N LYS A 54 15.88 23.59 11.30
CA LYS A 54 15.01 24.40 10.42
C LYS A 54 15.06 23.98 8.94
N ALA A 55 14.00 24.31 8.20
CA ALA A 55 13.82 24.01 6.77
C ALA A 55 12.87 25.03 6.10
N ALA A 56 12.81 25.03 4.75
CA ALA A 56 11.81 25.78 4.00
C ALA A 56 10.39 25.24 4.25
N VAL A 57 9.36 26.09 4.11
CA VAL A 57 7.95 25.71 4.35
C VAL A 57 7.42 24.66 3.37
N ILE A 58 7.84 24.76 2.10
CA ILE A 58 7.57 23.75 1.05
C ILE A 58 8.70 22.69 1.09
N CYS A 59 8.60 21.76 2.04
CA CYS A 59 9.56 20.68 2.27
C CYS A 59 8.86 19.49 2.96
N ARG A 60 9.55 18.35 3.11
CA ARG A 60 9.03 17.11 3.74
C ARG A 60 8.63 17.37 5.21
N HIS A 61 7.42 16.98 5.59
CA HIS A 61 6.83 17.17 6.94
C HIS A 61 5.80 16.06 7.27
N CYS A 62 5.41 15.99 8.56
CA CYS A 62 4.56 14.97 9.18
C CYS A 62 5.17 13.54 9.23
N PRO A 63 4.81 12.70 10.22
CA PRO A 63 5.39 11.36 10.39
C PRO A 63 4.93 10.35 9.31
N VAL A 64 5.77 9.33 9.08
CA VAL A 64 5.47 8.19 8.20
C VAL A 64 4.44 7.22 8.81
N MET A 65 3.81 6.38 7.98
CA MET A 65 2.79 5.40 8.39
C MET A 65 3.28 4.26 9.30
N GLN A 66 4.59 3.95 9.30
CA GLN A 66 5.30 2.92 10.09
C GLN A 66 4.92 1.44 9.87
N GLU A 67 3.67 1.15 9.51
CA GLU A 67 3.19 -0.19 9.14
C GLU A 67 3.69 -0.66 7.76
N CYS A 68 4.27 0.26 6.98
CA CYS A 68 4.85 0.04 5.65
C CYS A 68 6.06 0.99 5.41
N ALA A 69 6.68 0.91 4.23
CA ALA A 69 7.83 1.74 3.84
C ALA A 69 7.53 3.25 3.88
N ALA A 70 8.58 4.07 4.01
CA ALA A 70 8.50 5.51 4.27
C ALA A 70 7.77 6.32 3.17
N ASP A 71 6.54 6.74 3.43
CA ASP A 71 5.70 7.52 2.50
C ASP A 71 6.18 8.96 2.22
N ALA A 72 6.82 9.59 3.21
CA ALA A 72 7.45 10.91 3.07
C ALA A 72 8.76 10.88 2.24
N LEU A 73 9.30 9.69 1.93
CA LEU A 73 10.62 9.50 1.29
C LEU A 73 10.54 8.78 -0.06
N ASP A 74 9.75 7.69 -0.14
CA ASP A 74 9.73 6.77 -1.29
C ASP A 74 8.39 6.08 -1.62
N ASN A 75 7.63 5.67 -0.60
CA ASN A 75 6.43 4.85 -0.76
C ASN A 75 5.19 5.65 -1.23
N LYS A 76 4.95 5.67 -2.54
CA LYS A 76 3.73 6.24 -3.17
C LYS A 76 2.53 5.28 -3.23
N VAL A 77 2.67 4.04 -2.74
CA VAL A 77 1.66 2.96 -2.78
C VAL A 77 0.53 3.09 -1.73
N GLU A 78 0.00 4.31 -1.57
CA GLU A 78 -1.00 4.66 -0.55
C GLU A 78 -2.38 4.00 -0.80
N PHE A 79 -2.64 3.55 -2.03
CA PHE A 79 -3.88 2.88 -2.46
C PHE A 79 -4.18 1.47 -1.89
N GLY A 80 -3.19 0.83 -1.26
CA GLY A 80 -3.29 -0.51 -0.64
C GLY A 80 -2.24 -1.51 -1.15
N VAL A 81 -2.38 -2.78 -0.75
CA VAL A 81 -1.46 -3.87 -1.11
C VAL A 81 -1.49 -4.27 -2.60
N TRP A 82 -2.68 -4.15 -3.20
CA TRP A 82 -2.97 -4.39 -4.62
C TRP A 82 -2.37 -3.37 -5.60
N GLY A 83 -2.13 -3.79 -6.84
CA GLY A 83 -1.71 -2.93 -7.95
C GLY A 83 -1.80 -3.63 -9.32
N GLY A 84 -2.30 -2.93 -10.34
CA GLY A 84 -2.42 -3.40 -11.73
C GLY A 84 -3.53 -4.42 -12.03
N MET A 85 -4.19 -4.98 -11.01
CA MET A 85 -5.33 -5.91 -11.13
C MET A 85 -6.62 -5.16 -11.50
N THR A 86 -7.49 -5.76 -12.32
CA THR A 86 -8.68 -5.10 -12.90
C THR A 86 -9.65 -4.47 -11.90
N GLU A 87 -9.93 -3.17 -12.01
CA GLU A 87 -10.66 -2.40 -10.99
C GLU A 87 -12.06 -2.93 -10.64
N ARG A 88 -12.90 -3.22 -11.64
CA ARG A 88 -14.28 -3.70 -11.40
C ARG A 88 -14.29 -5.06 -10.69
N GLN A 89 -13.42 -5.97 -11.11
CA GLN A 89 -13.22 -7.29 -10.47
C GLN A 89 -12.65 -7.15 -9.05
N ARG A 90 -11.63 -6.29 -8.88
CA ARG A 90 -10.99 -5.98 -7.59
C ARG A 90 -12.02 -5.50 -6.58
N ARG A 91 -12.75 -4.42 -6.91
CA ARG A 91 -13.74 -3.77 -6.02
C ARG A 91 -14.92 -4.68 -5.69
N ALA A 92 -15.51 -5.33 -6.68
CA ALA A 92 -16.66 -6.23 -6.50
C ALA A 92 -16.30 -7.43 -5.60
N LEU A 93 -15.23 -8.17 -5.94
CA LEU A 93 -14.86 -9.37 -5.21
C LEU A 93 -14.28 -9.06 -3.81
N LEU A 94 -13.60 -7.92 -3.62
CA LEU A 94 -13.08 -7.51 -2.31
C LEU A 94 -14.20 -7.20 -1.31
N LYS A 95 -15.29 -6.56 -1.76
CA LYS A 95 -16.48 -6.30 -0.91
C LYS A 95 -17.30 -7.56 -0.64
N GLN A 96 -17.33 -8.48 -1.60
CA GLN A 96 -18.03 -9.78 -1.52
C GLN A 96 -17.30 -10.80 -0.60
N HIS A 97 -15.97 -10.86 -0.68
CA HIS A 97 -15.10 -11.86 0.00
C HIS A 97 -13.85 -11.21 0.67
N PRO A 98 -14.02 -10.29 1.64
CA PRO A 98 -12.89 -9.54 2.23
C PRO A 98 -11.92 -10.40 3.06
N GLU A 99 -12.41 -11.46 3.73
CA GLU A 99 -11.60 -12.31 4.63
C GLU A 99 -10.92 -13.51 3.93
N VAL A 100 -11.29 -13.81 2.68
CA VAL A 100 -10.84 -15.01 1.94
C VAL A 100 -9.49 -14.82 1.26
N VAL A 101 -8.45 -15.54 1.73
CA VAL A 101 -7.04 -15.34 1.28
C VAL A 101 -6.77 -15.64 -0.20
N SER A 102 -7.61 -16.44 -0.86
CA SER A 102 -7.53 -16.75 -2.29
C SER A 102 -7.93 -15.58 -3.21
N TRP A 103 -8.52 -14.50 -2.67
CA TRP A 103 -8.94 -13.33 -3.43
C TRP A 103 -7.82 -12.67 -4.26
N SER A 104 -6.65 -12.43 -3.64
CA SER A 104 -5.48 -11.87 -4.33
C SER A 104 -4.95 -12.84 -5.40
N ASP A 105 -4.86 -14.14 -5.06
CA ASP A 105 -4.42 -15.19 -5.98
C ASP A 105 -5.29 -15.36 -7.24
N TYR A 106 -6.62 -15.31 -7.08
CA TYR A 106 -7.55 -15.28 -8.20
C TYR A 106 -7.37 -14.11 -9.18
N LEU A 107 -7.28 -12.89 -8.65
CA LEU A 107 -7.07 -11.68 -9.45
C LEU A 107 -5.68 -11.69 -10.12
N GLU A 108 -4.64 -12.18 -9.46
CA GLU A 108 -3.32 -12.37 -10.07
C GLU A 108 -3.36 -13.41 -11.20
N LYS A 109 -4.01 -14.56 -11.01
CA LYS A 109 -4.21 -15.57 -12.05
C LYS A 109 -4.96 -15.00 -13.25
N ARG A 110 -6.04 -14.22 -13.02
CA ARG A 110 -6.79 -13.50 -14.07
C ARG A 110 -5.92 -12.48 -14.80
N LYS A 111 -5.09 -11.70 -14.09
CA LYS A 111 -4.14 -10.74 -14.66
C LYS A 111 -3.05 -11.40 -15.52
N ARG A 112 -2.53 -12.56 -15.10
CA ARG A 112 -1.53 -13.36 -15.82
C ARG A 112 -2.09 -14.07 -17.05
N ARG A 113 -3.22 -14.80 -16.91
CA ARG A 113 -3.82 -15.64 -17.95
C ARG A 113 -4.72 -14.91 -18.94
N THR A 114 -5.49 -13.93 -18.47
CA THR A 114 -6.47 -13.15 -19.27
C THR A 114 -7.52 -13.98 -20.04
N GLY A 115 -7.87 -15.16 -19.52
CA GLY A 115 -8.77 -16.14 -20.16
C GLY A 115 -8.11 -17.02 -21.24
N THR A 116 -6.79 -16.94 -21.43
CA THR A 116 -6.02 -17.74 -22.39
C THR A 116 -6.42 -17.63 -23.87
N ALA A 117 -6.85 -16.43 -24.28
CA ALA A 117 -7.36 -16.15 -25.63
C ALA A 117 -6.30 -16.24 -26.76
N GLY A 118 -5.01 -16.28 -26.42
CA GLY A 118 -3.88 -16.45 -27.35
C GLY A 118 -2.60 -16.91 -26.65
N LEU A 119 -1.60 -17.31 -27.46
CA LEU A 119 -0.31 -17.83 -27.02
C LEU A 119 0.80 -17.52 -28.04
N GLU A 120 2.02 -17.24 -27.58
CA GLU A 120 3.18 -16.95 -28.43
C GLU A 120 3.62 -18.19 -29.25
N HIS A 121 3.96 -18.00 -30.54
CA HIS A 121 4.24 -19.10 -31.50
C HIS A 121 5.37 -18.78 -32.50
N HIS A 122 6.36 -18.00 -32.07
CA HIS A 122 7.48 -17.51 -32.91
C HIS A 122 8.55 -18.59 -33.17
N HIS A 123 9.37 -18.40 -34.21
CA HIS A 123 10.45 -19.31 -34.64
C HIS A 123 11.39 -19.70 -33.48
N HIS A 124 11.70 -21.00 -33.33
CA HIS A 124 12.61 -21.57 -32.30
C HIS A 124 12.30 -21.12 -30.85
N HIS A 125 11.04 -20.76 -30.56
CA HIS A 125 10.57 -20.16 -29.28
C HIS A 125 11.33 -18.87 -28.88
N HIS A 126 11.93 -18.15 -29.83
CA HIS A 126 12.74 -16.93 -29.63
C HIS A 126 12.44 -15.87 -30.71
N MET A 1 40.13 -23.26 18.11
CA MET A 1 40.03 -21.78 17.90
C MET A 1 38.75 -21.21 18.53
N SER A 2 38.71 -19.90 18.77
CA SER A 2 37.54 -19.18 19.35
C SER A 2 36.40 -18.94 18.35
N GLY A 3 36.69 -18.88 17.05
CA GLY A 3 35.71 -18.72 15.97
C GLY A 3 34.84 -19.96 15.73
N THR A 4 33.71 -19.78 15.03
CA THR A 4 32.70 -20.81 14.71
C THR A 4 32.27 -20.86 13.23
N ARG A 5 31.75 -22.02 12.78
CA ARG A 5 31.31 -22.25 11.39
C ARG A 5 30.06 -21.44 11.01
N PRO A 6 29.85 -21.13 9.70
CA PRO A 6 28.59 -20.57 9.21
C PRO A 6 27.39 -21.51 9.41
N ALA A 7 27.63 -22.83 9.28
CA ALA A 7 26.67 -23.92 9.52
C ALA A 7 27.40 -25.23 9.89
N ALA A 8 26.68 -26.18 10.52
CA ALA A 8 27.20 -27.52 10.77
C ALA A 8 27.34 -28.37 9.48
N ARG A 9 26.52 -28.06 8.47
CA ARG A 9 26.58 -28.62 7.11
C ARG A 9 27.78 -28.06 6.31
N ARG A 10 28.04 -28.63 5.12
CA ARG A 10 29.05 -28.12 4.15
C ARG A 10 28.67 -26.73 3.62
N THR A 11 29.69 -25.91 3.34
CA THR A 11 29.52 -24.49 2.92
C THR A 11 29.27 -24.23 1.43
N ASN A 12 29.62 -25.18 0.57
CA ASN A 12 29.43 -25.12 -0.90
C ASN A 12 29.29 -26.54 -1.48
N LEU A 13 28.56 -26.68 -2.59
CA LEU A 13 28.28 -27.95 -3.27
C LEU A 13 28.09 -27.74 -4.78
N THR A 14 28.66 -28.62 -5.61
CA THR A 14 28.72 -28.51 -7.08
C THR A 14 27.39 -28.38 -7.86
N ALA A 15 26.29 -28.80 -7.24
CA ALA A 15 24.93 -28.61 -7.76
C ALA A 15 24.49 -27.13 -7.83
N ALA A 16 25.08 -26.24 -7.03
CA ALA A 16 24.85 -24.80 -7.06
C ALA A 16 25.89 -24.05 -7.94
N GLN A 17 25.44 -23.00 -8.64
CA GLN A 17 26.26 -22.23 -9.60
C GLN A 17 25.86 -20.74 -9.72
N ASN A 18 24.98 -20.23 -8.84
CA ASN A 18 24.49 -18.85 -8.89
C ASN A 18 25.55 -17.86 -8.35
N VAL A 19 26.17 -17.08 -9.25
CA VAL A 19 27.29 -16.16 -8.94
C VAL A 19 27.07 -15.18 -7.77
N VAL A 20 25.82 -14.79 -7.49
CA VAL A 20 25.47 -13.92 -6.34
C VAL A 20 25.74 -14.55 -4.97
N ARG A 21 25.83 -15.89 -4.89
CA ARG A 21 25.96 -16.66 -3.64
C ARG A 21 26.98 -17.82 -3.68
N SER A 22 27.46 -18.23 -4.85
CA SER A 22 28.48 -19.29 -5.00
C SER A 22 29.90 -18.80 -4.66
N VAL A 23 30.15 -17.50 -4.81
CA VAL A 23 31.39 -16.80 -4.42
C VAL A 23 31.58 -16.77 -2.89
N ASP A 24 32.81 -16.43 -2.46
CA ASP A 24 33.16 -16.23 -1.04
C ASP A 24 32.29 -15.22 -0.27
N ALA A 25 32.18 -15.39 1.05
CA ALA A 25 31.22 -14.66 1.90
C ALA A 25 31.29 -13.12 1.76
N GLU A 26 32.51 -12.57 1.66
CA GLU A 26 32.75 -11.12 1.54
C GLU A 26 32.66 -10.62 0.08
N GLU A 27 32.89 -11.48 -0.90
CA GLU A 27 32.83 -11.15 -2.34
C GLU A 27 31.39 -10.86 -2.81
N ARG A 28 30.37 -11.46 -2.17
CA ARG A 28 28.94 -11.28 -2.50
C ARG A 28 28.50 -9.82 -2.61
N ILE A 29 29.12 -8.93 -1.83
CA ILE A 29 28.84 -7.48 -1.81
C ILE A 29 29.03 -6.84 -3.20
N ALA A 30 30.01 -7.30 -3.98
CA ALA A 30 30.27 -6.81 -5.34
C ALA A 30 29.17 -7.18 -6.36
N TRP A 31 28.33 -8.18 -6.03
CA TRP A 31 27.30 -8.76 -6.90
C TRP A 31 25.86 -8.32 -6.55
N VAL A 32 25.69 -7.43 -5.56
CA VAL A 32 24.37 -7.07 -4.97
C VAL A 32 24.19 -5.58 -4.63
N SER A 33 22.94 -5.09 -4.75
CA SER A 33 22.47 -3.76 -4.30
C SER A 33 23.23 -2.54 -4.83
N LYS A 34 23.99 -2.70 -5.94
CA LYS A 34 24.89 -1.67 -6.52
C LYS A 34 25.86 -1.05 -5.49
N ALA A 35 26.34 -1.87 -4.54
CA ALA A 35 27.10 -1.45 -3.35
C ALA A 35 28.54 -0.93 -3.60
N LEU A 36 28.99 -0.83 -4.87
CA LEU A 36 30.33 -0.35 -5.24
C LEU A 36 30.56 1.15 -4.94
N CYS A 37 29.49 1.93 -4.75
CA CYS A 37 29.52 3.33 -4.28
C CYS A 37 28.31 3.65 -3.37
N ARG A 38 28.35 4.81 -2.69
CA ARG A 38 27.33 5.24 -1.70
C ARG A 38 25.95 5.41 -2.34
N THR A 39 24.93 4.81 -1.73
CA THR A 39 23.51 4.81 -2.17
C THR A 39 22.76 6.09 -1.73
N THR A 40 23.39 7.25 -1.91
CA THR A 40 22.89 8.60 -1.56
C THR A 40 22.71 8.95 -0.08
N ASP A 41 23.50 9.92 0.41
CA ASP A 41 23.35 10.50 1.76
C ASP A 41 22.11 11.40 1.95
N PRO A 42 21.52 11.51 3.16
CA PRO A 42 20.35 12.36 3.41
C PRO A 42 20.62 13.86 3.15
N ASP A 43 21.85 14.34 3.34
CA ASP A 43 22.25 15.72 3.06
C ASP A 43 22.07 16.20 1.61
N GLU A 44 22.17 15.27 0.64
CA GLU A 44 21.90 15.53 -0.79
C GLU A 44 20.41 15.77 -1.05
N LEU A 45 19.52 15.12 -0.28
CA LEU A 45 18.07 15.28 -0.39
C LEU A 45 17.60 16.69 0.01
N PHE A 46 18.39 17.40 0.83
CA PHE A 46 18.20 18.82 1.14
C PHE A 46 18.43 19.84 0.02
N VAL A 47 19.00 19.39 -1.12
CA VAL A 47 19.12 20.19 -2.36
C VAL A 47 18.39 19.59 -3.58
N ARG A 48 18.30 18.26 -3.69
CA ARG A 48 17.51 17.59 -4.73
C ARG A 48 15.99 17.70 -4.54
N GLY A 49 15.53 17.76 -3.29
CA GLY A 49 14.13 18.03 -2.92
C GLY A 49 13.93 19.45 -2.41
N ALA A 50 12.92 20.15 -2.93
CA ALA A 50 12.48 21.47 -2.42
C ALA A 50 11.62 21.31 -1.14
N ALA A 51 11.59 22.36 -0.30
CA ALA A 51 10.88 22.40 0.99
C ALA A 51 11.25 21.24 1.95
N GLN A 52 12.50 20.75 1.87
CA GLN A 52 12.99 19.63 2.69
C GLN A 52 13.08 20.04 4.18
N ARG A 53 12.83 19.08 5.07
CA ARG A 53 12.65 19.29 6.53
C ARG A 53 13.20 18.13 7.38
N LYS A 54 13.34 18.35 8.68
CA LYS A 54 14.06 17.48 9.66
C LYS A 54 13.82 15.97 9.54
N ALA A 55 12.61 15.52 9.21
CA ALA A 55 12.30 14.10 9.01
C ALA A 55 13.19 13.43 7.94
N ALA A 56 13.62 14.16 6.91
CA ALA A 56 14.50 13.66 5.84
C ALA A 56 15.94 13.33 6.30
N VAL A 57 16.37 13.80 7.48
CA VAL A 57 17.67 13.44 8.08
C VAL A 57 17.73 11.95 8.46
N ILE A 58 16.61 11.38 8.89
CA ILE A 58 16.48 9.97 9.32
C ILE A 58 15.65 9.10 8.36
N CYS A 59 14.79 9.71 7.54
CA CYS A 59 13.77 9.06 6.70
C CYS A 59 12.71 8.28 7.54
N ARG A 60 11.54 8.01 6.94
CA ARG A 60 10.42 7.30 7.60
C ARG A 60 10.75 5.83 7.87
N HIS A 61 10.42 5.33 9.07
CA HIS A 61 10.57 3.92 9.50
C HIS A 61 9.62 3.58 10.66
N CYS A 62 9.38 2.28 10.88
CA CYS A 62 8.59 1.72 11.99
C CYS A 62 9.11 0.33 12.45
N PRO A 63 8.78 -0.14 13.68
CA PRO A 63 9.35 -1.38 14.22
C PRO A 63 8.95 -2.65 13.45
N VAL A 64 7.73 -2.66 12.89
CA VAL A 64 7.13 -3.75 12.11
C VAL A 64 6.22 -3.17 11.03
N MET A 65 6.01 -3.91 9.93
CA MET A 65 5.10 -3.53 8.82
C MET A 65 3.65 -3.90 9.16
N GLN A 66 3.05 -3.19 10.13
CA GLN A 66 1.70 -3.41 10.65
C GLN A 66 0.88 -2.10 10.72
N GLU A 67 -0.46 -2.22 10.76
CA GLU A 67 -1.47 -1.13 10.74
C GLU A 67 -1.53 -0.30 9.45
N CYS A 68 -0.40 0.26 9.02
CA CYS A 68 -0.24 0.90 7.71
C CYS A 68 -0.01 -0.11 6.57
N ALA A 69 0.33 -1.35 6.91
CA ALA A 69 0.61 -2.46 6.01
C ALA A 69 0.09 -3.77 6.64
N ALA A 70 -0.02 -4.82 5.82
CA ALA A 70 -0.51 -6.15 6.21
C ALA A 70 -1.91 -6.16 6.89
N ASP A 71 -2.66 -5.07 6.78
CA ASP A 71 -3.90 -4.79 7.51
C ASP A 71 -5.12 -5.68 7.18
N ALA A 72 -5.46 -5.78 5.89
CA ALA A 72 -6.54 -6.62 5.38
C ALA A 72 -6.11 -8.09 5.20
N LEU A 73 -4.90 -8.31 4.66
CA LEU A 73 -4.25 -9.61 4.44
C LEU A 73 -2.74 -9.48 4.66
N ASP A 74 -2.08 -10.54 5.11
CA ASP A 74 -0.66 -10.52 5.53
C ASP A 74 0.36 -10.03 4.48
N ASN A 75 0.07 -10.25 3.19
CA ASN A 75 0.93 -9.86 2.06
C ASN A 75 0.75 -8.40 1.59
N LYS A 76 -0.25 -7.65 2.13
CA LYS A 76 -0.59 -6.30 1.66
C LYS A 76 0.53 -5.28 1.92
N VAL A 77 1.01 -4.63 0.85
CA VAL A 77 2.00 -3.53 0.89
C VAL A 77 1.46 -2.27 1.60
N GLU A 78 2.34 -1.35 2.02
CA GLU A 78 1.92 -0.17 2.78
C GLU A 78 0.99 0.77 2.01
N PHE A 79 -0.02 1.28 2.74
CA PHE A 79 -1.02 2.26 2.32
C PHE A 79 -2.02 1.93 1.20
N GLY A 80 -3.24 2.48 1.29
CA GLY A 80 -4.27 2.41 0.24
C GLY A 80 -4.75 0.98 -0.07
N VAL A 81 -4.81 0.65 -1.37
CA VAL A 81 -5.34 -0.61 -1.94
C VAL A 81 -4.38 -1.20 -3.00
N TRP A 82 -4.38 -2.53 -3.18
CA TRP A 82 -3.51 -3.26 -4.12
C TRP A 82 -3.49 -2.66 -5.54
N GLY A 83 -2.30 -2.50 -6.12
CA GLY A 83 -2.09 -2.07 -7.52
C GLY A 83 -2.13 -3.23 -8.53
N GLY A 84 -2.18 -2.89 -9.83
CA GLY A 84 -2.05 -3.81 -10.97
C GLY A 84 -3.25 -4.72 -11.27
N MET A 85 -3.96 -5.19 -10.23
CA MET A 85 -5.20 -5.98 -10.33
C MET A 85 -6.36 -5.12 -10.85
N THR A 86 -7.17 -5.66 -11.77
CA THR A 86 -8.24 -4.93 -12.48
C THR A 86 -9.30 -4.25 -11.61
N GLU A 87 -9.64 -2.98 -11.87
CA GLU A 87 -10.46 -2.13 -11.00
C GLU A 87 -11.84 -2.69 -10.64
N ARG A 88 -12.63 -3.09 -11.65
CA ARG A 88 -14.01 -3.58 -11.43
C ARG A 88 -14.06 -4.92 -10.68
N GLN A 89 -13.20 -5.87 -11.06
CA GLN A 89 -13.05 -7.15 -10.36
C GLN A 89 -12.53 -6.96 -8.93
N ARG A 90 -11.54 -6.08 -8.74
CA ARG A 90 -10.95 -5.76 -7.42
C ARG A 90 -11.99 -5.20 -6.45
N ARG A 91 -12.78 -4.19 -6.85
CA ARG A 91 -13.87 -3.66 -6.01
C ARG A 91 -14.94 -4.71 -5.71
N ALA A 92 -15.50 -5.34 -6.75
CA ALA A 92 -16.64 -6.25 -6.62
C ALA A 92 -16.32 -7.47 -5.75
N LEU A 93 -15.23 -8.19 -6.04
CA LEU A 93 -14.90 -9.44 -5.35
C LEU A 93 -14.33 -9.18 -3.93
N LEU A 94 -13.65 -8.06 -3.70
CA LEU A 94 -13.15 -7.69 -2.36
C LEU A 94 -14.30 -7.44 -1.37
N LYS A 95 -15.38 -6.77 -1.80
CA LYS A 95 -16.55 -6.51 -0.94
C LYS A 95 -17.42 -7.77 -0.74
N GLN A 96 -17.42 -8.66 -1.74
CA GLN A 96 -18.15 -9.92 -1.73
C GLN A 96 -17.46 -11.03 -0.91
N HIS A 97 -16.12 -11.05 -0.87
CA HIS A 97 -15.28 -12.12 -0.28
C HIS A 97 -14.07 -11.60 0.56
N PRO A 98 -14.26 -10.65 1.51
CA PRO A 98 -13.16 -9.98 2.20
C PRO A 98 -12.29 -10.91 3.08
N GLU A 99 -12.86 -12.01 3.62
CA GLU A 99 -12.15 -12.95 4.50
C GLU A 99 -11.26 -13.97 3.76
N VAL A 100 -11.40 -14.09 2.43
CA VAL A 100 -10.71 -15.11 1.62
C VAL A 100 -9.25 -14.69 1.33
N VAL A 101 -8.28 -15.45 1.87
CA VAL A 101 -6.84 -15.16 1.70
C VAL A 101 -6.35 -15.32 0.25
N SER A 102 -6.88 -16.32 -0.48
CA SER A 102 -6.53 -16.60 -1.88
C SER A 102 -7.13 -15.62 -2.91
N TRP A 103 -7.94 -14.63 -2.48
CA TRP A 103 -8.58 -13.65 -3.37
C TRP A 103 -7.62 -12.87 -4.27
N SER A 104 -6.53 -12.33 -3.72
CA SER A 104 -5.53 -11.57 -4.49
C SER A 104 -4.77 -12.46 -5.49
N ASP A 105 -4.40 -13.68 -5.08
CA ASP A 105 -3.86 -14.72 -5.96
C ASP A 105 -4.77 -15.14 -7.12
N TYR A 106 -6.08 -15.28 -6.83
CA TYR A 106 -7.10 -15.54 -7.85
C TYR A 106 -7.32 -14.41 -8.87
N LEU A 107 -7.24 -13.14 -8.44
CA LEU A 107 -7.21 -11.99 -9.34
C LEU A 107 -5.90 -11.89 -10.13
N GLU A 108 -4.75 -12.29 -9.56
CA GLU A 108 -3.50 -12.40 -10.31
C GLU A 108 -3.60 -13.49 -11.40
N LYS A 109 -4.25 -14.63 -11.10
CA LYS A 109 -4.59 -15.67 -12.08
C LYS A 109 -5.53 -15.16 -13.18
N ARG A 110 -6.56 -14.37 -12.85
CA ARG A 110 -7.42 -13.67 -13.83
C ARG A 110 -6.58 -12.78 -14.76
N LYS A 111 -5.71 -11.95 -14.19
CA LYS A 111 -4.81 -11.04 -14.95
C LYS A 111 -3.87 -11.78 -15.90
N ARG A 112 -3.29 -12.90 -15.44
CA ARG A 112 -2.43 -13.80 -16.23
C ARG A 112 -3.18 -14.55 -17.33
N ARG A 113 -4.41 -15.01 -17.07
CA ARG A 113 -5.26 -15.77 -18.00
C ARG A 113 -5.86 -14.90 -19.13
N THR A 114 -6.36 -13.71 -18.78
CA THR A 114 -7.00 -12.79 -19.74
C THR A 114 -6.08 -12.22 -20.83
N GLY A 115 -6.63 -11.98 -22.02
CA GLY A 115 -5.89 -11.50 -23.20
C GLY A 115 -5.65 -9.98 -23.21
N THR A 116 -4.55 -9.54 -23.86
CA THR A 116 -4.21 -8.13 -24.05
C THR A 116 -5.19 -7.30 -24.89
N ALA A 117 -5.51 -6.07 -24.47
CA ALA A 117 -6.39 -5.16 -25.21
C ALA A 117 -5.74 -4.66 -26.53
N GLY A 118 -6.58 -4.37 -27.53
CA GLY A 118 -6.14 -3.76 -28.80
C GLY A 118 -5.76 -2.28 -28.66
N LEU A 119 -4.93 -1.79 -29.60
CA LEU A 119 -4.43 -0.41 -29.65
C LEU A 119 -4.30 0.14 -31.08
N GLU A 120 -4.33 1.47 -31.23
CA GLU A 120 -4.11 2.17 -32.52
C GLU A 120 -2.62 2.12 -32.93
N HIS A 121 -2.32 1.76 -34.18
CA HIS A 121 -0.93 1.70 -34.68
C HIS A 121 -0.30 3.09 -34.89
N HIS A 122 -1.09 4.04 -35.41
CA HIS A 122 -0.73 5.47 -35.51
C HIS A 122 -0.90 6.20 -34.16
N HIS A 123 -0.18 7.30 -33.95
CA HIS A 123 -0.38 8.19 -32.78
C HIS A 123 -1.79 8.81 -32.77
N HIS A 124 -2.34 9.05 -31.57
CA HIS A 124 -3.67 9.66 -31.38
C HIS A 124 -3.73 11.13 -31.85
N HIS A 125 -4.94 11.63 -32.18
CA HIS A 125 -5.17 13.06 -32.52
C HIS A 125 -4.85 13.98 -31.32
N HIS A 126 -4.39 15.22 -31.59
CA HIS A 126 -4.21 16.27 -30.57
C HIS A 126 -5.53 16.64 -29.85
N MET A 1 43.34 -8.62 -1.36
CA MET A 1 43.04 -10.00 -1.85
C MET A 1 42.32 -9.97 -3.20
N SER A 2 42.66 -10.89 -4.11
CA SER A 2 42.04 -11.04 -5.45
C SER A 2 42.16 -12.47 -5.97
N GLY A 3 41.25 -12.89 -6.87
CA GLY A 3 41.22 -14.23 -7.45
C GLY A 3 42.41 -14.54 -8.39
N THR A 4 42.75 -15.82 -8.52
CA THR A 4 43.81 -16.32 -9.42
C THR A 4 43.47 -16.26 -10.93
N ARG A 5 44.51 -16.19 -11.78
CA ARG A 5 44.38 -16.15 -13.25
C ARG A 5 43.78 -17.47 -13.79
N PRO A 6 42.76 -17.44 -14.66
CA PRO A 6 42.21 -18.65 -15.30
C PRO A 6 43.15 -19.21 -16.39
N ALA A 7 42.70 -20.25 -17.08
CA ALA A 7 43.35 -20.79 -18.28
C ALA A 7 43.46 -19.75 -19.41
N ALA A 8 44.46 -19.87 -20.28
CA ALA A 8 44.69 -18.94 -21.40
C ALA A 8 43.49 -18.86 -22.38
N ARG A 9 42.69 -19.93 -22.47
CA ARG A 9 41.41 -19.97 -23.18
C ARG A 9 40.42 -18.90 -22.72
N ARG A 10 40.42 -18.56 -21.41
CA ARG A 10 39.61 -17.47 -20.83
C ARG A 10 40.37 -16.14 -20.72
N THR A 11 41.70 -16.11 -20.56
CA THR A 11 42.45 -14.84 -20.68
C THR A 11 42.35 -14.17 -22.06
N ASN A 12 42.11 -14.98 -23.12
CA ASN A 12 41.80 -14.52 -24.48
C ASN A 12 40.33 -14.06 -24.68
N LEU A 13 39.43 -14.29 -23.71
CA LEU A 13 37.98 -14.01 -23.83
C LEU A 13 37.67 -12.51 -24.00
N THR A 14 36.66 -12.18 -24.81
CA THR A 14 36.14 -10.83 -25.08
C THR A 14 35.39 -10.12 -23.93
N ALA A 15 35.87 -10.29 -22.70
CA ALA A 15 35.29 -9.72 -21.47
C ALA A 15 35.41 -8.18 -21.41
N ALA A 16 34.61 -7.55 -20.54
CA ALA A 16 34.53 -6.10 -20.33
C ALA A 16 34.29 -5.74 -18.85
N GLN A 17 34.49 -4.46 -18.49
CA GLN A 17 34.34 -3.95 -17.13
C GLN A 17 32.87 -3.80 -16.67
N ASN A 18 31.91 -3.76 -17.60
CA ASN A 18 30.48 -3.66 -17.30
C ASN A 18 29.90 -4.93 -16.65
N VAL A 19 28.89 -4.79 -15.80
CA VAL A 19 28.23 -5.92 -15.10
C VAL A 19 27.34 -6.76 -16.03
N VAL A 20 26.58 -6.11 -16.90
CA VAL A 20 25.59 -6.69 -17.85
C VAL A 20 24.39 -7.45 -17.26
N ARG A 21 24.62 -8.30 -16.26
CA ARG A 21 23.59 -9.08 -15.55
C ARG A 21 22.63 -8.20 -14.73
N SER A 22 21.37 -8.62 -14.70
CA SER A 22 20.28 -8.11 -13.84
C SER A 22 19.34 -9.24 -13.42
N VAL A 23 18.99 -10.08 -14.41
CA VAL A 23 18.27 -11.36 -14.31
C VAL A 23 18.94 -12.38 -15.26
N ASP A 24 18.52 -13.66 -15.21
CA ASP A 24 19.01 -14.70 -16.15
C ASP A 24 18.75 -14.43 -17.65
N ALA A 25 19.57 -15.01 -18.53
CA ALA A 25 19.61 -14.69 -19.98
C ALA A 25 18.23 -14.74 -20.68
N GLU A 26 17.42 -15.74 -20.35
CA GLU A 26 16.10 -15.97 -20.96
C GLU A 26 15.02 -14.97 -20.47
N GLU A 27 15.27 -14.32 -19.32
CA GLU A 27 14.46 -13.19 -18.81
C GLU A 27 15.05 -11.83 -19.22
N ARG A 28 16.38 -11.71 -19.36
CA ARG A 28 17.09 -10.45 -19.65
C ARG A 28 16.60 -9.79 -20.95
N ILE A 29 16.28 -10.60 -21.95
CA ILE A 29 15.72 -10.14 -23.25
C ILE A 29 14.34 -9.47 -23.13
N ALA A 30 13.57 -9.78 -22.07
CA ALA A 30 12.31 -9.10 -21.72
C ALA A 30 12.49 -7.98 -20.69
N TRP A 31 13.45 -8.13 -19.76
CA TRP A 31 13.78 -7.16 -18.72
C TRP A 31 14.42 -5.86 -19.27
N VAL A 32 15.27 -6.00 -20.29
CA VAL A 32 15.93 -4.86 -20.97
C VAL A 32 14.95 -3.93 -21.69
N SER A 33 15.17 -2.61 -21.55
CA SER A 33 14.40 -1.53 -22.17
C SER A 33 12.86 -1.60 -21.97
N LYS A 34 12.43 -1.83 -20.71
CA LYS A 34 11.00 -1.70 -20.32
C LYS A 34 10.47 -0.26 -20.43
N ALA A 35 11.38 0.72 -20.42
CA ALA A 35 11.09 2.14 -20.64
C ALA A 35 10.65 2.49 -22.08
N LEU A 36 10.09 3.69 -22.25
CA LEU A 36 9.76 4.28 -23.55
C LEU A 36 11.02 4.62 -24.37
N CYS A 37 10.84 4.96 -25.66
CA CYS A 37 11.92 5.18 -26.62
C CYS A 37 12.92 6.30 -26.26
N ARG A 38 12.54 7.24 -25.37
CA ARG A 38 13.40 8.29 -24.80
C ARG A 38 14.29 7.72 -23.67
N THR A 39 15.21 6.82 -24.04
CA THR A 39 16.17 6.15 -23.12
C THR A 39 17.33 7.01 -22.59
N THR A 40 17.48 8.23 -23.08
CA THR A 40 18.59 9.17 -22.79
C THR A 40 18.91 9.43 -21.30
N ASP A 41 20.19 9.34 -20.92
CA ASP A 41 20.67 9.58 -19.55
C ASP A 41 20.66 11.04 -19.07
N PRO A 42 20.55 11.33 -17.75
CA PRO A 42 20.56 12.69 -17.24
C PRO A 42 21.85 13.48 -17.55
N ASP A 43 23.01 12.79 -17.54
CA ASP A 43 24.29 13.38 -17.99
C ASP A 43 24.36 13.73 -19.48
N GLU A 44 23.77 12.88 -20.33
CA GLU A 44 23.62 13.12 -21.77
C GLU A 44 22.67 14.28 -22.08
N LEU A 45 21.70 14.58 -21.21
CA LEU A 45 20.88 15.80 -21.28
C LEU A 45 21.69 17.02 -20.77
N PHE A 46 22.36 16.89 -19.63
CA PHE A 46 23.18 17.97 -19.05
C PHE A 46 24.28 18.53 -19.95
N VAL A 47 25.03 17.64 -20.60
CA VAL A 47 26.14 17.99 -21.52
C VAL A 47 25.75 18.86 -22.73
N ARG A 48 24.46 18.91 -23.10
CA ARG A 48 23.93 19.77 -24.18
C ARG A 48 23.88 21.25 -23.81
N GLY A 49 24.02 21.60 -22.53
CA GLY A 49 24.10 22.98 -22.05
C GLY A 49 24.29 23.06 -20.53
N ALA A 50 25.46 23.55 -20.08
CA ALA A 50 25.84 23.61 -18.67
C ALA A 50 24.97 24.56 -17.81
N ALA A 51 24.15 25.42 -18.44
CA ALA A 51 23.15 26.25 -17.76
C ALA A 51 22.02 25.43 -17.07
N GLN A 52 21.92 24.12 -17.34
CA GLN A 52 21.06 23.15 -16.63
C GLN A 52 21.64 22.83 -15.22
N ARG A 53 21.87 23.90 -14.43
CA ARG A 53 22.60 23.87 -13.15
C ARG A 53 21.91 23.03 -12.08
N LYS A 54 22.70 22.21 -11.37
CA LYS A 54 22.29 21.30 -10.28
C LYS A 54 21.13 20.36 -10.67
N ALA A 55 21.17 19.84 -11.90
CA ALA A 55 20.22 18.85 -12.41
C ALA A 55 20.32 17.50 -11.65
N ALA A 56 19.23 16.72 -11.67
CA ALA A 56 19.19 15.37 -11.12
C ALA A 56 20.12 14.39 -11.86
N VAL A 57 20.51 13.30 -11.18
CA VAL A 57 21.41 12.25 -11.69
C VAL A 57 21.12 10.88 -11.06
N ILE A 58 21.46 9.80 -11.76
CA ILE A 58 21.35 8.44 -11.22
C ILE A 58 22.30 8.27 -10.01
N CYS A 59 21.73 7.93 -8.86
CA CYS A 59 22.42 7.93 -7.56
C CYS A 59 21.76 6.93 -6.59
N ARG A 60 22.56 6.24 -5.76
CA ARG A 60 22.09 5.30 -4.72
C ARG A 60 21.50 6.02 -3.50
N HIS A 61 20.40 5.48 -2.96
CA HIS A 61 19.66 6.01 -1.80
C HIS A 61 19.15 4.90 -0.87
N CYS A 62 18.92 5.21 0.40
CA CYS A 62 18.32 4.30 1.39
C CYS A 62 16.83 3.97 1.09
N PRO A 63 16.32 2.79 1.48
CA PRO A 63 14.92 2.40 1.28
C PRO A 63 13.95 3.27 2.09
N VAL A 64 12.79 3.58 1.51
CA VAL A 64 11.70 4.33 2.17
C VAL A 64 10.88 3.41 3.08
N MET A 65 10.69 3.79 4.34
CA MET A 65 9.85 3.09 5.32
C MET A 65 9.40 4.00 6.49
N GLN A 66 8.21 3.76 7.02
CA GLN A 66 7.62 4.53 8.15
C GLN A 66 6.61 3.67 8.96
N GLU A 67 6.89 2.36 9.09
CA GLU A 67 6.04 1.29 9.66
C GLU A 67 4.68 1.07 8.96
N CYS A 68 3.82 2.09 8.90
CA CYS A 68 2.54 2.12 8.18
C CYS A 68 2.67 2.65 6.73
N ALA A 69 3.87 2.56 6.14
CA ALA A 69 4.32 3.18 4.89
C ALA A 69 4.35 4.72 4.91
N ALA A 70 5.21 5.31 4.07
CA ALA A 70 5.28 6.77 3.90
C ALA A 70 4.10 7.30 3.07
N ASP A 71 3.53 8.46 3.44
CA ASP A 71 2.41 9.07 2.74
C ASP A 71 2.71 9.59 1.32
N ALA A 72 3.59 10.58 1.24
CA ALA A 72 3.98 11.25 0.00
C ALA A 72 5.04 10.48 -0.82
N LEU A 73 5.99 9.83 -0.12
CA LEU A 73 7.09 9.07 -0.74
C LEU A 73 6.68 7.62 -1.07
N ASP A 74 7.38 7.02 -2.05
CA ASP A 74 7.26 5.61 -2.47
C ASP A 74 5.92 5.12 -3.05
N ASN A 75 5.96 4.15 -3.97
CA ASN A 75 4.78 3.62 -4.68
C ASN A 75 3.92 2.60 -3.88
N LYS A 76 4.30 2.26 -2.64
CA LYS A 76 3.64 1.28 -1.74
C LYS A 76 3.59 -0.18 -2.23
N VAL A 77 4.35 -0.54 -3.28
CA VAL A 77 4.44 -1.94 -3.77
C VAL A 77 5.10 -2.90 -2.77
N GLU A 78 6.15 -2.45 -2.08
CA GLU A 78 6.77 -3.20 -0.97
C GLU A 78 5.84 -3.30 0.26
N PHE A 79 4.95 -2.32 0.43
CA PHE A 79 3.90 -2.26 1.45
C PHE A 79 2.56 -2.97 1.15
N GLY A 80 2.47 -3.65 -0.01
CA GLY A 80 1.34 -4.51 -0.37
C GLY A 80 0.17 -3.82 -1.09
N VAL A 81 0.40 -2.70 -1.78
CA VAL A 81 -0.61 -2.08 -2.69
C VAL A 81 -1.14 -3.03 -3.79
N TRP A 82 -2.34 -2.76 -4.31
CA TRP A 82 -3.08 -3.68 -5.20
C TRP A 82 -2.37 -4.06 -6.51
N GLY A 83 -1.47 -3.21 -7.02
CA GLY A 83 -0.72 -3.48 -8.26
C GLY A 83 -1.63 -3.58 -9.49
N GLY A 84 -1.35 -4.56 -10.36
CA GLY A 84 -2.02 -4.74 -11.66
C GLY A 84 -3.39 -5.42 -11.63
N MET A 85 -3.89 -5.89 -10.46
CA MET A 85 -5.18 -6.60 -10.36
C MET A 85 -6.36 -5.72 -10.79
N THR A 86 -7.12 -6.16 -11.80
CA THR A 86 -8.17 -5.38 -12.50
C THR A 86 -9.22 -4.69 -11.64
N GLU A 87 -9.51 -3.40 -11.90
CA GLU A 87 -10.33 -2.54 -11.03
C GLU A 87 -11.71 -3.08 -10.67
N ARG A 88 -12.59 -3.29 -11.66
CA ARG A 88 -14.00 -3.69 -11.41
C ARG A 88 -14.10 -5.03 -10.69
N GLN A 89 -13.30 -6.00 -11.15
CA GLN A 89 -13.23 -7.36 -10.59
C GLN A 89 -12.67 -7.34 -9.16
N ARG A 90 -11.57 -6.62 -8.91
CA ARG A 90 -10.95 -6.47 -7.59
C ARG A 90 -11.92 -5.84 -6.60
N ARG A 91 -12.55 -4.72 -6.96
CA ARG A 91 -13.53 -4.01 -6.12
C ARG A 91 -14.75 -4.87 -5.78
N ALA A 92 -15.37 -5.48 -6.78
CA ALA A 92 -16.57 -6.33 -6.60
C ALA A 92 -16.29 -7.56 -5.73
N LEU A 93 -15.15 -8.23 -5.91
CA LEU A 93 -14.78 -9.39 -5.10
C LEU A 93 -14.33 -8.99 -3.68
N LEU A 94 -13.63 -7.86 -3.52
CA LEU A 94 -13.20 -7.35 -2.20
C LEU A 94 -14.39 -6.90 -1.35
N LYS A 95 -15.48 -6.40 -1.95
CA LYS A 95 -16.75 -6.15 -1.24
C LYS A 95 -17.46 -7.43 -0.80
N GLN A 96 -17.52 -8.44 -1.68
CA GLN A 96 -18.31 -9.66 -1.46
C GLN A 96 -17.62 -10.75 -0.61
N HIS A 97 -16.33 -11.00 -0.83
CA HIS A 97 -15.54 -12.11 -0.23
C HIS A 97 -14.08 -11.75 0.12
N PRO A 98 -13.82 -10.72 0.96
CA PRO A 98 -12.46 -10.36 1.39
C PRO A 98 -11.78 -11.40 2.29
N GLU A 99 -12.53 -12.28 2.96
CA GLU A 99 -12.04 -13.21 3.98
C GLU A 99 -11.23 -14.40 3.44
N VAL A 100 -11.42 -14.78 2.16
CA VAL A 100 -10.79 -15.97 1.57
C VAL A 100 -9.31 -15.76 1.18
N VAL A 101 -8.42 -16.65 1.63
CA VAL A 101 -6.96 -16.50 1.44
C VAL A 101 -6.48 -16.55 -0.02
N SER A 102 -7.28 -17.15 -0.91
CA SER A 102 -7.03 -17.24 -2.36
C SER A 102 -7.42 -15.98 -3.14
N TRP A 103 -8.04 -14.96 -2.51
CA TRP A 103 -8.61 -13.79 -3.18
C TRP A 103 -7.64 -13.04 -4.12
N SER A 104 -6.45 -12.67 -3.60
CA SER A 104 -5.42 -11.97 -4.38
C SER A 104 -4.76 -12.87 -5.43
N ASP A 105 -4.46 -14.12 -5.08
CA ASP A 105 -3.93 -15.13 -6.02
C ASP A 105 -4.83 -15.38 -7.25
N TYR A 106 -6.14 -15.54 -7.01
CA TYR A 106 -7.15 -15.59 -8.06
C TYR A 106 -7.22 -14.35 -8.96
N LEU A 107 -7.22 -13.14 -8.39
CA LEU A 107 -7.25 -11.89 -9.15
C LEU A 107 -5.96 -11.64 -9.94
N GLU A 108 -4.79 -11.99 -9.41
CA GLU A 108 -3.54 -11.95 -10.17
C GLU A 108 -3.57 -12.91 -11.37
N LYS A 109 -4.14 -14.12 -11.20
CA LYS A 109 -4.40 -15.04 -12.32
C LYS A 109 -5.41 -14.46 -13.32
N ARG A 110 -6.52 -13.89 -12.83
CA ARG A 110 -7.60 -13.27 -13.64
C ARG A 110 -7.07 -12.18 -14.58
N LYS A 111 -6.10 -11.37 -14.13
CA LYS A 111 -5.43 -10.32 -14.91
C LYS A 111 -4.71 -10.85 -16.16
N ARG A 112 -3.94 -11.94 -16.00
CA ARG A 112 -3.16 -12.58 -17.09
C ARG A 112 -3.96 -13.61 -17.92
N ARG A 113 -5.01 -14.20 -17.35
CA ARG A 113 -5.96 -15.12 -18.02
C ARG A 113 -7.38 -14.97 -17.45
N THR A 114 -8.23 -14.20 -18.14
CA THR A 114 -9.67 -14.08 -17.80
C THR A 114 -10.53 -15.28 -18.21
N GLY A 115 -11.70 -15.44 -17.57
CA GLY A 115 -12.63 -16.55 -17.79
C GLY A 115 -12.14 -17.91 -17.25
N THR A 116 -13.01 -18.92 -17.33
CA THR A 116 -12.75 -20.30 -16.86
C THR A 116 -12.23 -21.31 -17.90
N ALA A 117 -12.29 -20.97 -19.19
CA ALA A 117 -11.92 -21.86 -20.29
C ALA A 117 -10.40 -22.11 -20.38
N GLY A 118 -10.01 -23.36 -20.63
CA GLY A 118 -8.61 -23.80 -20.77
C GLY A 118 -8.48 -25.32 -20.90
N LEU A 119 -7.25 -25.81 -21.10
CA LEU A 119 -6.94 -27.25 -21.16
C LEU A 119 -7.06 -27.92 -19.78
N GLU A 120 -7.56 -29.16 -19.75
CA GLU A 120 -7.78 -29.95 -18.53
C GLU A 120 -7.75 -31.46 -18.83
N HIS A 121 -7.02 -32.24 -18.02
CA HIS A 121 -6.84 -33.69 -18.19
C HIS A 121 -8.14 -34.51 -18.08
N HIS A 122 -9.10 -34.03 -17.26
CA HIS A 122 -10.48 -34.52 -17.04
C HIS A 122 -10.62 -36.00 -16.63
N HIS A 123 -11.85 -36.40 -16.23
CA HIS A 123 -12.19 -37.77 -15.81
C HIS A 123 -12.19 -38.78 -16.97
N HIS A 124 -12.19 -40.08 -16.65
CA HIS A 124 -12.35 -41.19 -17.61
C HIS A 124 -13.72 -41.16 -18.33
N HIS A 125 -13.86 -41.91 -19.43
CA HIS A 125 -15.09 -42.02 -20.24
C HIS A 125 -15.26 -43.45 -20.79
N HIS A 126 -16.50 -43.89 -20.99
CA HIS A 126 -16.84 -45.17 -21.66
C HIS A 126 -16.40 -45.19 -23.14
N MET A 1 -43.44 51.64 37.97
CA MET A 1 -42.01 52.01 38.18
C MET A 1 -41.44 52.76 36.96
N SER A 2 -41.16 52.06 35.85
CA SER A 2 -40.56 52.64 34.62
C SER A 2 -40.94 51.85 33.36
N GLY A 3 -40.78 52.47 32.18
CA GLY A 3 -41.07 51.86 30.88
C GLY A 3 -40.09 50.75 30.48
N THR A 4 -40.56 49.79 29.65
CA THR A 4 -39.77 48.65 29.14
C THR A 4 -40.20 48.14 27.76
N ARG A 5 -39.35 47.33 27.12
CA ARG A 5 -39.57 46.75 25.78
C ARG A 5 -40.76 45.76 25.73
N PRO A 6 -41.41 45.59 24.55
CA PRO A 6 -42.40 44.52 24.34
C PRO A 6 -41.77 43.12 24.30
N ALA A 7 -40.50 43.01 23.85
CA ALA A 7 -39.72 41.77 23.80
C ALA A 7 -38.21 42.04 23.86
N ALA A 8 -37.43 41.08 24.36
CA ALA A 8 -35.96 41.13 24.37
C ALA A 8 -35.33 40.93 22.97
N ARG A 9 -36.08 40.35 22.02
CA ARG A 9 -35.69 40.14 20.61
C ARG A 9 -35.64 41.46 19.83
N ARG A 10 -35.01 41.43 18.64
CA ARG A 10 -34.86 42.59 17.72
C ARG A 10 -36.21 43.22 17.34
N THR A 11 -36.26 44.56 17.34
CA THR A 11 -37.50 45.36 17.19
C THR A 11 -38.21 45.33 15.83
N ASN A 12 -37.46 45.10 14.75
CA ASN A 12 -37.92 45.18 13.35
C ASN A 12 -37.70 43.89 12.53
N LEU A 13 -37.63 42.72 13.19
CA LEU A 13 -37.46 41.41 12.56
C LEU A 13 -38.28 40.33 13.30
N THR A 14 -39.19 39.66 12.59
CA THR A 14 -40.04 38.58 13.13
C THR A 14 -39.40 37.20 13.24
N ALA A 15 -38.34 36.93 12.47
CA ALA A 15 -37.60 35.66 12.49
C ALA A 15 -36.82 35.45 13.81
N ALA A 16 -36.67 34.19 14.22
CA ALA A 16 -35.88 33.79 15.40
C ALA A 16 -34.37 33.97 15.18
N GLN A 17 -33.64 34.31 16.25
CA GLN A 17 -32.19 34.57 16.23
C GLN A 17 -31.32 33.30 16.17
N ASN A 18 -31.87 32.14 16.58
CA ASN A 18 -31.28 30.80 16.46
C ASN A 18 -29.88 30.63 17.11
N VAL A 19 -29.59 31.40 18.16
CA VAL A 19 -28.35 31.29 18.96
C VAL A 19 -28.38 30.10 19.94
N VAL A 20 -27.22 29.49 20.15
CA VAL A 20 -27.04 28.27 20.97
C VAL A 20 -27.77 27.02 20.42
N ARG A 21 -27.65 26.82 19.10
CA ARG A 21 -28.20 25.66 18.37
C ARG A 21 -27.27 24.43 18.36
N SER A 22 -26.09 24.54 18.99
CA SER A 22 -25.16 23.44 19.29
C SER A 22 -24.49 23.66 20.65
N VAL A 23 -23.62 22.74 21.07
CA VAL A 23 -22.80 22.87 22.30
C VAL A 23 -21.81 24.03 22.21
N ASP A 24 -21.41 24.61 23.35
CA ASP A 24 -20.60 25.85 23.39
C ASP A 24 -19.22 25.82 22.70
N ALA A 25 -18.63 24.63 22.51
CA ALA A 25 -17.41 24.43 21.72
C ALA A 25 -17.65 24.51 20.20
N GLU A 26 -18.85 24.14 19.73
CA GLU A 26 -19.25 24.07 18.32
C GLU A 26 -20.05 25.30 17.86
N GLU A 27 -20.97 25.80 18.70
CA GLU A 27 -21.89 26.91 18.39
C GLU A 27 -21.19 28.14 17.82
N ARG A 28 -20.07 28.55 18.44
CA ARG A 28 -19.30 29.75 18.04
C ARG A 28 -18.56 29.58 16.71
N ILE A 29 -18.20 28.34 16.35
CA ILE A 29 -17.63 27.98 15.04
C ILE A 29 -18.72 27.80 13.97
N ALA A 30 -19.88 27.28 14.34
CA ALA A 30 -21.00 26.99 13.43
C ALA A 30 -21.56 28.22 12.69
N TRP A 31 -21.33 29.44 13.20
CA TRP A 31 -21.61 30.71 12.51
C TRP A 31 -20.66 31.04 11.33
N VAL A 32 -19.63 30.21 11.09
CA VAL A 32 -18.68 30.28 9.97
C VAL A 32 -18.48 28.93 9.25
N SER A 33 -17.92 28.92 8.04
CA SER A 33 -17.56 27.67 7.34
C SER A 33 -16.42 26.95 8.07
N LYS A 34 -16.73 25.83 8.76
CA LYS A 34 -15.79 25.08 9.60
C LYS A 34 -14.68 24.39 8.78
N ALA A 35 -14.97 24.00 7.54
CA ALA A 35 -14.03 23.41 6.60
C ALA A 35 -12.87 24.37 6.23
N LEU A 36 -11.80 23.82 5.63
CA LEU A 36 -10.56 24.55 5.31
C LEU A 36 -10.74 25.74 4.34
N CYS A 37 -11.91 25.85 3.69
CA CYS A 37 -12.30 27.03 2.90
C CYS A 37 -12.35 28.34 3.74
N ARG A 38 -12.53 28.24 5.07
CA ARG A 38 -12.39 29.36 6.02
C ARG A 38 -11.77 28.88 7.34
N THR A 39 -12.44 28.00 8.07
CA THR A 39 -12.04 27.49 9.41
C THR A 39 -11.83 28.54 10.52
N THR A 40 -11.43 28.13 11.73
CA THR A 40 -11.09 29.06 12.83
C THR A 40 -9.91 30.02 12.54
N ASP A 41 -9.82 31.12 13.30
CA ASP A 41 -8.76 32.13 13.14
C ASP A 41 -7.31 31.62 13.33
N PRO A 42 -6.29 32.17 12.61
CA PRO A 42 -4.90 31.76 12.81
C PRO A 42 -4.38 31.93 14.23
N ASP A 43 -4.84 32.97 14.95
CA ASP A 43 -4.54 33.14 16.38
C ASP A 43 -5.09 32.04 17.30
N GLU A 44 -6.29 31.54 17.01
CA GLU A 44 -6.92 30.42 17.72
C GLU A 44 -6.20 29.09 17.43
N LEU A 45 -5.64 28.91 16.23
CA LEU A 45 -4.76 27.78 15.90
C LEU A 45 -3.40 27.90 16.61
N PHE A 46 -2.74 29.05 16.50
CA PHE A 46 -1.39 29.27 17.07
C PHE A 46 -1.26 29.37 18.59
N VAL A 47 -2.31 29.81 19.30
CA VAL A 47 -2.37 29.74 20.78
C VAL A 47 -2.46 28.30 21.32
N ARG A 48 -3.07 27.39 20.55
CA ARG A 48 -3.13 25.94 20.84
C ARG A 48 -1.88 25.19 20.37
N GLY A 49 -1.38 25.53 19.18
CA GLY A 49 -0.13 25.03 18.59
C GLY A 49 1.14 25.75 19.06
N ALA A 50 1.17 26.24 20.31
CA ALA A 50 2.25 27.08 20.85
C ALA A 50 3.63 26.38 20.93
N ALA A 51 3.67 25.04 20.86
CA ALA A 51 4.89 24.24 20.80
C ALA A 51 5.78 24.54 19.56
N GLN A 52 5.23 25.20 18.53
CA GLN A 52 5.97 25.73 17.38
C GLN A 52 6.92 26.91 17.72
N ARG A 53 6.73 27.55 18.90
CA ARG A 53 7.44 28.74 19.40
C ARG A 53 7.24 30.01 18.54
N LYS A 54 7.69 31.17 19.05
CA LYS A 54 7.48 32.50 18.45
C LYS A 54 8.18 32.72 17.09
N ALA A 55 9.09 31.82 16.69
CA ALA A 55 9.87 31.92 15.46
C ALA A 55 9.03 31.84 14.16
N ALA A 56 7.80 31.30 14.21
CA ALA A 56 6.86 31.25 13.09
C ALA A 56 5.39 31.35 13.55
N VAL A 57 4.57 32.08 12.78
CA VAL A 57 3.11 32.23 12.97
C VAL A 57 2.38 32.18 11.62
N ILE A 58 1.14 31.67 11.63
CA ILE A 58 0.28 31.38 10.45
C ILE A 58 0.85 30.28 9.54
N CYS A 59 2.05 30.49 9.00
CA CYS A 59 2.85 29.49 8.27
C CYS A 59 3.38 28.40 9.22
N ARG A 60 3.48 27.15 8.71
CA ARG A 60 3.76 25.94 9.51
C ARG A 60 4.59 24.90 8.74
N HIS A 61 5.18 23.95 9.47
CA HIS A 61 6.05 22.89 8.92
C HIS A 61 5.30 21.93 7.97
N CYS A 62 6.02 21.34 7.02
CA CYS A 62 5.49 20.38 6.04
C CYS A 62 5.05 19.06 6.74
N PRO A 63 3.87 18.49 6.43
CA PRO A 63 3.41 17.22 7.00
C PRO A 63 4.22 16.01 6.50
N VAL A 64 4.11 14.88 7.24
CA VAL A 64 4.81 13.61 6.97
C VAL A 64 3.87 12.39 6.94
N MET A 65 4.27 11.33 6.22
CA MET A 65 3.50 10.09 6.12
C MET A 65 3.45 9.32 7.46
N GLN A 66 2.30 8.71 7.75
CA GLN A 66 2.06 7.83 8.91
C GLN A 66 1.27 6.57 8.53
N GLU A 67 0.33 6.73 7.59
CA GLU A 67 -0.43 5.71 6.89
C GLU A 67 0.47 4.75 6.06
N CYS A 68 -0.11 3.66 5.54
CA CYS A 68 0.60 2.64 4.73
C CYS A 68 1.82 2.04 5.44
N ALA A 69 1.73 1.88 6.77
CA ALA A 69 2.80 1.44 7.68
C ALA A 69 4.04 2.37 7.75
N ALA A 70 3.95 3.64 7.34
CA ALA A 70 5.05 4.60 7.50
C ALA A 70 5.44 4.84 8.97
N ASP A 71 4.51 4.67 9.92
CA ASP A 71 4.82 4.65 11.36
C ASP A 71 5.84 3.58 11.81
N ALA A 72 5.90 2.46 11.09
CA ALA A 72 6.89 1.38 11.27
C ALA A 72 8.19 1.59 10.45
N LEU A 73 8.31 2.73 9.73
CA LEU A 73 9.32 3.10 8.72
C LEU A 73 9.33 2.23 7.45
N ASP A 74 9.10 0.91 7.58
CA ASP A 74 8.92 -0.05 6.50
C ASP A 74 7.59 0.06 5.73
N ASN A 75 7.34 1.21 5.11
CA ASN A 75 6.08 1.53 4.43
C ASN A 75 5.79 0.62 3.21
N LYS A 76 4.50 0.45 2.91
CA LYS A 76 3.99 -0.18 1.68
C LYS A 76 4.10 0.79 0.49
N VAL A 77 3.98 0.25 -0.73
CA VAL A 77 4.07 1.01 -1.99
C VAL A 77 2.98 2.08 -2.16
N GLU A 78 3.35 3.22 -2.73
CA GLU A 78 2.48 4.39 -2.90
C GLU A 78 1.59 4.32 -4.18
N PHE A 79 2.00 3.54 -5.19
CA PHE A 79 1.34 3.46 -6.49
C PHE A 79 0.03 2.66 -6.62
N GLY A 80 -0.28 1.83 -5.62
CA GLY A 80 -1.41 0.90 -5.61
C GLY A 80 -1.34 -0.13 -4.48
N VAL A 81 -2.04 -1.26 -4.62
CA VAL A 81 -2.01 -2.38 -3.66
C VAL A 81 -2.17 -3.75 -4.36
N TRP A 82 -1.38 -4.74 -3.93
CA TRP A 82 -1.16 -6.07 -4.54
C TRP A 82 -0.63 -6.11 -6.00
N GLY A 83 -1.21 -5.33 -6.91
CA GLY A 83 -0.85 -5.25 -8.32
C GLY A 83 -1.92 -4.62 -9.21
N GLY A 84 -1.65 -4.51 -10.51
CA GLY A 84 -2.49 -3.83 -11.51
C GLY A 84 -3.68 -4.64 -12.07
N MET A 85 -4.25 -5.55 -11.28
CA MET A 85 -5.42 -6.37 -11.68
C MET A 85 -6.70 -5.52 -11.90
N THR A 86 -7.64 -6.03 -12.69
CA THR A 86 -8.87 -5.31 -13.10
C THR A 86 -9.68 -4.65 -11.98
N GLU A 87 -9.92 -3.35 -12.06
CA GLU A 87 -10.48 -2.57 -10.94
C GLU A 87 -11.94 -2.90 -10.58
N ARG A 88 -12.76 -3.29 -11.56
CA ARG A 88 -14.13 -3.78 -11.30
C ARG A 88 -14.12 -5.12 -10.54
N GLN A 89 -13.30 -6.06 -10.99
CA GLN A 89 -13.13 -7.37 -10.34
C GLN A 89 -12.51 -7.25 -8.95
N ARG A 90 -11.51 -6.37 -8.78
CA ARG A 90 -10.88 -6.05 -7.48
C ARG A 90 -11.93 -5.58 -6.48
N ARG A 91 -12.65 -4.50 -6.80
CA ARG A 91 -13.63 -3.88 -5.89
C ARG A 91 -14.83 -4.78 -5.59
N ALA A 92 -15.42 -5.39 -6.62
CA ALA A 92 -16.61 -6.23 -6.47
C ALA A 92 -16.35 -7.44 -5.56
N LEU A 93 -15.29 -8.22 -5.84
CA LEU A 93 -15.00 -9.44 -5.08
C LEU A 93 -14.44 -9.13 -3.67
N LEU A 94 -13.71 -8.03 -3.51
CA LEU A 94 -13.24 -7.58 -2.19
C LEU A 94 -14.40 -7.15 -1.28
N LYS A 95 -15.42 -6.47 -1.84
CA LYS A 95 -16.67 -6.13 -1.12
C LYS A 95 -17.53 -7.35 -0.77
N GLN A 96 -17.58 -8.35 -1.66
CA GLN A 96 -18.34 -9.58 -1.46
C GLN A 96 -17.76 -10.52 -0.40
N HIS A 97 -16.43 -10.73 -0.40
CA HIS A 97 -15.74 -11.68 0.49
C HIS A 97 -14.27 -11.30 0.77
N PRO A 98 -13.98 -10.31 1.65
CA PRO A 98 -12.61 -9.86 1.93
C PRO A 98 -11.78 -10.86 2.75
N GLU A 99 -12.40 -11.82 3.43
CA GLU A 99 -11.74 -12.72 4.40
C GLU A 99 -10.92 -13.86 3.76
N VAL A 100 -11.17 -14.20 2.49
CA VAL A 100 -10.54 -15.32 1.79
C VAL A 100 -9.13 -14.99 1.25
N VAL A 101 -8.14 -15.85 1.54
CA VAL A 101 -6.74 -15.69 1.07
C VAL A 101 -6.58 -15.85 -0.44
N SER A 102 -7.44 -16.66 -1.06
CA SER A 102 -7.47 -16.93 -2.51
C SER A 102 -7.88 -15.74 -3.39
N TRP A 103 -8.41 -14.66 -2.82
CA TRP A 103 -8.93 -13.51 -3.57
C TRP A 103 -7.88 -12.76 -4.41
N SER A 104 -6.76 -12.37 -3.82
CA SER A 104 -5.66 -11.69 -4.52
C SER A 104 -4.95 -12.64 -5.50
N ASP A 105 -4.76 -13.91 -5.10
CA ASP A 105 -4.25 -14.99 -5.95
C ASP A 105 -5.07 -15.24 -7.23
N TYR A 106 -6.40 -15.32 -7.09
CA TYR A 106 -7.33 -15.36 -8.22
C TYR A 106 -7.22 -14.19 -9.20
N LEU A 107 -7.19 -12.95 -8.68
CA LEU A 107 -7.04 -11.76 -9.51
C LEU A 107 -5.70 -11.73 -10.26
N GLU A 108 -4.62 -12.17 -9.65
CA GLU A 108 -3.30 -12.27 -10.30
C GLU A 108 -3.34 -13.33 -11.43
N LYS A 109 -3.90 -14.52 -11.16
CA LYS A 109 -4.17 -15.54 -12.19
C LYS A 109 -5.09 -15.07 -13.32
N ARG A 110 -6.08 -14.22 -13.03
CA ARG A 110 -6.92 -13.56 -14.04
C ARG A 110 -6.10 -12.63 -14.94
N LYS A 111 -5.21 -11.80 -14.36
CA LYS A 111 -4.28 -10.91 -15.08
C LYS A 111 -3.30 -11.68 -15.99
N ARG A 112 -2.86 -12.87 -15.59
CA ARG A 112 -2.08 -13.85 -16.40
C ARG A 112 -2.92 -14.55 -17.50
N ARG A 113 -3.68 -13.78 -18.28
CA ARG A 113 -4.62 -14.21 -19.36
C ARG A 113 -5.57 -15.36 -18.95
N THR A 114 -6.04 -15.30 -17.70
CA THR A 114 -6.82 -16.34 -16.99
C THR A 114 -6.16 -17.70 -16.68
N GLY A 115 -6.57 -18.32 -15.57
CA GLY A 115 -5.93 -19.51 -14.98
C GLY A 115 -6.22 -20.85 -15.67
N THR A 116 -7.24 -20.93 -16.54
CA THR A 116 -7.64 -22.17 -17.24
C THR A 116 -8.27 -22.00 -18.62
N ALA A 117 -8.34 -23.07 -19.41
CA ALA A 117 -8.86 -23.09 -20.77
C ALA A 117 -10.40 -22.87 -20.84
N GLY A 118 -10.89 -22.33 -21.95
CA GLY A 118 -12.32 -22.03 -22.17
C GLY A 118 -13.24 -23.26 -22.20
N LEU A 119 -12.69 -24.46 -22.40
CA LEU A 119 -13.42 -25.74 -22.35
C LEU A 119 -14.03 -26.02 -20.95
N GLU A 120 -13.48 -25.43 -19.89
CA GLU A 120 -13.98 -25.59 -18.51
C GLU A 120 -15.30 -24.83 -18.22
N HIS A 121 -15.84 -24.09 -19.19
CA HIS A 121 -17.16 -23.42 -19.16
C HIS A 121 -18.36 -24.40 -19.29
N HIS A 122 -18.11 -25.72 -19.33
CA HIS A 122 -19.10 -26.80 -19.45
C HIS A 122 -20.19 -26.78 -18.33
N HIS A 123 -21.43 -27.13 -18.70
CA HIS A 123 -22.57 -27.32 -17.77
C HIS A 123 -23.39 -28.58 -18.12
N HIS A 124 -24.17 -29.09 -17.16
CA HIS A 124 -25.01 -30.30 -17.31
C HIS A 124 -26.18 -30.07 -18.31
N HIS A 125 -26.69 -31.15 -18.90
CA HIS A 125 -27.84 -31.13 -19.84
C HIS A 125 -29.14 -30.65 -19.15
N HIS A 126 -30.01 -29.99 -19.92
CA HIS A 126 -31.37 -29.60 -19.47
C HIS A 126 -32.25 -30.83 -19.16
N MET A 1 49.02 -28.15 -9.81
CA MET A 1 47.84 -29.02 -10.08
C MET A 1 48.22 -30.28 -10.87
N SER A 2 47.40 -31.33 -10.81
CA SER A 2 47.54 -32.59 -11.58
C SER A 2 48.87 -33.33 -11.39
N GLY A 3 49.40 -33.33 -10.17
CA GLY A 3 50.67 -33.99 -9.80
C GLY A 3 50.97 -33.96 -8.30
N THR A 4 52.01 -34.67 -7.88
CA THR A 4 52.44 -34.83 -6.48
C THR A 4 52.82 -33.54 -5.73
N ARG A 5 52.39 -33.40 -4.47
CA ARG A 5 52.74 -32.28 -3.59
C ARG A 5 54.24 -32.27 -3.18
N PRO A 6 54.84 -31.10 -2.87
CA PRO A 6 56.22 -31.00 -2.39
C PRO A 6 56.42 -31.54 -0.96
N ALA A 7 55.36 -31.59 -0.15
CA ALA A 7 55.36 -32.08 1.24
C ALA A 7 54.03 -32.75 1.62
N ALA A 8 54.06 -33.66 2.59
CA ALA A 8 52.89 -34.35 3.14
C ALA A 8 52.09 -33.52 4.18
N ARG A 9 52.58 -32.32 4.54
CA ARG A 9 52.03 -31.43 5.60
C ARG A 9 50.58 -31.01 5.34
N ARG A 10 49.78 -30.89 6.42
CA ARG A 10 48.35 -30.53 6.38
C ARG A 10 48.15 -29.04 6.05
N THR A 11 47.26 -28.74 5.10
CA THR A 11 46.84 -27.35 4.74
C THR A 11 45.48 -26.91 5.29
N ASN A 12 44.50 -27.81 5.33
CA ASN A 12 43.15 -27.54 5.84
C ASN A 12 43.13 -27.54 7.39
N LEU A 13 42.73 -26.43 8.00
CA LEU A 13 42.60 -26.26 9.46
C LEU A 13 41.42 -27.04 10.09
N THR A 14 40.53 -27.63 9.29
CA THR A 14 39.43 -28.51 9.71
C THR A 14 38.30 -27.90 10.55
N ALA A 15 38.11 -26.58 10.44
CA ALA A 15 37.03 -25.85 11.11
C ALA A 15 35.63 -26.14 10.52
N ALA A 16 35.56 -26.54 9.25
CA ALA A 16 34.33 -26.87 8.51
C ALA A 16 33.28 -25.73 8.51
N GLN A 17 31.99 -26.05 8.38
CA GLN A 17 30.89 -25.07 8.27
C GLN A 17 30.63 -24.26 9.57
N ASN A 18 31.25 -24.60 10.70
CA ASN A 18 31.05 -23.96 12.00
C ASN A 18 31.37 -22.45 12.02
N VAL A 19 32.19 -21.96 11.09
CA VAL A 19 32.49 -20.52 10.92
C VAL A 19 31.37 -19.68 10.29
N VAL A 20 30.33 -20.33 9.73
CA VAL A 20 29.11 -19.74 9.13
C VAL A 20 29.29 -18.86 7.87
N ARG A 21 30.14 -17.83 7.94
CA ARG A 21 30.31 -16.80 6.91
C ARG A 21 30.76 -17.39 5.56
N SER A 22 29.85 -17.40 4.58
CA SER A 22 30.05 -17.83 3.19
C SER A 22 30.60 -19.26 3.00
N VAL A 23 30.33 -20.16 3.95
CA VAL A 23 30.72 -21.59 3.86
C VAL A 23 29.88 -22.39 2.84
N ASP A 24 28.62 -21.98 2.62
CA ASP A 24 27.66 -22.59 1.68
C ASP A 24 26.52 -21.59 1.46
N ALA A 25 25.93 -21.57 0.27
CA ALA A 25 24.77 -20.72 -0.06
C ALA A 25 23.58 -20.99 0.87
N GLU A 26 23.32 -22.27 1.14
CA GLU A 26 22.21 -22.71 2.01
C GLU A 26 22.46 -22.34 3.48
N GLU A 27 23.72 -22.31 3.93
CA GLU A 27 24.06 -21.84 5.28
C GLU A 27 23.90 -20.31 5.41
N ARG A 28 24.26 -19.54 4.36
CA ARG A 28 23.94 -18.10 4.30
C ARG A 28 22.43 -17.85 4.39
N ILE A 29 21.65 -18.59 3.60
CA ILE A 29 20.18 -18.52 3.59
C ILE A 29 19.57 -18.86 4.96
N ALA A 30 20.11 -19.87 5.65
CA ALA A 30 19.70 -20.24 7.01
C ALA A 30 20.09 -19.18 8.07
N TRP A 31 21.24 -18.53 7.91
CA TRP A 31 21.73 -17.46 8.79
C TRP A 31 20.96 -16.14 8.68
N VAL A 32 20.56 -15.75 7.46
CA VAL A 32 19.70 -14.59 7.18
C VAL A 32 18.36 -14.77 7.90
N SER A 33 17.90 -13.72 8.60
CA SER A 33 16.68 -13.77 9.43
C SER A 33 15.37 -13.78 8.63
N LYS A 34 14.32 -14.37 9.23
CA LYS A 34 12.93 -14.31 8.77
C LYS A 34 12.24 -12.97 9.13
N ALA A 35 12.67 -12.33 10.23
CA ALA A 35 12.06 -11.12 10.80
C ALA A 35 13.07 -10.19 11.49
N LEU A 36 12.71 -8.90 11.64
CA LEU A 36 13.60 -7.85 12.18
C LEU A 36 13.86 -7.95 13.69
N CYS A 37 13.13 -8.81 14.42
CA CYS A 37 13.24 -8.96 15.88
C CYS A 37 14.61 -9.49 16.38
N ARG A 38 15.44 -10.05 15.48
CA ARG A 38 16.85 -10.47 15.73
C ARG A 38 17.88 -9.73 14.86
N THR A 39 17.53 -8.55 14.34
CA THR A 39 18.38 -7.70 13.48
C THR A 39 18.49 -6.23 13.91
N THR A 40 19.54 -5.54 13.46
CA THR A 40 19.85 -4.14 13.83
C THR A 40 18.84 -3.07 13.39
N ASP A 41 18.33 -2.26 14.33
CA ASP A 41 17.52 -1.07 14.02
C ASP A 41 18.32 0.13 13.44
N PRO A 42 17.75 0.95 12.54
CA PRO A 42 18.48 2.09 11.95
C PRO A 42 18.95 3.14 12.98
N ASP A 43 18.30 3.24 14.14
CA ASP A 43 18.72 4.10 15.25
C ASP A 43 20.16 3.85 15.76
N GLU A 44 20.57 2.58 15.80
CA GLU A 44 21.92 2.16 16.21
C GLU A 44 23.00 2.63 15.23
N LEU A 45 22.69 2.70 13.93
CA LEU A 45 23.56 3.24 12.89
C LEU A 45 23.54 4.78 12.93
N PHE A 46 22.35 5.37 13.06
CA PHE A 46 22.12 6.81 13.19
C PHE A 46 22.90 7.52 14.31
N VAL A 47 22.91 6.93 15.51
CA VAL A 47 23.65 7.44 16.67
C VAL A 47 25.18 7.33 16.56
N ARG A 48 25.69 6.30 15.87
CA ARG A 48 27.13 6.08 15.64
C ARG A 48 27.70 6.92 14.48
N GLY A 49 26.91 7.12 13.42
CA GLY A 49 27.25 7.94 12.26
C GLY A 49 27.09 9.44 12.56
N ALA A 50 28.10 10.07 13.18
CA ALA A 50 28.04 11.48 13.62
C ALA A 50 27.84 12.50 12.47
N ALA A 51 28.17 12.11 11.23
CA ALA A 51 27.90 12.90 10.00
C ALA A 51 26.42 12.91 9.55
N GLN A 52 25.51 12.30 10.32
CA GLN A 52 24.08 12.13 10.03
C GLN A 52 23.37 13.39 9.44
N ARG A 53 22.66 13.19 8.32
CA ARG A 53 21.82 14.21 7.65
C ARG A 53 20.31 14.03 7.85
N LYS A 54 19.87 12.91 8.44
CA LYS A 54 18.44 12.54 8.62
C LYS A 54 17.74 13.42 9.66
N ALA A 55 16.45 13.70 9.43
CA ALA A 55 15.61 14.55 10.29
C ALA A 55 15.11 13.85 11.58
N ALA A 56 15.13 12.52 11.62
CA ALA A 56 14.66 11.70 12.75
C ALA A 56 15.47 10.39 12.90
N VAL A 57 15.43 9.79 14.09
CA VAL A 57 16.26 8.61 14.45
C VAL A 57 16.03 7.35 13.60
N ILE A 58 14.81 7.18 13.09
CA ILE A 58 14.42 6.16 12.08
C ILE A 58 13.56 6.88 11.02
N CYS A 59 14.16 7.22 9.89
CA CYS A 59 13.50 8.00 8.82
C CYS A 59 12.41 7.23 8.04
N ARG A 60 12.54 5.89 7.96
CA ARG A 60 11.61 4.95 7.28
C ARG A 60 10.29 4.68 8.05
N HIS A 61 9.70 5.73 8.65
CA HIS A 61 8.54 5.64 9.55
C HIS A 61 7.27 5.12 8.83
N CYS A 62 6.99 5.66 7.63
CA CYS A 62 5.91 5.22 6.72
C CYS A 62 4.54 4.97 7.41
N PRO A 63 3.99 5.97 8.16
CA PRO A 63 2.78 5.79 8.96
C PRO A 63 1.52 5.55 8.12
N VAL A 64 0.57 4.78 8.68
CA VAL A 64 -0.78 4.56 8.11
C VAL A 64 -1.69 5.78 8.27
N MET A 65 -2.65 5.98 7.36
CA MET A 65 -3.62 7.09 7.38
C MET A 65 -4.49 7.17 8.67
N GLN A 66 -4.68 6.03 9.35
CA GLN A 66 -5.53 5.87 10.55
C GLN A 66 -4.83 4.98 11.61
N GLU A 67 -5.47 4.82 12.77
CA GLU A 67 -5.05 3.94 13.87
C GLU A 67 -5.08 2.43 13.52
N CYS A 68 -5.67 2.08 12.37
CA CYS A 68 -5.71 0.74 11.76
C CYS A 68 -5.63 0.91 10.23
N ALA A 69 -5.88 -0.14 9.44
CA ALA A 69 -5.91 -0.08 7.98
C ALA A 69 -6.89 1.00 7.45
N ALA A 70 -6.52 1.69 6.37
CA ALA A 70 -7.22 2.88 5.88
C ALA A 70 -8.65 2.58 5.39
N ASP A 71 -9.64 3.19 6.04
CA ASP A 71 -11.06 3.19 5.67
C ASP A 71 -11.59 4.43 4.96
N ALA A 72 -11.26 5.61 5.49
CA ALA A 72 -11.83 6.89 5.08
C ALA A 72 -11.09 7.59 3.92
N LEU A 73 -9.80 7.28 3.71
CA LEU A 73 -8.90 8.02 2.79
C LEU A 73 -8.29 7.17 1.66
N ASP A 74 -8.71 5.90 1.51
CA ASP A 74 -8.20 4.96 0.51
C ASP A 74 -9.28 4.02 -0.09
N ASN A 75 -9.28 3.86 -1.42
CA ASN A 75 -10.07 2.86 -2.17
C ASN A 75 -9.54 1.41 -1.99
N LYS A 76 -9.00 1.08 -0.80
CA LYS A 76 -8.30 -0.18 -0.47
C LYS A 76 -7.21 -0.55 -1.49
N VAL A 77 -6.42 0.44 -1.91
CA VAL A 77 -5.38 0.29 -2.95
C VAL A 77 -4.06 1.02 -2.67
N GLU A 78 -4.10 2.16 -1.99
CA GLU A 78 -2.89 2.84 -1.48
C GLU A 78 -2.23 2.03 -0.35
N PHE A 79 -3.05 1.51 0.58
CA PHE A 79 -2.67 0.57 1.63
C PHE A 79 -2.86 -0.93 1.34
N GLY A 80 -3.66 -1.25 0.31
CA GLY A 80 -3.78 -2.60 -0.25
C GLY A 80 -2.60 -3.01 -1.15
N VAL A 81 -1.95 -2.03 -1.79
CA VAL A 81 -0.75 -2.17 -2.64
C VAL A 81 -0.88 -3.05 -3.90
N TRP A 82 -2.12 -3.26 -4.39
CA TRP A 82 -2.38 -3.98 -5.64
C TRP A 82 -2.07 -3.16 -6.91
N GLY A 83 -1.85 -3.85 -8.03
CA GLY A 83 -1.63 -3.23 -9.35
C GLY A 83 -1.83 -4.20 -10.51
N GLY A 84 -2.28 -3.69 -11.66
CA GLY A 84 -2.49 -4.43 -12.91
C GLY A 84 -3.74 -5.34 -12.97
N MET A 85 -4.41 -5.58 -11.84
CA MET A 85 -5.66 -6.36 -11.76
C MET A 85 -6.87 -5.49 -12.16
N THR A 86 -7.89 -6.09 -12.78
CA THR A 86 -9.11 -5.39 -13.23
C THR A 86 -9.91 -4.73 -12.10
N GLU A 87 -10.03 -3.39 -12.07
CA GLU A 87 -10.58 -2.67 -10.92
C GLU A 87 -12.06 -2.98 -10.61
N ARG A 88 -12.90 -3.18 -11.64
CA ARG A 88 -14.31 -3.55 -11.46
C ARG A 88 -14.46 -4.88 -10.71
N GLN A 89 -13.67 -5.88 -11.11
CA GLN A 89 -13.58 -7.18 -10.42
C GLN A 89 -12.95 -7.04 -9.02
N ARG A 90 -11.87 -6.26 -8.92
CA ARG A 90 -11.11 -6.06 -7.66
C ARG A 90 -12.00 -5.46 -6.57
N ARG A 91 -12.70 -4.36 -6.86
CA ARG A 91 -13.53 -3.64 -5.88
C ARG A 91 -14.78 -4.44 -5.50
N ALA A 92 -15.45 -5.06 -6.48
CA ALA A 92 -16.64 -5.89 -6.25
C ALA A 92 -16.30 -7.16 -5.43
N LEU A 93 -15.34 -7.97 -5.89
CA LEU A 93 -15.04 -9.24 -5.23
C LEU A 93 -14.30 -9.05 -3.89
N LEU A 94 -13.51 -7.98 -3.70
CA LEU A 94 -12.96 -7.65 -2.38
C LEU A 94 -14.09 -7.40 -1.35
N LYS A 95 -15.11 -6.63 -1.74
CA LYS A 95 -16.31 -6.36 -0.93
C LYS A 95 -17.11 -7.63 -0.60
N GLN A 96 -17.18 -8.57 -1.56
CA GLN A 96 -17.84 -9.88 -1.39
C GLN A 96 -17.01 -10.92 -0.60
N HIS A 97 -15.67 -10.85 -0.67
CA HIS A 97 -14.73 -11.88 -0.19
C HIS A 97 -13.50 -11.27 0.56
N PRO A 98 -13.69 -10.49 1.64
CA PRO A 98 -12.59 -9.85 2.38
C PRO A 98 -11.83 -10.78 3.35
N GLU A 99 -12.37 -11.97 3.67
CA GLU A 99 -11.86 -12.82 4.76
C GLU A 99 -10.50 -13.51 4.50
N VAL A 100 -10.18 -13.85 3.24
CA VAL A 100 -8.96 -14.64 2.90
C VAL A 100 -8.40 -14.39 1.49
N VAL A 101 -7.07 -14.45 1.35
CA VAL A 101 -6.27 -14.05 0.16
C VAL A 101 -6.39 -14.92 -1.10
N SER A 102 -7.18 -16.00 -1.08
CA SER A 102 -7.47 -16.79 -2.29
C SER A 102 -8.16 -15.97 -3.39
N TRP A 103 -8.88 -14.92 -3.01
CA TRP A 103 -9.43 -13.90 -3.92
C TRP A 103 -8.37 -13.11 -4.72
N SER A 104 -7.40 -12.50 -4.03
CA SER A 104 -6.34 -11.72 -4.69
C SER A 104 -5.41 -12.63 -5.51
N ASP A 105 -5.14 -13.85 -5.02
CA ASP A 105 -4.45 -14.89 -5.79
C ASP A 105 -5.16 -15.26 -7.11
N TYR A 106 -6.49 -15.39 -7.07
CA TYR A 106 -7.33 -15.54 -8.25
C TYR A 106 -7.28 -14.41 -9.29
N LEU A 107 -7.40 -13.15 -8.84
CA LEU A 107 -7.27 -12.00 -9.75
C LEU A 107 -5.83 -11.84 -10.28
N GLU A 108 -4.79 -12.14 -9.49
CA GLU A 108 -3.40 -12.18 -9.97
C GLU A 108 -3.23 -13.26 -11.04
N LYS A 109 -3.79 -14.47 -10.84
CA LYS A 109 -3.80 -15.54 -11.85
C LYS A 109 -4.52 -15.10 -13.14
N ARG A 110 -5.67 -14.42 -13.05
CA ARG A 110 -6.37 -13.83 -14.22
C ARG A 110 -5.52 -12.79 -14.95
N LYS A 111 -4.84 -11.91 -14.21
CA LYS A 111 -3.86 -10.93 -14.74
C LYS A 111 -2.69 -11.58 -15.49
N ARG A 112 -2.14 -12.68 -14.96
CA ARG A 112 -1.02 -13.44 -15.57
C ARG A 112 -1.44 -14.29 -16.79
N ARG A 113 -2.53 -15.05 -16.66
CA ARG A 113 -2.96 -16.09 -17.63
C ARG A 113 -4.03 -15.65 -18.64
N THR A 114 -4.76 -14.57 -18.34
CA THR A 114 -5.78 -13.93 -19.22
C THR A 114 -7.00 -14.76 -19.64
N GLY A 115 -7.21 -15.93 -19.01
CA GLY A 115 -8.37 -16.81 -19.22
C GLY A 115 -8.23 -17.81 -20.38
N THR A 116 -7.13 -17.78 -21.14
CA THR A 116 -6.86 -18.72 -22.25
C THR A 116 -6.71 -20.19 -21.86
N ALA A 117 -7.35 -21.10 -22.61
CA ALA A 117 -7.32 -22.56 -22.41
C ALA A 117 -6.03 -23.22 -22.95
N GLY A 118 -4.86 -22.65 -22.66
CA GLY A 118 -3.56 -23.11 -23.15
C GLY A 118 -3.18 -24.50 -22.64
N LEU A 119 -2.79 -25.40 -23.55
CA LEU A 119 -2.37 -26.78 -23.28
C LEU A 119 -3.41 -27.69 -22.57
N GLU A 120 -4.70 -27.33 -22.62
CA GLU A 120 -5.78 -28.11 -21.99
C GLU A 120 -6.18 -29.39 -22.76
N HIS A 121 -5.77 -29.50 -24.04
CA HIS A 121 -5.84 -30.69 -24.90
C HIS A 121 -7.20 -31.43 -24.91
N HIS A 122 -8.31 -30.68 -25.02
CA HIS A 122 -9.69 -31.23 -25.03
C HIS A 122 -10.04 -32.05 -26.28
N HIS A 123 -9.41 -31.77 -27.43
CA HIS A 123 -9.64 -32.47 -28.71
C HIS A 123 -9.26 -33.96 -28.66
N HIS A 124 -10.01 -34.81 -29.37
CA HIS A 124 -9.77 -36.26 -29.53
C HIS A 124 -9.63 -37.03 -28.20
N HIS A 125 -10.50 -36.71 -27.23
CA HIS A 125 -10.58 -37.38 -25.91
C HIS A 125 -11.06 -38.84 -26.03
N HIS A 126 -10.85 -39.64 -24.98
CA HIS A 126 -11.43 -40.99 -24.83
C HIS A 126 -12.98 -40.96 -24.87
N MET A 1 31.74 38.28 31.21
CA MET A 1 30.48 38.34 30.42
C MET A 1 29.28 38.66 31.33
N SER A 2 28.48 39.68 30.99
CA SER A 2 27.21 39.97 31.68
C SER A 2 26.10 39.02 31.22
N GLY A 3 25.34 38.44 32.17
CA GLY A 3 24.32 37.44 31.88
C GLY A 3 24.86 36.10 31.34
N THR A 4 23.96 35.26 30.82
CA THR A 4 24.25 33.90 30.31
C THR A 4 24.48 33.78 28.79
N ARG A 5 24.43 34.90 28.06
CA ARG A 5 24.73 35.01 26.61
C ARG A 5 25.54 36.29 26.32
N PRO A 6 26.29 36.38 25.21
CA PRO A 6 27.08 37.58 24.86
C PRO A 6 26.30 38.89 24.82
N ALA A 7 25.02 38.83 24.41
CA ALA A 7 24.11 39.97 24.32
C ALA A 7 23.41 40.33 25.66
N ALA A 8 23.72 39.65 26.76
CA ALA A 8 23.13 39.83 28.10
C ALA A 8 21.57 39.69 28.14
N ARG A 9 21.01 38.88 27.23
CA ARG A 9 19.57 38.75 26.93
C ARG A 9 19.12 37.29 26.76
N ARG A 10 17.80 37.06 26.79
CA ARG A 10 17.12 35.76 26.57
C ARG A 10 17.64 34.62 27.47
N THR A 11 17.92 34.93 28.73
CA THR A 11 18.34 33.94 29.74
C THR A 11 17.21 33.03 30.25
N ASN A 12 17.54 31.80 30.67
CA ASN A 12 16.66 30.87 31.38
C ASN A 12 15.30 30.60 30.67
N LEU A 13 15.31 30.58 29.33
CA LEU A 13 14.11 30.42 28.48
C LEU A 13 13.46 29.04 28.68
N THR A 14 12.21 29.00 29.17
CA THR A 14 11.49 27.75 29.47
C THR A 14 11.31 26.77 28.30
N ALA A 15 11.18 27.31 27.07
CA ALA A 15 11.03 26.53 25.83
C ALA A 15 12.30 25.76 25.40
N ALA A 16 13.47 26.07 25.97
CA ALA A 16 14.74 25.40 25.67
C ALA A 16 14.88 23.99 26.29
N GLN A 17 13.98 23.60 27.21
CA GLN A 17 13.99 22.30 27.87
C GLN A 17 13.72 21.13 26.91
N ASN A 18 14.47 20.03 27.06
CA ASN A 18 14.32 18.79 26.26
C ASN A 18 13.25 17.85 26.84
N VAL A 19 13.06 16.68 26.22
CA VAL A 19 12.02 15.69 26.58
C VAL A 19 12.10 15.06 27.98
N VAL A 20 13.27 15.05 28.62
CA VAL A 20 13.52 14.39 29.92
C VAL A 20 12.86 15.15 31.07
N ARG A 21 12.03 14.47 31.87
CA ARG A 21 11.40 14.97 33.12
C ARG A 21 11.78 14.18 34.38
N SER A 22 12.62 13.14 34.26
CA SER A 22 12.99 12.19 35.32
C SER A 22 14.45 11.71 35.17
N VAL A 23 14.86 10.67 35.90
CA VAL A 23 16.21 10.08 35.84
C VAL A 23 16.57 9.66 34.40
N ASP A 24 17.64 10.23 33.86
CA ASP A 24 18.01 10.13 32.43
C ASP A 24 17.97 8.74 31.77
N ALA A 25 18.64 7.76 32.37
CA ALA A 25 18.70 6.39 31.86
C ALA A 25 17.31 5.73 31.79
N GLU A 26 16.58 5.78 32.90
CA GLU A 26 15.25 5.17 33.05
C GLU A 26 14.19 5.89 32.19
N GLU A 27 14.29 7.21 32.07
CA GLU A 27 13.45 8.03 31.20
C GLU A 27 13.67 7.69 29.72
N ARG A 28 14.92 7.56 29.26
CA ARG A 28 15.22 7.11 27.89
C ARG A 28 14.73 5.70 27.60
N ILE A 29 14.85 4.78 28.56
CA ILE A 29 14.30 3.42 28.47
C ILE A 29 12.78 3.43 28.31
N ALA A 30 12.07 4.27 29.08
CA ALA A 30 10.62 4.45 28.98
C ALA A 30 10.18 5.17 27.68
N TRP A 31 10.99 6.10 27.17
CA TRP A 31 10.76 6.85 25.94
C TRP A 31 10.98 6.08 24.63
N VAL A 32 12.05 5.27 24.56
CA VAL A 32 12.48 4.60 23.32
C VAL A 32 11.53 3.51 22.80
N SER A 33 10.80 2.83 23.69
CA SER A 33 9.75 1.85 23.35
C SER A 33 8.73 1.67 24.49
N LYS A 34 7.48 1.32 24.14
CA LYS A 34 6.39 1.10 25.11
C LYS A 34 6.63 -0.13 25.97
N ALA A 35 6.42 -0.02 27.28
CA ALA A 35 6.62 -1.11 28.25
C ALA A 35 5.69 -2.31 28.00
N LEU A 36 6.17 -3.51 28.34
CA LEU A 36 5.50 -4.83 28.19
C LEU A 36 5.15 -5.29 26.76
N CYS A 37 4.98 -4.37 25.81
CA CYS A 37 4.69 -4.67 24.40
C CYS A 37 5.85 -5.41 23.69
N ARG A 38 5.51 -6.45 22.91
CA ARG A 38 6.45 -7.18 22.03
C ARG A 38 6.66 -6.46 20.68
N THR A 39 7.76 -6.78 20.01
CA THR A 39 8.10 -6.27 18.65
C THR A 39 8.38 -7.34 17.59
N THR A 40 9.29 -8.28 17.89
CA THR A 40 9.83 -9.24 16.91
C THR A 40 10.48 -8.63 15.65
N ASP A 41 11.02 -7.41 15.78
CA ASP A 41 11.74 -6.71 14.72
C ASP A 41 13.00 -7.43 14.19
N PRO A 42 13.49 -7.15 12.96
CA PRO A 42 14.63 -7.86 12.37
C PRO A 42 15.90 -7.87 13.23
N ASP A 43 16.17 -6.77 13.94
CA ASP A 43 17.28 -6.66 14.90
C ASP A 43 17.25 -7.61 16.11
N GLU A 44 16.07 -8.17 16.42
CA GLU A 44 15.86 -9.25 17.39
C GLU A 44 15.72 -10.61 16.68
N LEU A 45 14.88 -10.68 15.64
CA LEU A 45 14.51 -11.91 14.95
C LEU A 45 15.74 -12.64 14.38
N PHE A 46 16.65 -11.93 13.73
CA PHE A 46 17.92 -12.51 13.24
C PHE A 46 18.96 -12.94 14.28
N VAL A 47 18.69 -12.70 15.56
CA VAL A 47 19.59 -12.95 16.71
C VAL A 47 19.10 -14.05 17.66
N ARG A 48 17.78 -14.30 17.73
CA ARG A 48 17.18 -15.47 18.43
C ARG A 48 17.33 -16.80 17.67
N GLY A 49 18.52 -17.07 17.13
CA GLY A 49 18.88 -18.28 16.37
C GLY A 49 18.35 -18.33 14.93
N ALA A 50 17.11 -17.86 14.70
CA ALA A 50 16.43 -17.89 13.41
C ALA A 50 17.23 -17.19 12.29
N ALA A 51 17.68 -17.97 11.29
CA ALA A 51 18.49 -17.53 10.15
C ALA A 51 19.78 -16.75 10.52
N GLN A 52 20.31 -16.93 11.73
CA GLN A 52 21.42 -16.12 12.27
C GLN A 52 22.73 -16.24 11.48
N ARG A 53 22.94 -17.39 10.80
CA ARG A 53 24.08 -17.61 9.88
C ARG A 53 24.02 -16.82 8.57
N LYS A 54 22.86 -16.24 8.23
CA LYS A 54 22.60 -15.46 7.00
C LYS A 54 21.59 -14.33 7.29
N ALA A 55 21.98 -13.40 8.16
CA ALA A 55 21.16 -12.27 8.57
C ALA A 55 20.81 -11.33 7.40
N ALA A 56 19.58 -10.79 7.40
CA ALA A 56 19.03 -9.96 6.32
C ALA A 56 18.17 -8.80 6.85
N VAL A 57 18.63 -8.11 7.90
CA VAL A 57 17.97 -6.92 8.47
C VAL A 57 17.82 -5.78 7.45
N ILE A 58 16.69 -5.07 7.52
CA ILE A 58 16.32 -3.97 6.59
C ILE A 58 16.42 -4.43 5.10
N CYS A 59 15.82 -5.58 4.80
CA CYS A 59 15.93 -6.27 3.50
C CYS A 59 15.60 -5.38 2.28
N ARG A 60 16.48 -5.40 1.26
CA ARG A 60 16.39 -4.59 0.02
C ARG A 60 16.15 -3.08 0.27
N HIS A 61 16.67 -2.57 1.40
CA HIS A 61 16.47 -1.19 1.90
C HIS A 61 14.98 -0.78 2.09
N CYS A 62 14.10 -1.76 2.30
CA CYS A 62 12.62 -1.66 2.32
C CYS A 62 11.97 -1.20 0.97
N PRO A 63 10.72 -1.63 0.69
CA PRO A 63 10.06 -1.31 -0.59
C PRO A 63 9.74 0.19 -0.74
N VAL A 64 9.92 0.73 -1.94
CA VAL A 64 9.64 2.16 -2.24
C VAL A 64 8.15 2.48 -2.40
N MET A 65 7.29 1.47 -2.58
CA MET A 65 5.83 1.60 -2.72
C MET A 65 5.07 1.74 -1.38
N GLN A 66 5.80 1.98 -0.28
CA GLN A 66 5.30 1.94 1.11
C GLN A 66 4.30 3.04 1.52
N GLU A 67 4.09 4.08 0.70
CA GLU A 67 3.30 5.27 1.04
C GLU A 67 2.41 5.75 -0.12
N CYS A 68 1.18 6.20 0.16
CA CYS A 68 0.22 6.60 -0.87
C CYS A 68 0.68 7.84 -1.67
N ALA A 69 1.25 8.83 -0.97
CA ALA A 69 1.78 10.07 -1.56
C ALA A 69 3.04 9.88 -2.43
N ALA A 70 3.68 8.70 -2.38
CA ALA A 70 4.84 8.36 -3.20
C ALA A 70 4.48 8.01 -4.67
N ASP A 71 3.21 8.03 -5.06
CA ASP A 71 2.74 7.68 -6.41
C ASP A 71 3.25 8.59 -7.55
N ALA A 72 3.74 9.79 -7.21
CA ALA A 72 4.38 10.73 -8.14
C ALA A 72 5.67 10.19 -8.78
N LEU A 73 6.34 9.20 -8.16
CA LEU A 73 7.63 8.65 -8.62
C LEU A 73 7.83 7.16 -8.29
N ASP A 74 7.53 6.74 -7.05
CA ASP A 74 7.87 5.42 -6.52
C ASP A 74 6.74 4.39 -6.39
N ASN A 75 5.56 4.79 -5.91
CA ASN A 75 4.41 3.89 -5.73
C ASN A 75 3.63 3.72 -7.06
N LYS A 76 4.28 3.03 -8.01
CA LYS A 76 3.72 2.60 -9.31
C LYS A 76 3.11 1.20 -9.21
N VAL A 77 2.48 0.75 -10.30
CA VAL A 77 1.70 -0.53 -10.38
C VAL A 77 2.50 -1.84 -10.26
N GLU A 78 3.83 -1.79 -10.18
CA GLU A 78 4.67 -2.96 -9.90
C GLU A 78 4.67 -3.20 -8.39
N PHE A 79 3.99 -4.26 -7.94
CA PHE A 79 3.71 -4.53 -6.51
C PHE A 79 2.80 -3.53 -5.76
N GLY A 80 3.03 -2.23 -5.93
CA GLY A 80 2.15 -1.14 -5.47
C GLY A 80 0.87 -1.03 -6.31
N VAL A 81 -0.05 -0.13 -5.91
CA VAL A 81 -1.30 0.16 -6.66
C VAL A 81 -2.10 -1.09 -7.06
N TRP A 82 -2.34 -1.98 -6.09
CA TRP A 82 -3.04 -3.27 -6.26
C TRP A 82 -2.44 -4.19 -7.34
N GLY A 83 -1.14 -4.06 -7.63
CA GLY A 83 -0.43 -4.85 -8.64
C GLY A 83 -0.92 -4.66 -10.08
N GLY A 84 -1.70 -3.60 -10.36
CA GLY A 84 -2.36 -3.39 -11.65
C GLY A 84 -3.54 -4.33 -11.95
N MET A 85 -4.09 -5.02 -10.95
CA MET A 85 -5.30 -5.85 -11.08
C MET A 85 -6.53 -4.98 -11.45
N THR A 86 -7.40 -5.48 -12.33
CA THR A 86 -8.55 -4.76 -12.89
C THR A 86 -9.50 -4.15 -11.86
N GLU A 87 -9.70 -2.82 -11.85
CA GLU A 87 -10.40 -2.13 -10.75
C GLU A 87 -11.85 -2.56 -10.50
N ARG A 88 -12.68 -2.65 -11.55
CA ARG A 88 -14.10 -3.04 -11.40
C ARG A 88 -14.25 -4.47 -10.87
N GLN A 89 -13.41 -5.38 -11.39
CA GLN A 89 -13.33 -6.77 -10.95
C GLN A 89 -12.81 -6.88 -9.50
N ARG A 90 -11.78 -6.10 -9.16
CA ARG A 90 -11.17 -6.02 -7.82
C ARG A 90 -12.18 -5.55 -6.77
N ARG A 91 -12.82 -4.41 -7.01
CA ARG A 91 -13.78 -3.78 -6.08
C ARG A 91 -15.00 -4.68 -5.81
N ALA A 92 -15.53 -5.32 -6.85
CA ALA A 92 -16.62 -6.30 -6.73
C ALA A 92 -16.22 -7.53 -5.90
N LEU A 93 -15.11 -8.20 -6.26
CA LEU A 93 -14.67 -9.43 -5.58
C LEU A 93 -14.19 -9.17 -4.15
N LEU A 94 -13.54 -8.03 -3.89
CA LEU A 94 -13.06 -7.67 -2.54
C LEU A 94 -14.21 -7.43 -1.56
N LYS A 95 -15.30 -6.77 -1.99
CA LYS A 95 -16.51 -6.63 -1.16
C LYS A 95 -17.23 -7.96 -0.89
N GLN A 96 -17.21 -8.88 -1.86
CA GLN A 96 -17.81 -10.22 -1.74
C GLN A 96 -17.00 -11.20 -0.88
N HIS A 97 -15.65 -11.11 -0.92
CA HIS A 97 -14.72 -12.09 -0.34
C HIS A 97 -13.53 -11.44 0.44
N PRO A 98 -13.77 -10.54 1.42
CA PRO A 98 -12.70 -9.76 2.05
C PRO A 98 -11.78 -10.57 2.98
N GLU A 99 -12.27 -11.65 3.61
CA GLU A 99 -11.53 -12.39 4.65
C GLU A 99 -10.57 -13.48 4.11
N VAL A 100 -10.79 -13.98 2.89
CA VAL A 100 -10.06 -15.14 2.34
C VAL A 100 -8.61 -14.83 1.89
N VAL A 101 -7.64 -15.63 2.37
CA VAL A 101 -6.21 -15.41 2.12
C VAL A 101 -5.77 -15.62 0.65
N SER A 102 -6.50 -16.45 -0.10
CA SER A 102 -6.26 -16.77 -1.52
C SER A 102 -6.74 -15.68 -2.50
N TRP A 103 -7.39 -14.62 -2.01
CA TRP A 103 -8.01 -13.58 -2.84
C TRP A 103 -7.06 -12.93 -3.86
N SER A 104 -5.88 -12.46 -3.40
CA SER A 104 -4.89 -11.80 -4.27
C SER A 104 -4.34 -12.76 -5.34
N ASP A 105 -4.04 -14.01 -4.99
CA ASP A 105 -3.64 -15.05 -5.95
C ASP A 105 -4.70 -15.39 -7.01
N TYR A 106 -5.96 -15.50 -6.59
CA TYR A 106 -7.12 -15.62 -7.49
C TYR A 106 -7.31 -14.48 -8.48
N LEU A 107 -7.22 -13.22 -8.01
CA LEU A 107 -7.28 -12.05 -8.89
C LEU A 107 -6.03 -11.90 -9.77
N GLU A 108 -4.85 -12.34 -9.33
CA GLU A 108 -3.66 -12.41 -10.18
C GLU A 108 -3.88 -13.41 -11.33
N LYS A 109 -4.45 -14.59 -11.05
CA LYS A 109 -4.87 -15.54 -12.10
C LYS A 109 -5.88 -14.91 -13.07
N ARG A 110 -6.88 -14.16 -12.58
CA ARG A 110 -7.84 -13.39 -13.40
C ARG A 110 -7.20 -12.30 -14.26
N LYS A 111 -6.12 -11.66 -13.78
CA LYS A 111 -5.32 -10.68 -14.55
C LYS A 111 -4.52 -11.35 -15.67
N ARG A 112 -3.97 -12.54 -15.41
CA ARG A 112 -3.20 -13.36 -16.38
C ARG A 112 -4.08 -13.95 -17.49
N ARG A 113 -5.22 -14.55 -17.13
CA ARG A 113 -6.19 -15.20 -18.06
C ARG A 113 -7.65 -15.03 -17.60
N THR A 114 -8.58 -14.99 -18.55
CA THR A 114 -10.03 -14.95 -18.28
C THR A 114 -10.66 -16.25 -17.75
N GLY A 115 -11.85 -16.15 -17.13
CA GLY A 115 -12.58 -17.27 -16.54
C GLY A 115 -13.35 -18.15 -17.54
N THR A 116 -14.17 -19.06 -17.01
CA THR A 116 -15.12 -19.90 -17.79
C THR A 116 -14.53 -20.89 -18.81
N ALA A 117 -13.33 -21.40 -18.53
CA ALA A 117 -12.66 -22.42 -19.34
C ALA A 117 -13.40 -23.79 -19.32
N GLY A 118 -13.27 -24.58 -20.40
CA GLY A 118 -13.87 -25.91 -20.53
C GLY A 118 -13.23 -27.00 -19.67
N LEU A 119 -13.96 -28.09 -19.46
CA LEU A 119 -13.53 -29.24 -18.66
C LEU A 119 -12.40 -30.03 -19.34
N GLU A 120 -11.31 -30.31 -18.62
CA GLU A 120 -10.15 -31.05 -19.15
C GLU A 120 -10.42 -32.54 -19.45
N HIS A 121 -9.69 -33.07 -20.46
CA HIS A 121 -9.88 -34.42 -21.02
C HIS A 121 -9.66 -35.59 -20.04
N HIS A 122 -8.92 -35.36 -18.95
CA HIS A 122 -8.63 -36.37 -17.91
C HIS A 122 -9.88 -36.81 -17.11
N HIS A 123 -10.87 -35.93 -16.95
CA HIS A 123 -12.11 -36.19 -16.19
C HIS A 123 -13.07 -37.14 -16.92
N HIS A 124 -13.85 -37.91 -16.16
CA HIS A 124 -14.84 -38.88 -16.68
C HIS A 124 -16.05 -38.18 -17.33
N HIS A 125 -16.74 -38.88 -18.24
CA HIS A 125 -17.97 -38.40 -18.94
C HIS A 125 -19.22 -38.42 -18.04
N HIS A 126 -19.23 -37.56 -17.02
CA HIS A 126 -20.22 -37.51 -15.93
C HIS A 126 -20.37 -38.87 -15.21
N MET A 1 26.06 -63.04 -12.13
CA MET A 1 26.63 -61.80 -11.49
C MET A 1 26.16 -60.55 -12.23
N SER A 2 25.82 -59.47 -11.50
CA SER A 2 25.31 -58.17 -12.01
C SER A 2 23.97 -58.24 -12.76
N GLY A 3 23.39 -57.08 -13.05
CA GLY A 3 22.09 -56.96 -13.74
C GLY A 3 20.88 -57.35 -12.88
N THR A 4 19.82 -57.85 -13.53
CA THR A 4 18.58 -58.33 -12.87
C THR A 4 17.89 -59.51 -13.55
N ARG A 5 16.93 -60.16 -12.87
CA ARG A 5 16.16 -61.31 -13.38
C ARG A 5 15.27 -60.88 -14.57
N PRO A 6 15.07 -61.73 -15.61
CA PRO A 6 14.24 -61.40 -16.78
C PRO A 6 12.82 -60.91 -16.44
N ALA A 7 12.27 -60.05 -17.31
CA ALA A 7 10.99 -59.37 -17.13
C ALA A 7 10.87 -58.54 -15.82
N ALA A 8 12.01 -58.15 -15.22
CA ALA A 8 12.13 -57.52 -13.90
C ALA A 8 11.42 -58.30 -12.77
N ARG A 9 11.39 -59.65 -12.88
CA ARG A 9 10.61 -60.55 -12.00
C ARG A 9 11.10 -60.63 -10.54
N ARG A 10 12.34 -60.20 -10.27
CA ARG A 10 12.94 -60.16 -8.91
C ARG A 10 12.13 -59.25 -7.96
N THR A 11 11.74 -59.77 -6.80
CA THR A 11 11.15 -58.96 -5.70
C THR A 11 12.17 -58.08 -4.97
N ASN A 12 11.75 -56.89 -4.51
CA ASN A 12 12.61 -55.90 -3.85
C ASN A 12 13.90 -55.55 -4.65
N LEU A 13 13.77 -55.44 -5.98
CA LEU A 13 14.88 -55.19 -6.91
C LEU A 13 15.59 -53.84 -6.68
N THR A 14 16.80 -53.70 -7.22
CA THR A 14 17.72 -52.59 -6.94
C THR A 14 17.36 -51.18 -7.43
N ALA A 15 16.48 -51.07 -8.43
CA ALA A 15 16.01 -49.79 -9.00
C ALA A 15 14.57 -49.90 -9.55
N ALA A 16 13.81 -48.81 -9.43
CA ALA A 16 12.40 -48.70 -9.89
C ALA A 16 12.01 -47.24 -10.16
N GLN A 17 10.97 -47.02 -10.97
CA GLN A 17 10.57 -45.69 -11.46
C GLN A 17 10.12 -44.71 -10.36
N ASN A 18 9.66 -45.22 -9.21
CA ASN A 18 9.26 -44.43 -8.04
C ASN A 18 10.44 -43.96 -7.15
N VAL A 19 11.66 -44.46 -7.37
CA VAL A 19 12.87 -44.02 -6.65
C VAL A 19 13.26 -42.61 -7.11
N VAL A 20 13.54 -41.71 -6.15
CA VAL A 20 13.87 -40.30 -6.41
C VAL A 20 15.17 -40.09 -7.19
N ARG A 21 15.24 -39.02 -8.00
CA ARG A 21 16.31 -38.71 -8.97
C ARG A 21 16.55 -37.20 -9.08
N SER A 22 17.75 -36.81 -9.50
CA SER A 22 18.14 -35.42 -9.80
C SER A 22 17.59 -34.88 -11.14
N VAL A 23 16.79 -35.66 -11.87
CA VAL A 23 16.23 -35.35 -13.20
C VAL A 23 14.76 -35.75 -13.35
N ASP A 24 14.08 -35.18 -14.36
CA ASP A 24 12.68 -35.46 -14.70
C ASP A 24 11.65 -35.21 -13.57
N ALA A 25 10.59 -36.03 -13.46
CA ALA A 25 9.49 -35.85 -12.50
C ALA A 25 9.96 -35.78 -11.03
N GLU A 26 11.05 -36.49 -10.70
CA GLU A 26 11.59 -36.59 -9.34
C GLU A 26 12.59 -35.49 -8.95
N GLU A 27 12.97 -34.61 -9.88
CA GLU A 27 13.91 -33.50 -9.67
C GLU A 27 13.48 -32.52 -8.54
N ARG A 28 12.21 -32.59 -8.10
CA ARG A 28 11.64 -31.90 -6.92
C ARG A 28 12.51 -31.96 -5.65
N ILE A 29 13.34 -32.99 -5.49
CA ILE A 29 14.33 -33.09 -4.39
C ILE A 29 15.32 -31.92 -4.36
N ALA A 30 15.52 -31.21 -5.47
CA ALA A 30 16.39 -30.03 -5.56
C ALA A 30 15.81 -28.77 -4.89
N TRP A 31 14.48 -28.64 -4.74
CA TRP A 31 13.85 -27.45 -4.14
C TRP A 31 12.92 -27.72 -2.94
N VAL A 32 12.40 -28.94 -2.76
CA VAL A 32 11.58 -29.29 -1.59
C VAL A 32 12.31 -29.16 -0.25
N SER A 33 11.66 -28.56 0.75
CA SER A 33 12.27 -28.30 2.08
C SER A 33 12.48 -29.57 2.92
N LYS A 34 13.56 -29.58 3.71
CA LYS A 34 13.78 -30.60 4.76
C LYS A 34 12.85 -30.34 5.95
N ALA A 35 12.50 -31.39 6.69
CA ALA A 35 11.66 -31.34 7.89
C ALA A 35 10.33 -30.58 7.71
N LEU A 36 9.52 -31.00 6.74
CA LEU A 36 8.22 -30.38 6.41
C LEU A 36 7.31 -30.27 7.65
N CYS A 37 6.75 -29.08 7.87
CA CYS A 37 5.94 -28.70 9.05
C CYS A 37 6.64 -28.80 10.43
N ARG A 38 7.97 -29.01 10.46
CA ARG A 38 8.78 -29.21 11.69
C ARG A 38 10.04 -28.33 11.77
N THR A 39 10.55 -27.86 10.62
CA THR A 39 11.74 -27.01 10.46
C THR A 39 11.78 -25.65 11.18
N THR A 40 10.66 -25.20 11.77
CA THR A 40 10.58 -23.97 12.58
C THR A 40 10.70 -24.11 14.11
N ASP A 41 10.93 -25.34 14.57
CA ASP A 41 11.30 -25.63 15.97
C ASP A 41 12.66 -25.03 16.39
N PRO A 42 12.89 -24.65 17.66
CA PRO A 42 14.16 -24.03 18.08
C PRO A 42 15.42 -24.86 17.76
N ASP A 43 15.32 -26.18 17.91
CA ASP A 43 16.40 -27.13 17.56
C ASP A 43 16.66 -27.36 16.06
N GLU A 44 15.78 -26.85 15.18
CA GLU A 44 15.98 -26.78 13.73
C GLU A 44 16.41 -25.37 13.32
N LEU A 45 15.92 -24.34 14.02
CA LEU A 45 16.25 -22.95 13.77
C LEU A 45 17.75 -22.63 13.98
N PHE A 46 18.44 -23.24 14.96
CA PHE A 46 19.90 -23.12 15.03
C PHE A 46 20.71 -23.78 13.89
N VAL A 47 20.10 -24.71 13.15
CA VAL A 47 20.64 -25.28 11.90
C VAL A 47 20.43 -24.35 10.70
N ARG A 48 19.24 -23.73 10.63
CA ARG A 48 18.86 -22.73 9.61
C ARG A 48 19.66 -21.41 9.71
N GLY A 49 19.99 -20.99 10.93
CA GLY A 49 20.89 -19.85 11.21
C GLY A 49 21.78 -20.13 12.42
N ALA A 50 23.10 -20.13 12.21
CA ALA A 50 24.10 -20.52 13.21
C ALA A 50 24.30 -19.49 14.34
N ALA A 51 25.04 -19.90 15.39
CA ALA A 51 25.58 -19.11 16.50
C ALA A 51 24.57 -18.42 17.46
N GLN A 52 23.29 -18.29 17.11
CA GLN A 52 22.24 -17.75 17.99
C GLN A 52 22.08 -18.60 19.27
N ARG A 53 22.03 -17.92 20.43
CA ARG A 53 22.02 -18.55 21.77
C ARG A 53 20.64 -19.10 22.13
N LYS A 54 20.57 -19.96 23.17
CA LYS A 54 19.32 -20.59 23.66
C LYS A 54 18.21 -19.58 24.02
N ALA A 55 18.59 -18.44 24.62
CA ALA A 55 17.68 -17.36 24.96
C ALA A 55 17.05 -16.66 23.74
N ALA A 56 17.76 -16.60 22.61
CA ALA A 56 17.30 -15.98 21.36
C ALA A 56 16.54 -16.95 20.44
N VAL A 57 17.03 -18.19 20.31
CA VAL A 57 16.49 -19.21 19.39
C VAL A 57 15.10 -19.73 19.75
N ILE A 58 14.71 -19.67 21.02
CA ILE A 58 13.32 -19.93 21.47
C ILE A 58 12.47 -18.68 21.17
N CYS A 59 12.15 -18.47 19.89
CA CYS A 59 11.48 -17.28 19.39
C CYS A 59 10.05 -17.14 19.98
N ARG A 60 9.74 -15.94 20.52
CA ARG A 60 8.50 -15.69 21.30
C ARG A 60 8.02 -14.23 21.35
N HIS A 61 8.96 -13.25 21.34
CA HIS A 61 8.64 -11.82 21.47
C HIS A 61 8.06 -11.18 20.18
N CYS A 62 8.38 -11.73 19.00
CA CYS A 62 8.04 -11.15 17.70
C CYS A 62 6.51 -11.08 17.45
N PRO A 63 6.02 -10.00 16.78
CA PRO A 63 4.59 -9.82 16.49
C PRO A 63 4.08 -10.74 15.37
N VAL A 64 2.75 -10.85 15.25
CA VAL A 64 2.02 -11.62 14.21
C VAL A 64 0.92 -10.77 13.55
N MET A 65 0.42 -11.19 12.39
CA MET A 65 -0.74 -10.55 11.75
C MET A 65 -2.02 -10.90 12.51
N GLN A 66 -2.67 -9.92 13.14
CA GLN A 66 -3.88 -10.07 13.96
C GLN A 66 -4.73 -8.78 14.03
N GLU A 67 -4.77 -8.01 12.93
CA GLU A 67 -5.42 -6.71 12.74
C GLU A 67 -5.04 -5.60 13.76
N CYS A 68 -3.90 -5.75 14.46
CA CYS A 68 -3.45 -4.81 15.49
C CYS A 68 -1.95 -4.87 15.87
N ALA A 69 -1.14 -5.75 15.26
CA ALA A 69 0.26 -5.99 15.67
C ALA A 69 1.24 -5.86 14.48
N ALA A 70 1.64 -6.97 13.84
CA ALA A 70 2.50 -6.92 12.65
C ALA A 70 1.83 -6.19 11.47
N ASP A 71 0.50 -6.10 11.49
CA ASP A 71 -0.35 -5.46 10.47
C ASP A 71 -0.02 -3.96 10.36
N ALA A 72 0.51 -3.34 11.42
CA ALA A 72 0.97 -1.94 11.45
C ALA A 72 2.42 -1.76 10.95
N LEU A 73 3.15 -2.85 10.66
CA LEU A 73 4.59 -2.87 10.38
C LEU A 73 4.95 -3.49 9.02
N ASP A 74 4.19 -4.49 8.56
CA ASP A 74 4.50 -5.32 7.38
C ASP A 74 3.22 -5.80 6.68
N ASN A 75 3.34 -6.20 5.41
CA ASN A 75 2.24 -6.64 4.53
C ASN A 75 1.07 -5.62 4.48
N LYS A 76 1.41 -4.32 4.42
CA LYS A 76 0.48 -3.17 4.56
C LYS A 76 -0.35 -2.87 3.30
N VAL A 77 -0.86 -3.91 2.63
CA VAL A 77 -1.50 -3.85 1.31
C VAL A 77 -2.69 -2.89 1.20
N GLU A 78 -3.49 -2.77 2.26
CA GLU A 78 -4.63 -1.84 2.33
C GLU A 78 -4.19 -0.37 2.45
N PHE A 79 -3.10 -0.13 3.20
CA PHE A 79 -2.45 1.18 3.35
C PHE A 79 -1.64 1.68 2.13
N GLY A 80 -0.91 0.77 1.49
CA GLY A 80 -0.13 0.99 0.28
C GLY A 80 -0.98 0.90 -1.00
N VAL A 81 -0.71 -0.10 -1.84
CA VAL A 81 -1.45 -0.40 -3.08
C VAL A 81 -1.66 -1.91 -3.32
N TRP A 82 -2.81 -2.28 -3.87
CA TRP A 82 -3.23 -3.67 -4.02
C TRP A 82 -2.44 -4.49 -5.07
N GLY A 83 -2.07 -3.84 -6.18
CA GLY A 83 -1.39 -4.45 -7.34
C GLY A 83 -2.00 -4.04 -8.69
N GLY A 84 -1.53 -4.67 -9.77
CA GLY A 84 -1.94 -4.37 -11.16
C GLY A 84 -3.28 -4.99 -11.63
N MET A 85 -3.99 -5.72 -10.76
CA MET A 85 -5.23 -6.44 -11.09
C MET A 85 -6.39 -5.51 -11.46
N THR A 86 -7.32 -6.02 -12.29
CA THR A 86 -8.47 -5.25 -12.80
C THR A 86 -9.39 -4.63 -11.74
N GLU A 87 -9.66 -3.32 -11.83
CA GLU A 87 -10.33 -2.57 -10.74
C GLU A 87 -11.75 -3.05 -10.44
N ARG A 88 -12.60 -3.26 -11.46
CA ARG A 88 -13.98 -3.72 -11.26
C ARG A 88 -14.04 -5.08 -10.56
N GLN A 89 -13.19 -6.01 -11.00
CA GLN A 89 -13.10 -7.37 -10.43
C GLN A 89 -12.54 -7.32 -9.00
N ARG A 90 -11.49 -6.51 -8.76
CA ARG A 90 -10.92 -6.26 -7.43
C ARG A 90 -11.98 -5.72 -6.46
N ARG A 91 -12.64 -4.62 -6.82
CA ARG A 91 -13.64 -3.91 -6.00
C ARG A 91 -14.84 -4.82 -5.67
N ALA A 92 -15.41 -5.50 -6.67
CA ALA A 92 -16.56 -6.37 -6.50
C ALA A 92 -16.28 -7.56 -5.57
N LEU A 93 -15.22 -8.35 -5.85
CA LEU A 93 -14.92 -9.55 -5.05
C LEU A 93 -14.42 -9.21 -3.64
N LEU A 94 -13.69 -8.10 -3.47
CA LEU A 94 -13.27 -7.61 -2.15
C LEU A 94 -14.46 -7.13 -1.30
N LYS A 95 -15.44 -6.45 -1.93
CA LYS A 95 -16.69 -6.02 -1.28
C LYS A 95 -17.59 -7.21 -0.87
N GLN A 96 -17.69 -8.22 -1.75
CA GLN A 96 -18.52 -9.41 -1.52
C GLN A 96 -17.97 -10.37 -0.46
N HIS A 97 -16.66 -10.66 -0.49
CA HIS A 97 -16.02 -11.66 0.40
C HIS A 97 -14.52 -11.38 0.67
N PRO A 98 -14.17 -10.45 1.56
CA PRO A 98 -12.76 -10.08 1.83
C PRO A 98 -11.97 -11.15 2.62
N GLU A 99 -12.64 -12.06 3.31
CA GLU A 99 -12.00 -13.09 4.17
C GLU A 99 -11.34 -14.25 3.40
N VAL A 100 -11.60 -14.38 2.09
CA VAL A 100 -11.06 -15.47 1.24
C VAL A 100 -9.56 -15.27 1.00
N VAL A 101 -8.73 -16.22 1.48
CA VAL A 101 -7.25 -16.11 1.42
C VAL A 101 -6.71 -16.07 -0.03
N SER A 102 -7.31 -16.86 -0.94
CA SER A 102 -6.93 -16.92 -2.35
C SER A 102 -7.39 -15.74 -3.21
N TRP A 103 -8.07 -14.73 -2.64
CA TRP A 103 -8.67 -13.60 -3.37
C TRP A 103 -7.68 -12.82 -4.27
N SER A 104 -6.54 -12.41 -3.73
CA SER A 104 -5.49 -11.68 -4.47
C SER A 104 -4.81 -12.57 -5.53
N ASP A 105 -4.51 -13.82 -5.18
CA ASP A 105 -3.96 -14.82 -6.10
C ASP A 105 -4.85 -15.13 -7.31
N TYR A 106 -6.15 -15.29 -7.08
CA TYR A 106 -7.16 -15.45 -8.12
C TYR A 106 -7.27 -14.27 -9.11
N LEU A 107 -7.26 -13.04 -8.57
CA LEU A 107 -7.25 -11.81 -9.38
C LEU A 107 -5.96 -11.67 -10.19
N GLU A 108 -4.79 -12.02 -9.63
CA GLU A 108 -3.54 -12.06 -10.40
C GLU A 108 -3.60 -13.13 -11.51
N LYS A 109 -4.08 -14.34 -11.21
CA LYS A 109 -4.24 -15.43 -12.17
C LYS A 109 -5.18 -15.05 -13.34
N ARG A 110 -6.27 -14.33 -13.05
CA ARG A 110 -7.15 -13.70 -14.05
C ARG A 110 -6.42 -12.65 -14.89
N LYS A 111 -5.73 -11.70 -14.25
CA LYS A 111 -4.98 -10.61 -14.92
C LYS A 111 -3.86 -11.13 -15.83
N ARG A 112 -3.18 -12.21 -15.40
CA ARG A 112 -2.07 -12.89 -16.09
C ARG A 112 -2.50 -14.03 -17.02
N ARG A 113 -3.72 -14.01 -17.57
CA ARG A 113 -4.26 -14.99 -18.54
C ARG A 113 -4.10 -16.45 -18.05
N THR A 114 -4.87 -16.82 -17.03
CA THR A 114 -4.74 -18.12 -16.32
C THR A 114 -3.38 -18.37 -15.64
N GLY A 115 -2.68 -17.27 -15.30
CA GLY A 115 -1.36 -17.27 -14.66
C GLY A 115 -0.16 -17.51 -15.60
N THR A 116 -0.37 -17.65 -16.91
CA THR A 116 0.69 -17.93 -17.91
C THR A 116 1.49 -16.75 -18.46
N ALA A 117 0.94 -15.54 -18.35
CA ALA A 117 1.60 -14.30 -18.80
C ALA A 117 2.72 -13.82 -17.86
N GLY A 118 3.65 -13.02 -18.39
CA GLY A 118 4.79 -12.44 -17.67
C GLY A 118 5.23 -11.08 -18.23
N LEU A 119 6.50 -10.73 -18.01
CA LEU A 119 7.10 -9.47 -18.48
C LEU A 119 7.17 -9.38 -20.02
N GLU A 120 7.11 -8.16 -20.56
CA GLU A 120 7.12 -7.91 -22.01
C GLU A 120 8.40 -8.42 -22.70
N HIS A 121 8.20 -9.05 -23.88
CA HIS A 121 9.24 -9.53 -24.81
C HIS A 121 9.07 -9.04 -26.26
N HIS A 122 8.04 -8.22 -26.53
CA HIS A 122 7.65 -7.72 -27.88
C HIS A 122 7.10 -6.29 -27.94
N HIS A 123 7.03 -5.57 -26.81
CA HIS A 123 6.52 -4.17 -26.64
C HIS A 123 5.21 -3.86 -27.40
N HIS A 124 4.27 -4.83 -27.47
CA HIS A 124 3.03 -4.78 -28.27
C HIS A 124 3.24 -4.39 -29.75
N HIS A 125 4.35 -4.84 -30.36
CA HIS A 125 4.73 -4.71 -31.78
C HIS A 125 4.61 -3.29 -32.40
N HIS A 126 4.79 -2.25 -31.60
CA HIS A 126 4.74 -0.84 -32.04
C HIS A 126 6.03 -0.40 -32.79
N MET A 1 -60.58 26.03 -18.93
CA MET A 1 -60.61 26.21 -17.44
C MET A 1 -61.52 27.39 -17.04
N SER A 2 -61.94 27.45 -15.77
CA SER A 2 -62.74 28.53 -15.18
C SER A 2 -62.39 28.74 -13.70
N GLY A 3 -62.62 29.94 -13.17
CA GLY A 3 -62.21 30.35 -11.81
C GLY A 3 -60.70 30.52 -11.65
N THR A 4 -60.20 30.32 -10.42
CA THR A 4 -58.76 30.41 -10.09
C THR A 4 -57.83 29.38 -10.74
N ARG A 5 -56.52 29.67 -10.76
CA ARG A 5 -55.46 28.85 -11.38
C ARG A 5 -55.37 27.41 -10.81
N PRO A 6 -54.94 26.40 -11.62
CA PRO A 6 -55.04 24.99 -11.23
C PRO A 6 -53.96 24.53 -10.22
N ALA A 7 -52.80 25.20 -10.15
CA ALA A 7 -51.65 24.75 -9.36
C ALA A 7 -50.95 25.84 -8.52
N ALA A 8 -50.81 27.06 -9.05
CA ALA A 8 -50.07 28.21 -8.51
C ALA A 8 -48.54 28.01 -8.35
N ARG A 9 -48.10 26.88 -7.79
CA ARG A 9 -46.71 26.37 -7.72
C ARG A 9 -45.62 27.40 -7.32
N ARG A 10 -45.98 28.32 -6.42
CA ARG A 10 -45.17 29.48 -5.97
C ARG A 10 -44.67 30.40 -7.11
N THR A 11 -45.39 30.49 -8.22
CA THR A 11 -44.97 31.25 -9.42
C THR A 11 -44.64 32.75 -9.21
N ASN A 12 -45.35 33.41 -8.28
CA ASN A 12 -45.08 34.79 -7.87
C ASN A 12 -43.99 34.95 -6.79
N LEU A 13 -43.58 33.85 -6.15
CA LEU A 13 -42.58 33.73 -5.07
C LEU A 13 -42.64 34.84 -4.01
N THR A 14 -43.60 34.72 -3.08
CA THR A 14 -43.77 35.67 -1.96
C THR A 14 -42.66 35.68 -0.91
N ALA A 15 -42.00 34.54 -0.69
CA ALA A 15 -40.86 34.41 0.22
C ALA A 15 -39.60 35.14 -0.30
N ALA A 16 -38.87 35.81 0.61
CA ALA A 16 -37.65 36.56 0.27
C ALA A 16 -36.49 35.65 -0.15
N GLN A 17 -35.70 36.09 -1.14
CA GLN A 17 -34.54 35.36 -1.69
C GLN A 17 -33.28 35.43 -0.82
N ASN A 18 -33.24 36.29 0.21
CA ASN A 18 -32.06 36.64 1.00
C ASN A 18 -31.62 35.55 2.02
N VAL A 19 -32.28 34.39 2.07
CA VAL A 19 -32.03 33.31 3.06
C VAL A 19 -30.57 32.87 3.19
N VAL A 20 -29.81 32.91 2.10
CA VAL A 20 -28.35 32.64 2.08
C VAL A 20 -27.50 33.52 3.01
N ARG A 21 -28.00 34.71 3.37
CA ARG A 21 -27.36 35.68 4.30
C ARG A 21 -27.93 35.63 5.72
N SER A 22 -28.87 34.72 6.01
CA SER A 22 -29.46 34.56 7.35
C SER A 22 -28.40 34.15 8.39
N VAL A 23 -28.55 34.63 9.64
CA VAL A 23 -27.50 34.52 10.68
C VAL A 23 -26.16 35.17 10.31
N ASP A 24 -26.21 36.21 9.47
CA ASP A 24 -25.08 36.94 8.88
C ASP A 24 -24.13 36.16 7.93
N ALA A 25 -24.07 36.55 6.66
CA ALA A 25 -23.19 35.95 5.65
C ALA A 25 -21.70 35.87 6.08
N GLU A 26 -21.24 36.85 6.86
CA GLU A 26 -19.84 36.96 7.32
C GLU A 26 -19.58 36.14 8.61
N GLU A 27 -20.63 35.62 9.24
CA GLU A 27 -20.58 34.65 10.34
C GLU A 27 -20.74 33.22 9.81
N ARG A 28 -21.62 32.98 8.82
CA ARG A 28 -21.82 31.66 8.19
C ARG A 28 -20.53 31.00 7.72
N ILE A 29 -19.60 31.77 7.16
CA ILE A 29 -18.31 31.28 6.66
C ILE A 29 -17.39 30.67 7.73
N ALA A 30 -17.63 30.95 9.03
CA ALA A 30 -16.95 30.27 10.13
C ALA A 30 -17.52 28.86 10.42
N TRP A 31 -18.81 28.62 10.11
CA TRP A 31 -19.52 27.35 10.34
C TRP A 31 -19.54 26.42 9.12
N VAL A 32 -19.63 26.99 7.92
CA VAL A 32 -19.54 26.27 6.63
C VAL A 32 -18.12 25.70 6.45
N SER A 33 -18.02 24.48 5.94
CA SER A 33 -16.76 23.77 5.68
C SER A 33 -16.86 22.80 4.49
N LYS A 34 -15.70 22.44 3.91
CA LYS A 34 -15.54 21.38 2.91
C LYS A 34 -15.84 19.98 3.49
N ALA A 35 -15.62 19.79 4.80
CA ALA A 35 -15.87 18.52 5.50
C ALA A 35 -17.36 18.15 5.55
N LEU A 36 -17.67 16.85 5.49
CA LEU A 36 -19.04 16.30 5.48
C LEU A 36 -19.69 16.24 6.88
N CYS A 37 -18.91 16.46 7.95
CA CYS A 37 -19.35 16.41 9.34
C CYS A 37 -18.48 17.39 10.19
N ARG A 38 -18.87 17.64 11.45
CA ARG A 38 -18.17 18.54 12.40
C ARG A 38 -16.71 18.11 12.63
N THR A 39 -15.84 19.10 12.79
CA THR A 39 -14.42 18.96 13.17
C THR A 39 -13.93 20.05 14.13
N THR A 40 -12.75 19.87 14.73
CA THR A 40 -12.15 20.79 15.72
C THR A 40 -10.68 21.13 15.48
N ASP A 41 -10.36 22.42 15.41
CA ASP A 41 -8.99 22.94 15.27
C ASP A 41 -8.12 22.75 16.54
N PRO A 42 -6.77 22.78 16.44
CA PRO A 42 -5.88 22.54 17.58
C PRO A 42 -6.04 23.51 18.76
N ASP A 43 -6.49 24.74 18.52
CA ASP A 43 -6.79 25.72 19.58
C ASP A 43 -8.08 25.41 20.39
N GLU A 44 -9.18 25.18 19.68
CA GLU A 44 -10.46 24.74 20.27
C GLU A 44 -10.44 23.28 20.81
N LEU A 45 -9.36 22.53 20.60
CA LEU A 45 -9.17 21.15 21.08
C LEU A 45 -9.34 20.99 22.61
N PHE A 46 -9.24 22.10 23.37
CA PHE A 46 -9.58 22.15 24.80
C PHE A 46 -10.96 21.63 25.23
N VAL A 47 -11.94 21.59 24.33
CA VAL A 47 -13.25 20.94 24.59
C VAL A 47 -13.16 19.43 24.86
N ARG A 48 -12.07 18.76 24.46
CA ARG A 48 -11.79 17.34 24.82
C ARG A 48 -11.41 17.13 26.29
N GLY A 49 -10.97 18.19 26.98
CA GLY A 49 -10.57 18.18 28.39
C GLY A 49 -9.43 19.15 28.68
N ALA A 50 -9.51 19.85 29.82
CA ALA A 50 -8.56 20.91 30.21
C ALA A 50 -7.18 20.40 30.66
N ALA A 51 -7.01 19.07 30.83
CA ALA A 51 -5.74 18.45 31.23
C ALA A 51 -4.64 18.51 30.15
N GLN A 52 -4.99 18.74 28.88
CA GLN A 52 -4.02 18.89 27.78
C GLN A 52 -3.13 20.14 27.98
N ARG A 53 -1.85 20.03 27.63
CA ARG A 53 -0.85 21.11 27.79
C ARG A 53 -1.00 22.21 26.73
N LYS A 54 -0.52 23.43 27.04
CA LYS A 54 -0.67 24.64 26.20
C LYS A 54 -0.11 24.50 24.77
N ALA A 55 0.87 23.61 24.56
CA ALA A 55 1.43 23.28 23.24
C ALA A 55 0.39 22.69 22.26
N ALA A 56 -0.74 22.15 22.75
CA ALA A 56 -1.82 21.62 21.92
C ALA A 56 -2.34 22.63 20.88
N VAL A 57 -2.39 23.92 21.22
CA VAL A 57 -2.84 24.99 20.32
C VAL A 57 -1.97 25.25 19.08
N ILE A 58 -0.73 24.70 19.05
CA ILE A 58 0.20 24.74 17.92
C ILE A 58 0.56 23.34 17.39
N CYS A 59 -0.13 22.28 17.83
CA CYS A 59 0.11 20.91 17.38
C CYS A 59 -0.37 20.71 15.92
N ARG A 60 0.50 20.16 15.06
CA ARG A 60 0.30 20.03 13.60
C ARG A 60 0.51 18.61 13.02
N HIS A 61 0.70 17.62 13.90
CA HIS A 61 1.08 16.20 13.60
C HIS A 61 2.46 16.05 12.94
N CYS A 62 3.10 14.88 13.13
CA CYS A 62 4.36 14.51 12.49
C CYS A 62 4.19 14.28 10.97
N PRO A 63 5.26 14.43 10.14
CA PRO A 63 5.18 14.24 8.69
C PRO A 63 5.11 12.76 8.25
N VAL A 64 5.44 11.81 9.13
CA VAL A 64 5.47 10.35 8.86
C VAL A 64 4.08 9.76 8.59
N MET A 65 3.99 8.81 7.64
CA MET A 65 2.78 8.04 7.36
C MET A 65 2.26 7.22 8.57
N GLN A 66 0.96 6.98 8.61
CA GLN A 66 0.31 6.06 9.55
C GLN A 66 0.85 4.63 9.37
N GLU A 67 0.82 3.80 10.43
CA GLU A 67 1.51 2.50 10.47
C GLU A 67 1.17 1.54 9.31
N CYS A 68 -0.09 1.46 8.91
CA CYS A 68 -0.54 0.59 7.81
C CYS A 68 0.04 1.04 6.45
N ALA A 69 0.09 2.35 6.20
CA ALA A 69 0.69 2.93 4.99
C ALA A 69 2.22 2.86 5.01
N ALA A 70 2.84 3.15 6.15
CA ALA A 70 4.28 3.01 6.37
C ALA A 70 4.77 1.56 6.13
N ASP A 71 3.97 0.58 6.53
CA ASP A 71 4.18 -0.83 6.18
C ASP A 71 4.07 -1.09 4.66
N ALA A 72 2.91 -0.81 4.09
CA ALA A 72 2.59 -1.11 2.69
C ALA A 72 3.56 -0.45 1.68
N LEU A 73 3.95 0.82 1.89
CA LEU A 73 4.83 1.54 0.95
C LEU A 73 6.25 0.95 0.85
N ASP A 74 6.73 0.26 1.90
CA ASP A 74 8.01 -0.45 1.91
C ASP A 74 7.91 -1.95 1.57
N ASN A 75 6.94 -2.62 2.19
CA ASN A 75 6.74 -4.07 2.13
C ASN A 75 6.07 -4.55 0.82
N LYS A 76 5.24 -3.70 0.19
CA LYS A 76 4.42 -4.04 -0.99
C LYS A 76 4.60 -3.07 -2.17
N VAL A 77 4.00 -1.88 -2.06
CA VAL A 77 3.96 -0.84 -3.11
C VAL A 77 3.59 0.54 -2.55
N GLU A 78 4.19 1.60 -3.06
CA GLU A 78 3.88 2.98 -2.71
C GLU A 78 2.42 3.36 -3.03
N PHE A 79 1.75 4.07 -2.11
CA PHE A 79 0.40 4.59 -2.29
C PHE A 79 -0.77 3.61 -2.56
N GLY A 80 -0.61 2.34 -2.17
CA GLY A 80 -1.63 1.30 -2.35
C GLY A 80 -1.33 0.00 -1.60
N VAL A 81 -2.20 -1.01 -1.79
CA VAL A 81 -2.12 -2.35 -1.14
C VAL A 81 -2.24 -3.53 -2.12
N TRP A 82 -2.23 -3.28 -3.43
CA TRP A 82 -2.41 -4.26 -4.51
C TRP A 82 -1.59 -3.96 -5.78
N GLY A 83 -1.39 -4.99 -6.62
CA GLY A 83 -0.83 -4.85 -7.97
C GLY A 83 -1.87 -4.34 -8.99
N GLY A 84 -1.53 -4.39 -10.27
CA GLY A 84 -2.37 -3.95 -11.40
C GLY A 84 -3.52 -4.90 -11.77
N MET A 85 -4.24 -5.41 -10.76
CA MET A 85 -5.41 -6.30 -10.91
C MET A 85 -6.66 -5.48 -11.27
N THR A 86 -7.45 -5.97 -12.24
CA THR A 86 -8.57 -5.23 -12.87
C THR A 86 -9.55 -4.54 -11.91
N GLU A 87 -9.85 -3.25 -12.14
CA GLU A 87 -10.58 -2.40 -11.17
C GLU A 87 -11.93 -2.96 -10.70
N ARG A 88 -12.91 -3.12 -11.59
CA ARG A 88 -14.28 -3.52 -11.20
C ARG A 88 -14.31 -4.91 -10.54
N GLN A 89 -13.53 -5.84 -11.07
CA GLN A 89 -13.36 -7.20 -10.54
C GLN A 89 -12.73 -7.20 -9.15
N ARG A 90 -11.65 -6.43 -8.96
CA ARG A 90 -10.95 -6.30 -7.66
C ARG A 90 -11.88 -5.70 -6.60
N ARG A 91 -12.56 -4.60 -6.92
CA ARG A 91 -13.52 -3.91 -6.03
C ARG A 91 -14.70 -4.81 -5.64
N ALA A 92 -15.37 -5.41 -6.63
CA ALA A 92 -16.56 -6.24 -6.41
C ALA A 92 -16.24 -7.49 -5.56
N LEU A 93 -15.19 -8.25 -5.92
CA LEU A 93 -14.83 -9.47 -5.19
C LEU A 93 -14.30 -9.17 -3.77
N LEU A 94 -13.58 -8.05 -3.58
CA LEU A 94 -13.11 -7.64 -2.26
C LEU A 94 -14.28 -7.23 -1.35
N LYS A 95 -15.29 -6.52 -1.90
CA LYS A 95 -16.51 -6.13 -1.19
C LYS A 95 -17.38 -7.35 -0.81
N GLN A 96 -17.50 -8.31 -1.72
CA GLN A 96 -18.35 -9.50 -1.56
C GLN A 96 -17.73 -10.62 -0.71
N HIS A 97 -16.41 -10.83 -0.80
CA HIS A 97 -15.69 -12.00 -0.24
C HIS A 97 -14.35 -11.65 0.47
N PRO A 98 -14.30 -10.67 1.40
CA PRO A 98 -13.06 -10.19 2.01
C PRO A 98 -12.31 -11.24 2.85
N GLU A 99 -13.02 -12.22 3.43
CA GLU A 99 -12.44 -13.27 4.29
C GLU A 99 -11.65 -14.37 3.52
N VAL A 100 -11.79 -14.44 2.19
CA VAL A 100 -11.17 -15.50 1.36
C VAL A 100 -9.68 -15.22 1.13
N VAL A 101 -8.80 -16.10 1.64
CA VAL A 101 -7.34 -15.96 1.50
C VAL A 101 -6.86 -16.00 0.04
N SER A 102 -7.50 -16.83 -0.79
CA SER A 102 -7.19 -17.00 -2.22
C SER A 102 -7.60 -15.82 -3.12
N TRP A 103 -8.25 -14.78 -2.57
CA TRP A 103 -8.78 -13.63 -3.32
C TRP A 103 -7.76 -12.93 -4.23
N SER A 104 -6.61 -12.56 -3.67
CA SER A 104 -5.53 -11.88 -4.41
C SER A 104 -4.86 -12.81 -5.43
N ASP A 105 -4.60 -14.06 -5.07
CA ASP A 105 -4.03 -15.08 -5.96
C ASP A 105 -4.90 -15.36 -7.20
N TYR A 106 -6.22 -15.49 -6.99
CA TYR A 106 -7.20 -15.56 -8.08
C TYR A 106 -7.21 -14.37 -9.03
N LEU A 107 -7.28 -13.15 -8.48
CA LEU A 107 -7.24 -11.91 -9.27
C LEU A 107 -5.91 -11.73 -10.01
N GLU A 108 -4.78 -12.15 -9.43
CA GLU A 108 -3.49 -12.15 -10.12
C GLU A 108 -3.46 -13.19 -11.25
N LYS A 109 -4.06 -14.37 -11.07
CA LYS A 109 -4.27 -15.36 -12.16
C LYS A 109 -5.12 -14.78 -13.29
N ARG A 110 -6.21 -14.08 -12.96
CA ARG A 110 -7.09 -13.38 -13.91
C ARG A 110 -6.38 -12.25 -14.66
N LYS A 111 -5.51 -11.50 -13.98
CA LYS A 111 -4.63 -10.45 -14.54
C LYS A 111 -3.61 -11.05 -15.53
N ARG A 112 -2.90 -12.11 -15.10
CA ARG A 112 -1.85 -12.80 -15.87
C ARG A 112 -2.38 -13.51 -17.12
N ARG A 113 -3.51 -14.23 -17.00
CA ARG A 113 -4.15 -14.98 -18.11
C ARG A 113 -5.68 -15.06 -17.97
N THR A 114 -6.18 -15.93 -17.08
CA THR A 114 -7.62 -16.18 -16.86
C THR A 114 -8.06 -16.67 -15.48
N GLY A 115 -7.30 -17.61 -14.90
CA GLY A 115 -7.68 -18.34 -13.68
C GLY A 115 -8.63 -19.51 -13.95
N THR A 116 -8.89 -20.33 -12.92
CA THR A 116 -9.70 -21.58 -12.91
C THR A 116 -9.26 -22.76 -13.80
N ALA A 117 -8.71 -22.49 -14.98
CA ALA A 117 -8.13 -23.49 -15.90
C ALA A 117 -6.83 -24.11 -15.36
N GLY A 118 -6.53 -25.34 -15.79
CA GLY A 118 -5.28 -26.05 -15.46
C GLY A 118 -4.04 -25.54 -16.21
N LEU A 119 -2.86 -25.95 -15.74
CA LEU A 119 -1.57 -25.66 -16.39
C LEU A 119 -1.37 -26.49 -17.68
N GLU A 120 -0.48 -26.01 -18.57
CA GLU A 120 -0.21 -26.68 -19.85
C GLU A 120 0.66 -27.94 -19.72
N HIS A 121 1.49 -28.02 -18.67
CA HIS A 121 2.39 -29.16 -18.34
C HIS A 121 3.42 -29.59 -19.41
N HIS A 122 3.56 -28.82 -20.51
CA HIS A 122 4.54 -29.03 -21.60
C HIS A 122 4.83 -27.73 -22.36
N HIS A 123 5.93 -27.68 -23.11
CA HIS A 123 6.34 -26.56 -23.98
C HIS A 123 7.17 -27.04 -25.19
N HIS A 124 7.08 -26.35 -26.33
CA HIS A 124 7.88 -26.63 -27.54
C HIS A 124 9.38 -26.29 -27.34
N HIS A 125 10.26 -26.88 -28.14
CA HIS A 125 11.71 -26.62 -28.14
C HIS A 125 12.05 -25.17 -28.59
N HIS A 126 13.22 -24.67 -28.18
CA HIS A 126 13.77 -23.37 -28.62
C HIS A 126 14.17 -23.35 -30.11
N MET A 1 48.07 15.45 -30.93
CA MET A 1 48.46 14.83 -29.63
C MET A 1 47.25 14.71 -28.68
N SER A 2 47.30 13.76 -27.74
CA SER A 2 46.16 13.44 -26.84
C SER A 2 45.88 14.49 -25.74
N GLY A 3 46.88 15.30 -25.37
CA GLY A 3 46.74 16.38 -24.38
C GLY A 3 46.59 15.92 -22.92
N THR A 4 46.94 14.66 -22.64
CA THR A 4 46.75 13.99 -21.34
C THR A 4 47.39 14.65 -20.11
N ARG A 5 46.69 14.66 -18.97
CA ARG A 5 47.16 15.15 -17.65
C ARG A 5 46.69 14.23 -16.51
N PRO A 6 47.43 14.14 -15.38
CA PRO A 6 47.12 13.20 -14.29
C PRO A 6 45.79 13.50 -13.57
N ALA A 7 45.52 14.78 -13.29
CA ALA A 7 44.41 15.21 -12.43
C ALA A 7 43.09 15.48 -13.18
N ALA A 8 43.16 15.75 -14.49
CA ALA A 8 42.07 16.21 -15.39
C ALA A 8 41.42 17.57 -15.02
N ARG A 9 40.94 17.71 -13.78
CA ARG A 9 40.41 18.93 -13.15
C ARG A 9 39.27 19.62 -13.94
N ARG A 10 38.47 18.83 -14.67
CA ARG A 10 37.37 19.30 -15.54
C ARG A 10 36.13 19.78 -14.78
N THR A 11 35.88 19.23 -13.59
CA THR A 11 34.78 19.54 -12.63
C THR A 11 33.32 19.35 -13.07
N ASN A 12 32.95 19.80 -14.27
CA ASN A 12 31.58 19.72 -14.82
C ASN A 12 31.24 18.35 -15.46
N LEU A 13 32.22 17.44 -15.56
CA LEU A 13 32.06 16.09 -16.14
C LEU A 13 31.13 15.17 -15.33
N THR A 14 30.63 14.12 -15.98
CA THR A 14 29.79 13.05 -15.39
C THR A 14 30.48 12.08 -14.42
N ALA A 15 31.11 12.61 -13.38
CA ALA A 15 31.82 11.84 -12.34
C ALA A 15 30.88 10.96 -11.48
N ALA A 16 31.46 9.98 -10.79
CA ALA A 16 30.81 8.94 -9.97
C ALA A 16 29.89 7.98 -10.76
N GLN A 17 29.43 6.90 -10.10
CA GLN A 17 28.58 5.87 -10.71
C GLN A 17 27.11 6.31 -10.91
N ASN A 18 26.60 7.20 -10.04
CA ASN A 18 25.24 7.77 -10.09
C ASN A 18 24.11 6.71 -10.08
N VAL A 19 24.34 5.56 -9.43
CA VAL A 19 23.47 4.37 -9.49
C VAL A 19 22.00 4.56 -9.06
N VAL A 20 21.73 5.60 -8.25
CA VAL A 20 20.36 5.99 -7.83
C VAL A 20 19.37 6.23 -8.98
N ARG A 21 19.88 6.54 -10.18
CA ARG A 21 19.10 6.79 -11.42
C ARG A 21 18.22 5.60 -11.89
N SER A 22 18.46 4.38 -11.40
CA SER A 22 17.72 3.17 -11.82
C SER A 22 16.28 3.10 -11.28
N VAL A 23 15.96 3.86 -10.23
CA VAL A 23 14.69 3.75 -9.48
C VAL A 23 14.43 2.34 -8.90
N ASP A 24 13.19 1.86 -8.80
CA ASP A 24 12.82 0.60 -8.14
C ASP A 24 13.31 0.43 -6.69
N ALA A 25 14.44 -0.26 -6.48
CA ALA A 25 15.14 -0.31 -5.19
C ALA A 25 15.64 1.07 -4.72
N GLU A 26 16.00 1.93 -5.67
CA GLU A 26 16.56 3.27 -5.45
C GLU A 26 15.51 4.37 -5.18
N GLU A 27 14.22 4.05 -5.25
CA GLU A 27 13.11 4.95 -4.86
C GLU A 27 13.21 5.45 -3.40
N ARG A 28 14.04 4.82 -2.57
CA ARG A 28 14.35 5.17 -1.16
C ARG A 28 14.63 6.66 -0.90
N ILE A 29 15.19 7.41 -1.87
CA ILE A 29 15.42 8.86 -1.72
C ILE A 29 14.13 9.69 -1.67
N ALA A 30 13.04 9.23 -2.31
CA ALA A 30 11.73 9.88 -2.24
C ALA A 30 11.00 9.57 -0.91
N TRP A 31 11.18 8.37 -0.37
CA TRP A 31 10.63 7.95 0.93
C TRP A 31 11.03 8.85 2.12
N VAL A 32 12.18 9.53 2.04
CA VAL A 32 12.62 10.60 2.97
C VAL A 32 11.85 11.92 2.84
N SER A 33 10.51 11.85 2.97
CA SER A 33 9.57 12.99 2.91
C SER A 33 9.63 13.81 1.61
N LYS A 34 10.11 13.23 0.51
CA LYS A 34 10.48 13.84 -0.79
C LYS A 34 11.65 14.84 -0.72
N ALA A 35 11.72 15.66 0.33
CA ALA A 35 12.86 16.52 0.69
C ALA A 35 12.92 16.75 2.21
N LEU A 36 14.11 17.01 2.75
CA LEU A 36 14.32 17.15 4.21
C LEU A 36 13.56 18.34 4.81
N CYS A 37 13.40 19.43 4.07
CA CYS A 37 12.66 20.62 4.48
C CYS A 37 11.15 20.39 4.74
N ARG A 38 10.57 19.32 4.16
CA ARG A 38 9.17 18.89 4.35
C ARG A 38 8.94 18.01 5.59
N THR A 39 10.01 17.52 6.23
CA THR A 39 9.94 16.50 7.29
C THR A 39 9.30 16.88 8.64
N THR A 40 8.95 15.87 9.44
CA THR A 40 8.26 15.91 10.74
C THR A 40 6.79 16.37 10.80
N ASP A 41 6.05 15.86 11.78
CA ASP A 41 4.61 16.05 11.96
C ASP A 41 4.18 17.35 12.69
N PRO A 42 2.94 17.87 12.49
CA PRO A 42 2.50 19.14 13.08
C PRO A 42 2.52 19.19 14.61
N ASP A 43 2.34 18.06 15.31
CA ASP A 43 2.48 18.01 16.76
C ASP A 43 3.90 18.23 17.27
N GLU A 44 4.91 17.69 16.58
CA GLU A 44 6.33 17.99 16.83
C GLU A 44 6.64 19.48 16.56
N LEU A 45 6.13 20.04 15.45
CA LEU A 45 6.29 21.45 15.13
C LEU A 45 5.64 22.38 16.19
N PHE A 46 4.44 22.05 16.67
CA PHE A 46 3.80 22.75 17.79
C PHE A 46 4.41 22.56 19.19
N VAL A 47 5.16 21.50 19.44
CA VAL A 47 5.96 21.34 20.68
C VAL A 47 7.25 22.16 20.57
N ARG A 48 7.93 22.11 19.42
CA ARG A 48 9.27 22.71 19.19
C ARG A 48 9.23 24.21 18.85
N GLY A 49 8.10 24.72 18.39
CA GLY A 49 7.86 26.12 18.02
C GLY A 49 6.37 26.47 17.97
N ALA A 50 5.97 27.38 17.08
CA ALA A 50 4.59 27.85 16.90
C ALA A 50 3.94 28.39 18.21
N ALA A 51 2.61 28.40 18.29
CA ALA A 51 1.86 28.68 19.52
C ALA A 51 1.93 27.44 20.47
N GLN A 52 2.98 27.37 21.29
CA GLN A 52 3.32 26.18 22.08
C GLN A 52 2.20 25.72 23.06
N ARG A 53 1.38 26.66 23.57
CA ARG A 53 0.21 26.38 24.43
C ARG A 53 -0.94 25.65 23.71
N LYS A 54 -1.01 25.73 22.38
CA LYS A 54 -2.04 25.08 21.54
C LYS A 54 -1.73 23.61 21.20
N ALA A 55 -0.50 23.14 21.47
CA ALA A 55 -0.02 21.81 21.10
C ALA A 55 -0.86 20.65 21.70
N ALA A 56 -1.04 19.60 20.91
CA ALA A 56 -1.71 18.34 21.29
C ALA A 56 -1.22 17.17 20.41
N VAL A 57 -1.28 15.94 20.92
CA VAL A 57 -0.88 14.73 20.18
C VAL A 57 -1.78 14.46 18.96
N ILE A 58 -1.20 14.08 17.82
CA ILE A 58 -1.89 13.91 16.52
C ILE A 58 -2.56 15.22 16.05
N CYS A 59 -1.88 16.36 16.21
CA CYS A 59 -2.29 17.63 15.61
C CYS A 59 -2.28 17.53 14.08
N ARG A 60 -3.36 17.98 13.41
CA ARG A 60 -3.55 17.94 11.95
C ARG A 60 -4.64 18.89 11.46
N HIS A 61 -4.69 19.13 10.14
CA HIS A 61 -5.79 19.84 9.46
C HIS A 61 -6.99 18.89 9.21
N CYS A 62 -8.16 19.45 8.93
CA CYS A 62 -9.35 18.68 8.56
C CYS A 62 -9.14 17.85 7.27
N PRO A 63 -9.80 16.68 7.11
CA PRO A 63 -9.67 15.84 5.92
C PRO A 63 -10.37 16.44 4.69
N VAL A 64 -9.75 16.26 3.52
CA VAL A 64 -10.31 16.64 2.19
C VAL A 64 -11.18 15.54 1.56
N MET A 65 -11.01 14.28 2.00
CA MET A 65 -11.70 13.11 1.47
C MET A 65 -13.23 13.18 1.64
N GLN A 66 -13.98 13.10 0.53
CA GLN A 66 -15.45 12.94 0.51
C GLN A 66 -15.85 11.47 0.73
N GLU A 67 -15.44 10.92 1.89
CA GLU A 67 -15.55 9.50 2.30
C GLU A 67 -15.10 8.49 1.21
N CYS A 68 -15.58 7.24 1.25
CA CYS A 68 -15.23 6.20 0.27
C CYS A 68 -15.63 6.59 -1.18
N ALA A 69 -16.56 7.54 -1.36
CA ALA A 69 -16.95 8.09 -2.67
C ALA A 69 -15.92 9.05 -3.29
N ALA A 70 -14.82 9.40 -2.59
CA ALA A 70 -13.87 10.42 -3.05
C ALA A 70 -13.24 10.14 -4.44
N ASP A 71 -13.04 8.88 -4.82
CA ASP A 71 -12.53 8.54 -6.16
C ASP A 71 -13.45 8.91 -7.35
N ALA A 72 -14.68 9.35 -7.09
CA ALA A 72 -15.58 9.93 -8.10
C ALA A 72 -15.11 11.34 -8.56
N LEU A 73 -14.17 11.97 -7.85
CA LEU A 73 -13.63 13.30 -8.16
C LEU A 73 -12.10 13.42 -7.96
N ASP A 74 -11.50 12.68 -7.04
CA ASP A 74 -10.04 12.62 -6.83
C ASP A 74 -9.27 11.69 -7.79
N ASN A 75 -8.03 12.04 -8.12
CA ASN A 75 -7.15 11.29 -9.04
C ASN A 75 -6.51 10.03 -8.37
N LYS A 76 -7.35 9.18 -7.78
CA LYS A 76 -6.98 8.01 -6.96
C LYS A 76 -8.07 6.92 -7.01
N VAL A 77 -7.90 5.85 -6.21
CA VAL A 77 -8.91 4.81 -5.92
C VAL A 77 -9.10 4.62 -4.41
N GLU A 78 -10.34 4.41 -3.96
CA GLU A 78 -10.70 4.19 -2.55
C GLU A 78 -11.08 2.72 -2.27
N PHE A 79 -10.99 2.30 -1.00
CA PHE A 79 -11.31 0.95 -0.51
C PHE A 79 -10.46 -0.23 -1.04
N GLY A 80 -10.54 -0.51 -2.34
CA GLY A 80 -9.70 -1.46 -3.07
C GLY A 80 -8.42 -0.79 -3.56
N VAL A 81 -7.55 -0.35 -2.65
CA VAL A 81 -6.37 0.51 -2.93
C VAL A 81 -5.25 -0.10 -3.79
N TRP A 82 -5.20 -1.43 -3.93
CA TRP A 82 -4.11 -2.16 -4.61
C TRP A 82 -4.05 -1.90 -6.12
N GLY A 83 -2.83 -1.82 -6.68
CA GLY A 83 -2.59 -1.58 -8.11
C GLY A 83 -2.64 -2.84 -8.99
N GLY A 84 -2.60 -2.63 -10.31
CA GLY A 84 -2.44 -3.66 -11.35
C GLY A 84 -3.65 -4.55 -11.65
N MET A 85 -4.32 -5.07 -10.61
CA MET A 85 -5.49 -5.96 -10.71
C MET A 85 -6.74 -5.19 -11.18
N THR A 86 -7.50 -5.76 -12.12
CA THR A 86 -8.61 -5.10 -12.84
C THR A 86 -9.62 -4.35 -11.97
N GLU A 87 -9.97 -3.10 -12.32
CA GLU A 87 -10.73 -2.19 -11.44
C GLU A 87 -12.06 -2.73 -10.87
N ARG A 88 -13.03 -3.05 -11.74
CA ARG A 88 -14.36 -3.48 -11.28
C ARG A 88 -14.32 -4.83 -10.55
N GLN A 89 -13.53 -5.77 -11.05
CA GLN A 89 -13.34 -7.10 -10.48
C GLN A 89 -12.66 -7.02 -9.10
N ARG A 90 -11.58 -6.25 -8.97
CA ARG A 90 -10.84 -6.04 -7.70
C ARG A 90 -11.78 -5.51 -6.62
N ARG A 91 -12.52 -4.44 -6.91
CA ARG A 91 -13.45 -3.76 -6.00
C ARG A 91 -14.65 -4.64 -5.62
N ALA A 92 -15.35 -5.22 -6.60
CA ALA A 92 -16.53 -6.05 -6.37
C ALA A 92 -16.20 -7.35 -5.60
N LEU A 93 -15.16 -8.07 -6.01
CA LEU A 93 -14.76 -9.31 -5.34
C LEU A 93 -14.18 -9.06 -3.94
N LEU A 94 -13.59 -7.89 -3.68
CA LEU A 94 -13.11 -7.52 -2.34
C LEU A 94 -14.27 -7.31 -1.36
N LYS A 95 -15.39 -6.72 -1.80
CA LYS A 95 -16.62 -6.64 -1.00
C LYS A 95 -17.21 -8.02 -0.67
N GLN A 96 -17.13 -8.96 -1.62
CA GLN A 96 -17.63 -10.33 -1.44
C GLN A 96 -16.73 -11.23 -0.55
N HIS A 97 -15.40 -11.12 -0.71
CA HIS A 97 -14.40 -12.05 -0.12
C HIS A 97 -13.20 -11.34 0.58
N PRO A 98 -13.42 -10.44 1.56
CA PRO A 98 -12.34 -9.68 2.21
C PRO A 98 -11.47 -10.51 3.19
N GLU A 99 -12.00 -11.63 3.71
CA GLU A 99 -11.40 -12.40 4.82
C GLU A 99 -10.33 -13.43 4.42
N VAL A 100 -10.03 -13.61 3.12
CA VAL A 100 -9.20 -14.72 2.61
C VAL A 100 -8.27 -14.36 1.43
N VAL A 101 -7.05 -14.92 1.42
CA VAL A 101 -6.02 -14.70 0.37
C VAL A 101 -6.41 -15.18 -1.03
N SER A 102 -7.40 -16.06 -1.15
CA SER A 102 -7.91 -16.58 -2.43
C SER A 102 -8.43 -15.47 -3.36
N TRP A 103 -8.85 -14.33 -2.79
CA TRP A 103 -9.24 -13.12 -3.54
C TRP A 103 -8.11 -12.52 -4.40
N SER A 104 -6.97 -12.18 -3.79
CA SER A 104 -5.81 -11.63 -4.51
C SER A 104 -5.13 -12.68 -5.38
N ASP A 105 -5.10 -13.95 -4.94
CA ASP A 105 -4.66 -15.09 -5.75
C ASP A 105 -5.46 -15.28 -7.05
N TYR A 106 -6.80 -15.22 -6.97
CA TYR A 106 -7.67 -15.21 -8.14
C TYR A 106 -7.42 -14.07 -9.12
N LEU A 107 -7.34 -12.84 -8.60
CA LEU A 107 -7.08 -11.64 -9.40
C LEU A 107 -5.71 -11.71 -10.10
N GLU A 108 -4.67 -12.19 -9.42
CA GLU A 108 -3.36 -12.42 -10.04
C GLU A 108 -3.44 -13.51 -11.12
N LYS A 109 -4.11 -14.64 -10.87
CA LYS A 109 -4.29 -15.71 -11.86
C LYS A 109 -5.06 -15.23 -13.11
N ARG A 110 -6.01 -14.30 -12.95
CA ARG A 110 -6.72 -13.60 -14.03
C ARG A 110 -5.83 -12.59 -14.77
N LYS A 111 -4.97 -11.86 -14.06
CA LYS A 111 -4.04 -10.85 -14.61
C LYS A 111 -2.87 -11.44 -15.40
N ARG A 112 -2.23 -12.48 -14.87
CA ARG A 112 -1.04 -13.15 -15.44
C ARG A 112 -1.33 -13.80 -16.80
N ARG A 113 -0.39 -13.63 -17.75
CA ARG A 113 -0.38 -14.26 -19.10
C ARG A 113 -1.72 -14.08 -19.86
N THR A 114 -2.30 -12.87 -19.77
CA THR A 114 -3.56 -12.53 -20.45
C THR A 114 -3.52 -12.57 -21.98
N GLY A 115 -4.67 -12.88 -22.61
CA GLY A 115 -4.82 -13.01 -24.06
C GLY A 115 -4.98 -11.68 -24.82
N THR A 116 -5.19 -11.78 -26.14
CA THR A 116 -5.41 -10.64 -27.06
C THR A 116 -6.66 -9.78 -26.82
N ALA A 117 -7.64 -10.33 -26.10
CA ALA A 117 -8.87 -9.67 -25.66
C ALA A 117 -9.26 -10.11 -24.23
N GLY A 118 -10.09 -9.30 -23.55
CA GLY A 118 -10.49 -9.52 -22.15
C GLY A 118 -11.34 -10.78 -21.92
N LEU A 119 -11.16 -11.39 -20.75
CA LEU A 119 -11.86 -12.61 -20.34
C LEU A 119 -13.37 -12.37 -20.15
N GLU A 120 -14.20 -13.18 -20.80
CA GLU A 120 -15.68 -13.09 -20.75
C GLU A 120 -16.25 -11.72 -21.16
N HIS A 121 -15.62 -11.07 -22.16
CA HIS A 121 -16.00 -9.73 -22.66
C HIS A 121 -17.39 -9.67 -23.30
N HIS A 122 -17.87 -10.76 -23.92
CA HIS A 122 -19.18 -10.85 -24.60
C HIS A 122 -20.35 -10.71 -23.61
N HIS A 123 -21.45 -10.05 -24.04
CA HIS A 123 -22.68 -9.90 -23.25
C HIS A 123 -23.38 -11.25 -22.98
N HIS A 124 -24.17 -11.33 -21.89
CA HIS A 124 -24.96 -12.52 -21.53
C HIS A 124 -26.19 -12.75 -22.45
N HIS A 125 -26.80 -13.93 -22.36
CA HIS A 125 -28.09 -14.25 -23.02
C HIS A 125 -29.25 -13.40 -22.47
N HIS A 126 -30.40 -13.43 -23.15
CA HIS A 126 -31.66 -12.85 -22.66
C HIS A 126 -32.09 -13.46 -21.31
N MET A 1 -55.17 57.98 7.23
CA MET A 1 -55.59 56.62 6.79
C MET A 1 -54.77 55.52 7.48
N SER A 2 -53.50 55.31 7.08
CA SER A 2 -52.61 54.27 7.61
C SER A 2 -51.12 54.65 7.49
N GLY A 3 -50.26 53.97 8.26
CA GLY A 3 -48.80 54.20 8.27
C GLY A 3 -48.10 53.73 6.99
N THR A 4 -46.99 54.39 6.63
CA THR A 4 -46.19 54.11 5.43
C THR A 4 -45.22 52.91 5.50
N ARG A 5 -44.91 52.43 6.72
CA ARG A 5 -44.00 51.29 6.95
C ARG A 5 -44.61 49.94 6.50
N PRO A 6 -43.78 48.94 6.12
CA PRO A 6 -44.23 47.58 5.89
C PRO A 6 -44.62 46.86 7.20
N ALA A 7 -43.97 47.21 8.32
CA ALA A 7 -44.23 46.69 9.67
C ALA A 7 -43.76 47.67 10.75
N ALA A 8 -44.32 47.59 11.97
CA ALA A 8 -43.88 48.38 13.12
C ALA A 8 -42.49 47.97 13.64
N ARG A 9 -42.09 46.70 13.40
CA ARG A 9 -40.77 46.12 13.72
C ARG A 9 -39.65 46.68 12.82
N ARG A 10 -38.40 46.43 13.20
CA ARG A 10 -37.19 46.73 12.40
C ARG A 10 -37.11 45.92 11.09
N THR A 11 -36.34 46.43 10.13
CA THR A 11 -35.97 45.69 8.89
C THR A 11 -34.95 44.58 9.10
N ASN A 12 -34.90 43.58 8.21
CA ASN A 12 -33.91 42.49 8.21
C ASN A 12 -33.82 41.70 9.54
N LEU A 13 -34.95 41.56 10.25
CA LEU A 13 -35.03 40.98 11.60
C LEU A 13 -34.53 39.51 11.67
N THR A 14 -34.65 38.77 10.57
CA THR A 14 -34.16 37.39 10.42
C THR A 14 -32.63 37.20 10.31
N ALA A 15 -31.87 38.28 10.11
CA ALA A 15 -30.40 38.24 9.98
C ALA A 15 -29.70 37.82 11.29
N ALA A 16 -28.57 37.11 11.17
CA ALA A 16 -27.75 36.61 12.28
C ALA A 16 -26.28 36.40 11.87
N GLN A 17 -25.39 36.30 12.85
CA GLN A 17 -23.92 36.18 12.67
C GLN A 17 -23.47 34.90 11.96
N ASN A 18 -24.34 33.90 11.79
CA ASN A 18 -24.11 32.70 10.97
C ASN A 18 -24.09 33.00 9.46
N VAL A 19 -24.81 34.03 8.99
CA VAL A 19 -24.97 34.42 7.56
C VAL A 19 -25.44 33.33 6.58
N VAL A 20 -25.94 32.20 7.13
CA VAL A 20 -26.35 30.98 6.39
C VAL A 20 -25.23 30.33 5.56
N ARG A 21 -23.97 30.47 6.00
CA ARG A 21 -22.79 29.88 5.32
C ARG A 21 -22.72 28.34 5.41
N SER A 22 -23.37 27.75 6.41
CA SER A 22 -23.62 26.30 6.54
C SER A 22 -24.79 26.02 7.49
N VAL A 23 -25.51 24.92 7.26
CA VAL A 23 -26.52 24.39 8.19
C VAL A 23 -25.92 23.65 9.40
N ASP A 24 -24.69 23.15 9.28
CA ASP A 24 -23.95 22.44 10.34
C ASP A 24 -23.19 23.35 11.31
N ALA A 25 -23.40 23.17 12.62
CA ALA A 25 -22.85 24.03 13.67
C ALA A 25 -21.31 24.08 13.69
N GLU A 26 -20.67 22.94 13.39
CA GLU A 26 -19.21 22.77 13.41
C GLU A 26 -18.54 23.25 12.12
N GLU A 27 -19.20 23.08 10.96
CA GLU A 27 -18.74 23.68 9.70
C GLU A 27 -18.87 25.21 9.72
N ARG A 28 -19.96 25.72 10.33
CA ARG A 28 -20.22 27.17 10.50
C ARG A 28 -19.08 27.93 11.20
N ILE A 29 -18.31 27.30 12.10
CA ILE A 29 -17.13 27.93 12.72
C ILE A 29 -15.82 27.71 11.94
N ALA A 30 -15.74 26.69 11.07
CA ALA A 30 -14.53 26.41 10.28
C ALA A 30 -14.16 27.55 9.31
N TRP A 31 -15.16 28.32 8.86
CA TRP A 31 -15.01 29.56 8.06
C TRP A 31 -14.12 30.65 8.68
N VAL A 32 -13.78 30.55 9.98
CA VAL A 32 -12.77 31.39 10.65
C VAL A 32 -11.38 31.36 10.00
N SER A 33 -11.06 30.29 9.26
CA SER A 33 -9.84 30.15 8.45
C SER A 33 -10.10 29.46 7.11
N LYS A 34 -10.50 28.18 7.13
CA LYS A 34 -10.80 27.32 5.96
C LYS A 34 -9.75 27.44 4.84
N ALA A 35 -8.47 27.33 5.23
CA ALA A 35 -7.32 27.53 4.34
C ALA A 35 -7.06 26.33 3.41
N LEU A 36 -7.85 26.21 2.33
CA LEU A 36 -7.74 25.12 1.34
C LEU A 36 -6.39 25.11 0.59
N CYS A 37 -5.70 26.26 0.55
CA CYS A 37 -4.32 26.42 0.08
C CYS A 37 -3.23 25.77 0.97
N ARG A 38 -3.61 25.32 2.19
CA ARG A 38 -2.76 24.78 3.28
C ARG A 38 -1.79 25.83 3.89
N THR A 39 -1.56 25.72 5.20
CA THR A 39 -0.73 26.66 6.01
C THR A 39 0.81 26.54 5.89
N THR A 40 1.30 25.66 5.00
CA THR A 40 2.70 25.24 4.88
C THR A 40 3.25 24.36 6.01
N ASP A 41 3.75 23.17 5.66
CA ASP A 41 4.38 22.23 6.61
C ASP A 41 5.72 22.73 7.19
N PRO A 42 6.08 22.37 8.44
CA PRO A 42 7.22 22.98 9.13
C PRO A 42 8.58 22.58 8.55
N ASP A 43 8.70 21.44 7.86
CA ASP A 43 9.93 21.04 7.17
C ASP A 43 10.39 21.99 6.06
N GLU A 44 9.46 22.43 5.21
CA GLU A 44 9.64 23.43 4.16
C GLU A 44 10.09 24.81 4.70
N LEU A 45 9.85 25.08 5.99
CA LEU A 45 10.38 26.24 6.71
C LEU A 45 11.76 25.93 7.30
N PHE A 46 11.89 24.78 7.99
CA PHE A 46 13.09 24.32 8.68
C PHE A 46 14.36 24.13 7.84
N VAL A 47 14.24 23.57 6.64
CA VAL A 47 15.36 23.44 5.69
C VAL A 47 15.86 24.79 5.11
N ARG A 48 15.09 25.87 5.29
CA ARG A 48 15.45 27.27 4.99
C ARG A 48 15.69 28.13 6.25
N GLY A 49 15.73 27.49 7.44
CA GLY A 49 15.74 28.14 8.75
C GLY A 49 17.10 28.60 9.27
N ALA A 50 18.15 28.67 8.45
CA ALA A 50 19.51 28.98 8.89
C ALA A 50 19.63 30.33 9.63
N ALA A 51 18.92 31.37 9.16
CA ALA A 51 18.84 32.67 9.84
C ALA A 51 18.08 32.60 11.19
N GLN A 52 17.09 31.70 11.29
CA GLN A 52 16.34 31.38 12.52
C GLN A 52 17.11 30.41 13.46
N ARG A 53 18.31 29.97 13.05
CA ARG A 53 19.12 28.89 13.69
C ARG A 53 18.42 27.52 13.74
N LYS A 54 17.44 27.31 12.85
CA LYS A 54 16.61 26.10 12.61
C LYS A 54 15.73 25.61 13.77
N ALA A 55 16.30 25.47 14.97
CA ALA A 55 15.69 25.03 16.23
C ALA A 55 15.02 23.64 16.21
N ALA A 56 13.84 23.49 15.60
CA ALA A 56 12.99 22.29 15.67
C ALA A 56 12.02 22.16 14.47
N VAL A 57 11.49 20.95 14.28
CA VAL A 57 10.57 20.56 13.20
C VAL A 57 9.72 19.36 13.64
N ILE A 58 8.46 19.27 13.16
CA ILE A 58 7.61 18.10 13.39
C ILE A 58 8.16 16.90 12.59
N CYS A 59 8.78 15.95 13.29
CA CYS A 59 9.56 14.84 12.72
C CYS A 59 9.67 13.67 13.73
N ARG A 60 9.81 12.44 13.22
CA ARG A 60 9.90 11.17 13.99
C ARG A 60 8.65 10.88 14.85
N HIS A 61 8.70 9.77 15.60
CA HIS A 61 7.73 9.36 16.65
C HIS A 61 6.28 9.10 16.17
N CYS A 62 6.07 8.90 14.86
CA CYS A 62 4.77 8.55 14.27
C CYS A 62 4.33 7.09 14.56
N PRO A 63 3.02 6.82 14.71
CA PRO A 63 2.50 5.46 14.90
C PRO A 63 2.60 4.61 13.61
N VAL A 64 2.72 3.29 13.79
CA VAL A 64 2.73 2.28 12.70
C VAL A 64 1.92 1.04 13.07
N MET A 65 1.01 0.61 12.17
CA MET A 65 0.19 -0.61 12.27
C MET A 65 -0.60 -0.73 13.60
N GLN A 66 -1.04 0.40 14.15
CA GLN A 66 -1.76 0.47 15.43
C GLN A 66 -3.12 -0.27 15.38
N GLU A 67 -3.45 -0.97 16.45
CA GLU A 67 -4.60 -1.88 16.58
C GLU A 67 -5.94 -1.15 16.35
N CYS A 68 -6.70 -1.60 15.35
CA CYS A 68 -7.98 -1.02 14.90
C CYS A 68 -7.94 0.48 14.54
N ALA A 69 -6.75 1.03 14.23
CA ALA A 69 -6.53 2.47 14.01
C ALA A 69 -5.63 2.79 12.81
N ALA A 70 -4.69 1.91 12.47
CA ALA A 70 -3.83 2.04 11.28
C ALA A 70 -3.48 0.69 10.63
N ASP A 71 -3.57 -0.43 11.36
CA ASP A 71 -3.47 -1.80 10.81
C ASP A 71 -4.33 -2.06 9.57
N ALA A 72 -5.55 -1.52 9.56
CA ALA A 72 -6.54 -1.59 8.48
C ALA A 72 -6.08 -1.00 7.12
N LEU A 73 -4.92 -0.33 7.07
CA LEU A 73 -4.25 0.09 5.82
C LEU A 73 -2.77 -0.34 5.80
N ASP A 74 -2.07 -0.22 6.94
CA ASP A 74 -0.65 -0.58 7.08
C ASP A 74 -0.30 -2.05 6.81
N ASN A 75 -1.18 -2.97 7.24
CA ASN A 75 -1.07 -4.41 6.92
C ASN A 75 -1.83 -4.77 5.62
N LYS A 76 -2.94 -4.09 5.33
CA LYS A 76 -3.87 -4.43 4.25
C LYS A 76 -3.34 -4.12 2.84
N VAL A 77 -2.73 -2.95 2.66
CA VAL A 77 -2.36 -2.42 1.33
C VAL A 77 -1.06 -1.61 1.24
N GLU A 78 -0.61 -0.97 2.33
CA GLU A 78 0.66 -0.21 2.30
C GLU A 78 1.89 -1.13 2.09
N PHE A 79 2.95 -0.57 1.48
CA PHE A 79 4.15 -1.29 1.04
C PHE A 79 4.00 -2.41 -0.02
N GLY A 80 2.79 -2.55 -0.59
CA GLY A 80 2.44 -3.52 -1.63
C GLY A 80 1.09 -3.17 -2.28
N VAL A 81 0.95 -1.91 -2.72
CA VAL A 81 -0.33 -1.31 -3.16
C VAL A 81 -1.00 -2.00 -4.35
N TRP A 82 -2.33 -2.04 -4.34
CA TRP A 82 -3.16 -2.56 -5.44
C TRP A 82 -3.13 -1.62 -6.67
N GLY A 83 -3.38 -2.18 -7.85
CA GLY A 83 -3.48 -1.43 -9.12
C GLY A 83 -3.26 -2.26 -10.39
N GLY A 84 -2.47 -3.35 -10.32
CA GLY A 84 -2.26 -4.28 -11.43
C GLY A 84 -3.45 -5.21 -11.72
N MET A 85 -4.24 -5.53 -10.69
CA MET A 85 -5.52 -6.24 -10.81
C MET A 85 -6.59 -5.37 -11.51
N THR A 86 -7.51 -5.98 -12.27
CA THR A 86 -8.65 -5.28 -12.89
C THR A 86 -9.53 -4.54 -11.87
N GLU A 87 -9.56 -3.20 -11.89
CA GLU A 87 -10.18 -2.39 -10.82
C GLU A 87 -11.66 -2.66 -10.54
N ARG A 88 -12.48 -2.86 -11.59
CA ARG A 88 -13.91 -3.19 -11.44
C ARG A 88 -14.12 -4.52 -10.71
N GLN A 89 -13.32 -5.52 -11.07
CA GLN A 89 -13.29 -6.84 -10.41
C GLN A 89 -12.68 -6.75 -9.00
N ARG A 90 -11.63 -5.93 -8.82
CA ARG A 90 -10.94 -5.69 -7.53
C ARG A 90 -11.93 -5.22 -6.47
N ARG A 91 -12.75 -4.20 -6.77
CA ARG A 91 -13.81 -3.70 -5.87
C ARG A 91 -14.90 -4.76 -5.60
N ALA A 92 -15.49 -5.31 -6.66
CA ALA A 92 -16.62 -6.25 -6.55
C ALA A 92 -16.27 -7.54 -5.79
N LEU A 93 -15.17 -8.19 -6.17
CA LEU A 93 -14.74 -9.46 -5.57
C LEU A 93 -14.22 -9.28 -4.14
N LEU A 94 -13.59 -8.14 -3.81
CA LEU A 94 -13.16 -7.83 -2.44
C LEU A 94 -14.35 -7.66 -1.49
N LYS A 95 -15.39 -6.90 -1.90
CA LYS A 95 -16.61 -6.73 -1.09
C LYS A 95 -17.39 -8.04 -0.86
N GLN A 96 -17.31 -8.97 -1.82
CA GLN A 96 -17.86 -10.33 -1.68
C GLN A 96 -17.00 -11.27 -0.80
N HIS A 97 -15.69 -11.01 -0.65
CA HIS A 97 -14.74 -11.84 0.13
C HIS A 97 -13.73 -11.00 0.96
N PRO A 98 -14.16 -10.21 1.96
CA PRO A 98 -13.28 -9.23 2.63
C PRO A 98 -12.12 -9.86 3.43
N GLU A 99 -12.35 -11.01 4.08
CA GLU A 99 -11.40 -11.62 5.03
C GLU A 99 -10.38 -12.56 4.37
N VAL A 100 -10.69 -13.14 3.21
CA VAL A 100 -9.89 -14.22 2.59
C VAL A 100 -8.54 -13.78 1.99
N VAL A 101 -7.47 -14.54 2.26
CA VAL A 101 -6.12 -14.27 1.73
C VAL A 101 -5.93 -14.69 0.26
N SER A 102 -6.75 -15.63 -0.24
CA SER A 102 -6.71 -16.15 -1.61
C SER A 102 -7.22 -15.18 -2.69
N TRP A 103 -7.90 -14.10 -2.29
CA TRP A 103 -8.53 -13.14 -3.21
C TRP A 103 -7.59 -12.49 -4.22
N SER A 104 -6.50 -11.87 -3.76
CA SER A 104 -5.52 -11.23 -4.64
C SER A 104 -4.79 -12.22 -5.56
N ASP A 105 -4.48 -13.43 -5.06
CA ASP A 105 -3.99 -14.55 -5.88
C ASP A 105 -4.96 -15.03 -6.97
N TYR A 106 -6.26 -15.06 -6.69
CA TYR A 106 -7.30 -15.32 -7.68
C TYR A 106 -7.42 -14.28 -8.80
N LEU A 107 -7.35 -12.98 -8.47
CA LEU A 107 -7.30 -11.91 -9.47
C LEU A 107 -5.96 -11.90 -10.25
N GLU A 108 -4.85 -12.25 -9.61
CA GLU A 108 -3.57 -12.46 -10.32
C GLU A 108 -3.68 -13.61 -11.34
N LYS A 109 -4.29 -14.73 -10.96
CA LYS A 109 -4.60 -15.85 -11.87
C LYS A 109 -5.55 -15.45 -13.00
N ARG A 110 -6.53 -14.58 -12.74
CA ARG A 110 -7.45 -14.03 -13.74
C ARG A 110 -6.74 -13.22 -14.82
N LYS A 111 -5.90 -12.23 -14.45
CA LYS A 111 -5.11 -11.46 -15.45
C LYS A 111 -4.08 -12.33 -16.19
N ARG A 112 -3.47 -13.29 -15.47
CA ARG A 112 -2.55 -14.34 -15.99
C ARG A 112 -3.25 -15.47 -16.77
N ARG A 113 -4.39 -15.15 -17.41
CA ARG A 113 -5.18 -16.00 -18.32
C ARG A 113 -5.45 -17.42 -17.77
N THR A 114 -5.93 -17.42 -16.54
CA THR A 114 -6.31 -18.61 -15.78
C THR A 114 -5.19 -19.61 -15.41
N GLY A 115 -3.93 -19.25 -15.68
CA GLY A 115 -2.75 -20.11 -15.49
C GLY A 115 -2.60 -21.24 -16.53
N THR A 116 -3.40 -21.25 -17.61
CA THR A 116 -3.45 -22.32 -18.62
C THR A 116 -3.34 -21.91 -20.09
N ALA A 117 -3.78 -20.70 -20.49
CA ALA A 117 -3.73 -20.26 -21.89
C ALA A 117 -2.27 -20.19 -22.38
N GLY A 118 -1.94 -20.98 -23.41
CA GLY A 118 -0.55 -21.20 -23.88
C GLY A 118 0.30 -22.08 -22.95
N LEU A 119 0.22 -21.86 -21.64
CA LEU A 119 0.97 -22.55 -20.58
C LEU A 119 0.67 -24.08 -20.51
N GLU A 120 -0.50 -24.52 -20.98
CA GLU A 120 -0.86 -25.93 -21.10
C GLU A 120 -0.05 -26.68 -22.19
N HIS A 121 0.48 -25.96 -23.18
CA HIS A 121 1.29 -26.48 -24.30
C HIS A 121 0.62 -27.62 -25.10
N HIS A 122 -0.72 -27.57 -25.25
CA HIS A 122 -1.52 -28.61 -25.93
C HIS A 122 -1.17 -28.72 -27.43
N HIS A 123 -1.16 -29.95 -27.96
CA HIS A 123 -0.93 -30.23 -29.40
C HIS A 123 -2.09 -29.74 -30.28
N HIS A 124 -1.86 -29.57 -31.59
CA HIS A 124 -2.89 -29.21 -32.59
C HIS A 124 -3.90 -30.35 -32.81
N HIS A 125 -5.12 -30.03 -33.26
CA HIS A 125 -6.22 -31.01 -33.44
C HIS A 125 -6.00 -32.00 -34.61
N HIS A 126 -5.18 -31.62 -35.60
CA HIS A 126 -4.86 -32.40 -36.81
C HIS A 126 -3.38 -32.25 -37.19
N MET A 1 61.59 5.38 -27.80
CA MET A 1 61.39 3.90 -27.63
C MET A 1 60.36 3.62 -26.51
N SER A 2 59.52 2.60 -26.69
CA SER A 2 58.47 2.21 -25.73
C SER A 2 59.03 1.71 -24.38
N GLY A 3 58.25 1.90 -23.30
CA GLY A 3 58.60 1.41 -21.95
C GLY A 3 58.47 -0.11 -21.79
N THR A 4 59.09 -0.64 -20.72
CA THR A 4 59.16 -2.09 -20.43
C THR A 4 57.86 -2.82 -20.08
N ARG A 5 56.86 -2.08 -19.55
CA ARG A 5 55.55 -2.62 -19.16
C ARG A 5 54.75 -3.07 -20.40
N PRO A 6 54.17 -4.29 -20.44
CA PRO A 6 53.55 -4.83 -21.66
C PRO A 6 52.19 -4.21 -22.01
N ALA A 7 51.43 -3.72 -21.02
CA ALA A 7 50.12 -3.09 -21.20
C ALA A 7 49.81 -2.08 -20.08
N ALA A 8 48.96 -1.08 -20.38
CA ALA A 8 48.50 -0.07 -19.40
C ALA A 8 47.41 -0.59 -18.44
N ARG A 9 46.76 -1.73 -18.76
CA ARG A 9 45.65 -2.33 -18.01
C ARG A 9 46.05 -2.71 -16.58
N ARG A 10 45.38 -2.12 -15.58
CA ARG A 10 45.53 -2.39 -14.13
C ARG A 10 44.79 -3.67 -13.73
N THR A 11 45.28 -4.81 -14.21
CA THR A 11 44.66 -6.15 -14.10
C THR A 11 43.27 -6.30 -14.73
N ASN A 12 42.25 -5.70 -14.11
CA ASN A 12 40.89 -5.55 -14.64
C ASN A 12 40.28 -4.15 -14.44
N LEU A 13 40.84 -3.28 -13.59
CA LEU A 13 40.22 -2.01 -13.19
C LEU A 13 40.00 -1.03 -14.36
N THR A 14 40.94 -1.02 -15.31
CA THR A 14 40.85 -0.27 -16.58
C THR A 14 39.73 -0.68 -17.54
N ALA A 15 39.31 -1.96 -17.47
CA ALA A 15 38.17 -2.51 -18.21
C ALA A 15 36.85 -2.39 -17.42
N ALA A 16 36.89 -2.57 -16.10
CA ALA A 16 35.76 -2.48 -15.17
C ALA A 16 35.34 -1.01 -14.87
N GLN A 17 35.06 -0.25 -15.92
CA GLN A 17 34.70 1.19 -15.85
C GLN A 17 33.27 1.45 -15.32
N ASN A 18 32.44 0.40 -15.22
CA ASN A 18 31.08 0.44 -14.67
C ASN A 18 31.06 0.74 -13.15
N VAL A 19 29.92 1.27 -12.67
CA VAL A 19 29.68 1.64 -11.26
C VAL A 19 28.40 1.03 -10.68
N VAL A 20 28.35 0.85 -9.35
CA VAL A 20 27.20 0.28 -8.62
C VAL A 20 25.98 1.20 -8.48
N ARG A 21 26.19 2.53 -8.61
CA ARG A 21 25.13 3.56 -8.55
C ARG A 21 24.12 3.45 -9.70
N SER A 22 22.92 3.99 -9.48
CA SER A 22 21.80 4.02 -10.45
C SER A 22 21.19 5.43 -10.56
N VAL A 23 20.19 5.61 -11.44
CA VAL A 23 19.55 6.89 -11.76
C VAL A 23 18.80 7.57 -10.60
N ASP A 24 18.43 6.80 -9.58
CA ASP A 24 17.88 7.27 -8.30
C ASP A 24 18.16 6.21 -7.21
N ALA A 25 18.07 6.60 -5.94
CA ALA A 25 18.38 5.75 -4.79
C ALA A 25 17.57 4.43 -4.76
N GLU A 26 16.28 4.52 -5.11
CA GLU A 26 15.35 3.38 -5.15
C GLU A 26 15.49 2.53 -6.43
N GLU A 27 16.17 3.02 -7.47
CA GLU A 27 16.39 2.27 -8.72
C GLU A 27 17.58 1.31 -8.64
N ARG A 28 18.52 1.51 -7.69
CA ARG A 28 19.65 0.60 -7.42
C ARG A 28 19.18 -0.80 -6.97
N ILE A 29 18.18 -0.83 -6.08
CA ILE A 29 17.47 -2.04 -5.62
C ILE A 29 16.13 -2.28 -6.34
N ALA A 30 15.71 -1.38 -7.23
CA ALA A 30 14.48 -1.42 -8.02
C ALA A 30 13.23 -1.62 -7.14
N TRP A 31 13.08 -0.77 -6.11
CA TRP A 31 12.09 -0.86 -5.02
C TRP A 31 12.20 -2.09 -4.08
N VAL A 32 12.79 -3.20 -4.52
CA VAL A 32 12.91 -4.46 -3.77
C VAL A 32 13.72 -4.37 -2.46
N SER A 33 13.01 -4.30 -1.33
CA SER A 33 13.53 -4.31 0.05
C SER A 33 14.48 -3.15 0.44
N LYS A 34 14.63 -2.92 1.75
CA LYS A 34 15.63 -2.03 2.35
C LYS A 34 17.02 -2.66 2.53
N ALA A 35 17.13 -3.98 2.32
CA ALA A 35 18.36 -4.78 2.46
C ALA A 35 18.51 -5.84 1.35
N LEU A 36 19.73 -6.30 1.09
CA LEU A 36 20.03 -7.23 0.00
C LEU A 36 19.58 -8.68 0.26
N CYS A 37 19.53 -9.11 1.53
CA CYS A 37 19.14 -10.47 1.94
C CYS A 37 18.66 -10.52 3.41
N ARG A 38 17.67 -11.38 3.68
CA ARG A 38 17.18 -11.77 5.03
C ARG A 38 16.90 -10.60 5.99
N THR A 39 16.14 -9.62 5.54
CA THR A 39 15.73 -8.46 6.36
C THR A 39 15.10 -8.80 7.72
N THR A 40 15.76 -8.40 8.81
CA THR A 40 15.36 -8.76 10.18
C THR A 40 14.10 -8.08 10.72
N ASP A 41 13.04 -8.85 10.99
CA ASP A 41 11.79 -8.35 11.59
C ASP A 41 11.85 -7.97 13.09
N PRO A 42 10.92 -7.14 13.61
CA PRO A 42 10.94 -6.70 15.01
C PRO A 42 10.90 -7.83 16.04
N ASP A 43 10.15 -8.90 15.77
CA ASP A 43 10.15 -10.14 16.57
C ASP A 43 11.41 -10.99 16.48
N GLU A 44 11.99 -11.12 15.28
CA GLU A 44 13.30 -11.77 15.09
C GLU A 44 14.43 -11.02 15.82
N LEU A 45 14.37 -9.69 15.89
CA LEU A 45 15.25 -8.86 16.72
C LEU A 45 14.97 -9.03 18.22
N PHE A 46 13.69 -9.08 18.63
CA PHE A 46 13.26 -9.16 20.04
C PHE A 46 13.39 -10.50 20.75
N VAL A 47 12.70 -11.55 20.26
CA VAL A 47 12.57 -12.84 20.97
C VAL A 47 13.88 -13.64 21.12
N ARG A 48 14.87 -13.36 20.27
CA ARG A 48 16.24 -13.90 20.36
C ARG A 48 17.10 -13.26 21.47
N GLY A 49 16.59 -12.20 22.11
CA GLY A 49 17.23 -11.49 23.23
C GLY A 49 16.21 -10.66 24.00
N ALA A 50 15.26 -11.34 24.68
CA ALA A 50 14.09 -10.71 25.31
C ALA A 50 14.42 -9.66 26.39
N ALA A 51 15.65 -9.68 26.94
CA ALA A 51 16.18 -8.67 27.86
C ALA A 51 16.20 -7.24 27.29
N GLN A 52 16.03 -7.06 25.97
CA GLN A 52 15.82 -5.76 25.32
C GLN A 52 14.49 -5.07 25.68
N ARG A 53 13.46 -5.83 26.12
CA ARG A 53 12.07 -5.36 26.40
C ARG A 53 11.30 -4.73 25.20
N LYS A 54 11.79 -4.89 23.97
CA LYS A 54 11.17 -4.39 22.71
C LYS A 54 9.97 -5.22 22.22
N ALA A 55 9.00 -5.46 23.10
CA ALA A 55 7.83 -6.32 22.88
C ALA A 55 6.78 -5.72 21.90
N ALA A 56 6.90 -4.45 21.50
CA ALA A 56 6.01 -3.75 20.55
C ALA A 56 6.21 -4.20 19.07
N VAL A 57 6.26 -5.51 18.82
CA VAL A 57 6.57 -6.14 17.51
C VAL A 57 5.48 -6.03 16.43
N ILE A 58 4.32 -5.42 16.75
CA ILE A 58 3.14 -5.32 15.85
C ILE A 58 3.14 -4.05 14.98
N CYS A 59 4.24 -3.30 14.92
CA CYS A 59 4.38 -2.06 14.15
C CYS A 59 4.39 -2.22 12.61
N ARG A 60 4.51 -3.46 12.09
CA ARG A 60 4.42 -3.81 10.66
C ARG A 60 3.02 -3.58 10.10
N HIS A 61 2.93 -3.23 8.80
CA HIS A 61 1.71 -2.91 8.03
C HIS A 61 0.97 -1.65 8.52
N CYS A 62 0.18 -0.99 7.65
CA CYS A 62 -0.71 0.10 8.06
C CYS A 62 -1.83 -0.39 9.01
N PRO A 63 -2.30 0.40 10.00
CA PRO A 63 -3.37 -0.02 10.91
C PRO A 63 -4.69 -0.29 10.18
N VAL A 64 -5.36 -1.40 10.51
CA VAL A 64 -6.74 -1.76 10.10
C VAL A 64 -7.10 -1.76 8.59
N MET A 65 -6.16 -1.51 7.69
CA MET A 65 -6.37 -1.27 6.25
C MET A 65 -7.20 0.02 5.93
N GLN A 66 -7.00 0.56 4.73
CA GLN A 66 -7.50 1.87 4.29
C GLN A 66 -9.02 2.06 4.43
N GLU A 67 -9.79 1.06 4.01
CA GLU A 67 -11.27 1.13 3.98
C GLU A 67 -11.89 1.25 5.39
N CYS A 68 -11.27 0.65 6.41
CA CYS A 68 -11.75 0.72 7.79
C CYS A 68 -11.46 2.09 8.44
N ALA A 69 -10.22 2.60 8.30
CA ALA A 69 -9.85 3.93 8.83
C ALA A 69 -8.62 4.61 8.20
N ALA A 70 -7.56 3.85 7.90
CA ALA A 70 -6.24 4.37 7.49
C ALA A 70 -6.14 4.87 6.03
N ASP A 71 -7.18 5.53 5.52
CA ASP A 71 -7.30 5.92 4.10
C ASP A 71 -6.17 6.83 3.55
N ALA A 72 -5.79 7.84 4.33
CA ALA A 72 -4.90 8.93 3.91
C ALA A 72 -3.42 8.80 4.34
N LEU A 73 -3.02 7.72 5.02
CA LEU A 73 -1.69 7.58 5.65
C LEU A 73 -1.12 6.16 5.63
N ASP A 74 0.19 6.05 5.88
CA ASP A 74 0.99 4.81 5.88
C ASP A 74 1.07 4.04 4.54
N ASN A 75 1.79 2.92 4.49
CA ASN A 75 1.93 2.07 3.29
C ASN A 75 0.58 1.40 2.94
N LYS A 76 -0.16 2.00 2.00
CA LYS A 76 -1.52 1.57 1.63
C LYS A 76 -1.53 0.29 0.77
N VAL A 77 -2.46 -0.60 1.10
CA VAL A 77 -2.73 -1.90 0.45
C VAL A 77 -1.51 -2.85 0.32
N GLU A 78 -1.69 -4.03 -0.30
CA GLU A 78 -0.63 -5.04 -0.46
C GLU A 78 0.26 -4.76 -1.70
N PHE A 79 1.05 -5.75 -2.12
CA PHE A 79 2.01 -5.68 -3.23
C PHE A 79 1.58 -5.00 -4.54
N GLY A 80 2.49 -4.22 -5.14
CA GLY A 80 2.25 -3.48 -6.39
C GLY A 80 1.12 -2.43 -6.30
N VAL A 81 0.72 -2.01 -5.09
CA VAL A 81 -0.46 -1.18 -4.83
C VAL A 81 -1.77 -1.74 -5.42
N TRP A 82 -1.88 -3.07 -5.46
CA TRP A 82 -2.94 -3.84 -6.15
C TRP A 82 -3.07 -3.61 -7.68
N GLY A 83 -2.09 -2.95 -8.32
CA GLY A 83 -2.15 -2.60 -9.75
C GLY A 83 -2.14 -3.79 -10.72
N GLY A 84 -1.61 -4.94 -10.29
CA GLY A 84 -1.65 -6.21 -11.03
C GLY A 84 -2.98 -6.97 -10.92
N MET A 85 -3.93 -6.47 -10.13
CA MET A 85 -5.27 -7.06 -9.91
C MET A 85 -6.34 -6.15 -10.53
N THR A 86 -7.13 -6.65 -11.49
CA THR A 86 -8.04 -5.80 -12.30
C THR A 86 -9.13 -5.06 -11.52
N GLU A 87 -9.35 -3.77 -11.81
CA GLU A 87 -10.19 -2.83 -11.04
C GLU A 87 -11.59 -3.34 -10.66
N ARG A 88 -12.40 -3.75 -11.65
CA ARG A 88 -13.81 -4.12 -11.43
C ARG A 88 -13.96 -5.36 -10.54
N GLN A 89 -13.26 -6.43 -10.90
CA GLN A 89 -13.24 -7.68 -10.13
C GLN A 89 -12.57 -7.54 -8.77
N ARG A 90 -11.48 -6.76 -8.65
CA ARG A 90 -10.81 -6.48 -7.37
C ARG A 90 -11.79 -5.86 -6.38
N ARG A 91 -12.44 -4.78 -6.78
CA ARG A 91 -13.42 -4.02 -5.97
C ARG A 91 -14.66 -4.85 -5.64
N ALA A 92 -15.30 -5.46 -6.64
CA ALA A 92 -16.49 -6.28 -6.45
C ALA A 92 -16.26 -7.47 -5.50
N LEU A 93 -15.19 -8.25 -5.72
CA LEU A 93 -14.89 -9.41 -4.88
C LEU A 93 -14.41 -9.01 -3.47
N LEU A 94 -13.68 -7.91 -3.33
CA LEU A 94 -13.30 -7.38 -2.00
C LEU A 94 -14.51 -6.89 -1.19
N LYS A 95 -15.55 -6.36 -1.86
CA LYS A 95 -16.83 -5.98 -1.24
C LYS A 95 -17.69 -7.20 -0.82
N GLN A 96 -17.87 -8.16 -1.73
CA GLN A 96 -18.84 -9.25 -1.54
C GLN A 96 -18.28 -10.57 -0.95
N HIS A 97 -16.98 -10.85 -1.12
CA HIS A 97 -16.35 -12.14 -0.74
C HIS A 97 -14.84 -12.04 -0.35
N PRO A 98 -14.45 -11.15 0.58
CA PRO A 98 -13.04 -10.96 0.98
C PRO A 98 -12.45 -12.06 1.88
N GLU A 99 -13.28 -12.93 2.47
CA GLU A 99 -12.86 -13.90 3.51
C GLU A 99 -11.90 -15.00 3.04
N VAL A 100 -11.94 -15.36 1.74
CA VAL A 100 -11.08 -16.41 1.17
C VAL A 100 -9.66 -15.93 0.87
N VAL A 101 -8.64 -16.67 1.33
CA VAL A 101 -7.22 -16.32 1.14
C VAL A 101 -6.73 -16.34 -0.31
N SER A 102 -7.44 -17.08 -1.17
CA SER A 102 -7.20 -17.16 -2.63
C SER A 102 -7.60 -15.91 -3.41
N TRP A 103 -8.31 -14.95 -2.79
CA TRP A 103 -8.83 -13.73 -3.44
C TRP A 103 -7.79 -12.94 -4.25
N SER A 104 -6.65 -12.60 -3.61
CA SER A 104 -5.58 -11.82 -4.24
C SER A 104 -4.90 -12.59 -5.39
N ASP A 105 -4.58 -13.87 -5.15
CA ASP A 105 -3.96 -14.75 -6.15
C ASP A 105 -4.84 -15.03 -7.39
N TYR A 106 -6.15 -15.23 -7.16
CA TYR A 106 -7.15 -15.34 -8.23
C TYR A 106 -7.22 -14.14 -9.18
N LEU A 107 -7.20 -12.92 -8.62
CA LEU A 107 -7.19 -11.69 -9.40
C LEU A 107 -5.92 -11.53 -10.24
N GLU A 108 -4.74 -11.89 -9.70
CA GLU A 108 -3.50 -11.91 -10.47
C GLU A 108 -3.58 -12.94 -11.61
N LYS A 109 -4.07 -14.16 -11.34
CA LYS A 109 -4.32 -15.18 -12.38
C LYS A 109 -5.27 -14.68 -13.48
N ARG A 110 -6.38 -14.02 -13.12
CA ARG A 110 -7.35 -13.45 -14.06
C ARG A 110 -6.75 -12.32 -14.93
N LYS A 111 -5.86 -11.49 -14.36
CA LYS A 111 -5.09 -10.49 -15.12
C LYS A 111 -4.06 -11.14 -16.07
N ARG A 112 -3.36 -12.16 -15.58
CA ARG A 112 -2.29 -12.90 -16.29
C ARG A 112 -2.82 -13.73 -17.47
N ARG A 113 -4.00 -14.35 -17.33
CA ARG A 113 -4.74 -15.10 -18.36
C ARG A 113 -6.25 -14.84 -18.21
N THR A 114 -6.81 -13.98 -19.07
CA THR A 114 -8.22 -13.56 -19.02
C THR A 114 -9.25 -14.61 -19.43
N GLY A 115 -10.49 -14.46 -18.94
CA GLY A 115 -11.66 -15.25 -19.41
C GLY A 115 -12.20 -14.80 -20.77
N THR A 116 -11.82 -13.60 -21.25
CA THR A 116 -12.18 -13.05 -22.56
C THR A 116 -11.27 -13.45 -23.73
N ALA A 117 -10.02 -13.83 -23.43
CA ALA A 117 -9.04 -14.30 -24.41
C ALA A 117 -9.49 -15.63 -25.08
N GLY A 118 -9.21 -15.77 -26.39
CA GLY A 118 -9.71 -16.87 -27.21
C GLY A 118 -11.23 -16.88 -27.39
N LEU A 119 -11.77 -18.00 -27.90
CA LEU A 119 -13.20 -18.26 -28.18
C LEU A 119 -13.83 -17.33 -29.26
N GLU A 120 -15.01 -17.70 -29.74
CA GLU A 120 -15.82 -16.89 -30.67
C GLU A 120 -16.63 -15.80 -29.95
N HIS A 121 -16.77 -14.62 -30.58
CA HIS A 121 -17.45 -13.43 -30.04
C HIS A 121 -18.35 -12.68 -31.04
N HIS A 122 -18.39 -13.05 -32.33
CA HIS A 122 -19.26 -12.40 -33.34
C HIS A 122 -20.76 -12.61 -33.00
N HIS A 123 -21.56 -11.55 -33.11
CA HIS A 123 -22.99 -11.51 -32.78
C HIS A 123 -23.76 -10.45 -33.60
N HIS A 124 -25.08 -10.63 -33.75
CA HIS A 124 -25.98 -9.68 -34.44
C HIS A 124 -26.25 -8.41 -33.61
N HIS A 125 -26.78 -7.36 -34.25
CA HIS A 125 -27.25 -6.14 -33.59
C HIS A 125 -28.44 -6.41 -32.64
N HIS A 126 -28.71 -5.50 -31.70
CA HIS A 126 -29.84 -5.55 -30.76
C HIS A 126 -30.30 -4.14 -30.32
N MET A 1 -56.68 -1.22 13.89
CA MET A 1 -56.89 -0.29 12.74
C MET A 1 -56.64 -1.00 11.40
N SER A 2 -57.42 -0.69 10.37
CA SER A 2 -57.32 -1.29 9.02
C SER A 2 -56.00 -0.95 8.30
N GLY A 3 -55.54 -1.86 7.41
CA GLY A 3 -54.28 -1.73 6.68
C GLY A 3 -54.30 -0.77 5.47
N THR A 4 -55.47 -0.26 5.08
CA THR A 4 -55.62 0.72 3.98
C THR A 4 -54.91 2.06 4.19
N ARG A 5 -54.40 2.67 3.12
CA ARG A 5 -53.64 3.93 3.14
C ARG A 5 -54.56 5.17 3.21
N PRO A 6 -54.09 6.31 3.78
CA PRO A 6 -54.91 7.52 3.93
C PRO A 6 -55.20 8.25 2.60
N ALA A 7 -54.39 8.02 1.57
CA ALA A 7 -54.53 8.62 0.23
C ALA A 7 -53.99 7.69 -0.87
N ALA A 8 -54.43 7.91 -2.13
CA ALA A 8 -53.96 7.19 -3.31
C ALA A 8 -52.57 7.65 -3.82
N ARG A 9 -52.01 8.74 -3.26
CA ARG A 9 -50.71 9.32 -3.63
C ARG A 9 -49.53 8.38 -3.35
N ARG A 10 -48.44 8.55 -4.13
CA ARG A 10 -47.17 7.81 -4.00
C ARG A 10 -46.51 8.04 -2.63
N THR A 11 -46.04 6.96 -1.99
CA THR A 11 -45.28 7.00 -0.72
C THR A 11 -43.77 7.20 -0.86
N ASN A 12 -43.17 6.57 -1.87
CA ASN A 12 -41.72 6.57 -2.15
C ASN A 12 -41.42 6.54 -3.66
N LEU A 13 -40.31 7.12 -4.10
CA LEU A 13 -39.85 7.08 -5.50
C LEU A 13 -39.16 5.74 -5.85
N THR A 14 -39.46 5.18 -7.02
CA THR A 14 -38.85 3.93 -7.56
C THR A 14 -37.40 4.02 -8.05
N ALA A 15 -36.56 4.79 -7.35
CA ALA A 15 -35.18 5.10 -7.74
C ALA A 15 -34.23 3.89 -7.63
N ALA A 16 -33.16 3.91 -8.44
CA ALA A 16 -32.07 2.92 -8.41
C ALA A 16 -31.16 3.06 -7.17
N GLN A 17 -30.26 2.11 -6.96
CA GLN A 17 -29.33 2.05 -5.81
C GLN A 17 -28.36 3.24 -5.69
N ASN A 18 -28.23 4.07 -6.73
CA ASN A 18 -27.50 5.35 -6.72
C ASN A 18 -28.16 6.42 -5.81
N VAL A 19 -29.41 6.23 -5.38
CA VAL A 19 -30.13 7.10 -4.43
C VAL A 19 -29.50 7.15 -3.03
N VAL A 20 -29.46 8.34 -2.43
CA VAL A 20 -28.81 8.69 -1.15
C VAL A 20 -27.28 8.52 -1.09
N ARG A 21 -26.77 7.33 -1.42
CA ARG A 21 -25.35 6.98 -1.59
C ARG A 21 -24.40 7.52 -0.48
N SER A 22 -24.85 7.45 0.76
CA SER A 22 -24.15 7.94 1.96
C SER A 22 -24.53 7.13 3.21
N VAL A 23 -23.70 7.20 4.26
CA VAL A 23 -23.91 6.53 5.55
C VAL A 23 -25.16 7.01 6.32
N ASP A 24 -25.60 8.25 6.08
CA ASP A 24 -26.80 8.86 6.67
C ASP A 24 -27.53 9.89 5.77
N ALA A 25 -28.85 10.00 5.92
CA ALA A 25 -29.70 10.85 5.07
C ALA A 25 -29.41 12.36 5.18
N GLU A 26 -28.97 12.85 6.34
CA GLU A 26 -28.69 14.26 6.61
C GLU A 26 -27.19 14.60 6.50
N GLU A 27 -26.31 13.61 6.71
CA GLU A 27 -24.85 13.73 6.58
C GLU A 27 -24.39 14.25 5.20
N ARG A 28 -25.21 14.04 4.16
CA ARG A 28 -25.02 14.64 2.82
C ARG A 28 -24.87 16.15 2.86
N ILE A 29 -25.64 16.83 3.70
CA ILE A 29 -25.64 18.30 3.84
C ILE A 29 -24.32 18.79 4.46
N ALA A 30 -23.82 18.09 5.48
CA ALA A 30 -22.52 18.35 6.10
C ALA A 30 -21.36 18.10 5.13
N TRP A 31 -21.48 17.08 4.27
CA TRP A 31 -20.55 16.84 3.16
C TRP A 31 -20.52 17.96 2.10
N VAL A 32 -21.70 18.36 1.59
CA VAL A 32 -21.83 19.43 0.58
C VAL A 32 -21.36 20.78 1.13
N SER A 33 -21.59 21.06 2.42
CA SER A 33 -21.28 22.33 3.08
C SER A 33 -21.93 23.53 2.34
N LYS A 34 -21.31 24.72 2.37
CA LYS A 34 -21.77 25.89 1.62
C LYS A 34 -21.70 25.66 0.09
N ALA A 35 -20.55 25.15 -0.39
CA ALA A 35 -20.34 24.65 -1.75
C ALA A 35 -19.08 23.75 -1.82
N LEU A 36 -19.12 22.69 -2.63
CA LEU A 36 -18.01 21.73 -2.77
C LEU A 36 -16.81 22.29 -3.54
N CYS A 37 -17.04 23.22 -4.48
CA CYS A 37 -16.01 23.76 -5.38
C CYS A 37 -14.95 24.66 -4.70
N ARG A 38 -15.23 25.18 -3.49
CA ARG A 38 -14.34 26.12 -2.77
C ARG A 38 -13.22 25.41 -1.99
N THR A 39 -13.55 24.33 -1.29
CA THR A 39 -12.64 23.63 -0.35
C THR A 39 -11.38 22.99 -0.95
N THR A 40 -11.37 22.75 -2.27
CA THR A 40 -10.21 22.25 -3.02
C THR A 40 -9.00 23.20 -3.16
N ASP A 41 -9.19 24.49 -2.86
CA ASP A 41 -8.09 25.46 -2.87
C ASP A 41 -6.99 25.22 -1.80
N PRO A 42 -5.69 25.42 -2.08
CA PRO A 42 -4.63 25.10 -1.12
C PRO A 42 -4.74 25.88 0.19
N ASP A 43 -5.16 27.15 0.13
CA ASP A 43 -5.45 28.00 1.29
C ASP A 43 -6.63 27.54 2.19
N GLU A 44 -7.42 26.57 1.72
CA GLU A 44 -8.43 25.85 2.51
C GLU A 44 -7.84 24.51 2.99
N LEU A 45 -7.27 23.71 2.09
CA LEU A 45 -6.68 22.40 2.42
C LEU A 45 -5.63 22.51 3.55
N PHE A 46 -4.77 23.53 3.52
CA PHE A 46 -3.79 23.82 4.56
C PHE A 46 -4.27 24.43 5.90
N VAL A 47 -5.59 24.66 6.04
CA VAL A 47 -6.23 25.11 7.29
C VAL A 47 -7.32 24.19 7.84
N ARG A 48 -8.11 23.53 6.96
CA ARG A 48 -9.09 22.50 7.34
C ARG A 48 -8.45 21.14 7.63
N GLY A 49 -7.25 20.90 7.10
CA GLY A 49 -6.44 19.69 7.27
C GLY A 49 -4.94 19.98 7.28
N ALA A 50 -4.12 19.01 6.85
CA ALA A 50 -2.66 19.12 6.73
C ALA A 50 -1.95 19.59 8.02
N ALA A 51 -2.45 19.16 9.19
CA ALA A 51 -2.02 19.60 10.54
C ALA A 51 -2.03 21.13 10.75
N GLN A 52 -2.83 21.87 9.95
CA GLN A 52 -2.89 23.33 9.88
C GLN A 52 -1.51 23.99 9.60
N ARG A 53 -0.63 23.28 8.88
CA ARG A 53 0.78 23.66 8.63
C ARG A 53 0.91 24.97 7.82
N LYS A 54 1.64 25.94 8.37
CA LYS A 54 1.96 27.24 7.72
C LYS A 54 3.05 27.08 6.64
N ALA A 55 3.16 28.09 5.77
CA ALA A 55 4.13 28.23 4.65
C ALA A 55 4.09 27.16 3.53
N ALA A 56 3.68 25.91 3.81
CA ALA A 56 3.57 24.82 2.84
C ALA A 56 2.47 25.03 1.77
N VAL A 57 1.55 25.99 1.98
CA VAL A 57 0.38 26.28 1.14
C VAL A 57 0.66 26.36 -0.38
N ILE A 58 1.79 26.94 -0.76
CA ILE A 58 2.18 27.17 -2.17
C ILE A 58 2.58 25.91 -2.95
N CYS A 59 2.64 24.73 -2.33
CA CYS A 59 2.97 23.46 -3.01
C CYS A 59 1.87 22.99 -3.99
N ARG A 60 0.63 23.50 -3.85
CA ARG A 60 -0.52 23.25 -4.76
C ARG A 60 -0.87 21.76 -4.96
N HIS A 61 -0.67 20.95 -3.91
CA HIS A 61 -0.97 19.50 -3.87
C HIS A 61 -1.37 19.06 -2.44
N CYS A 62 -2.02 17.90 -2.31
CA CYS A 62 -2.35 17.31 -1.00
C CYS A 62 -1.11 16.75 -0.26
N PRO A 63 -1.15 16.60 1.08
CA PRO A 63 -0.05 16.00 1.87
C PRO A 63 0.28 14.55 1.48
N VAL A 64 1.55 14.16 1.70
CA VAL A 64 2.03 12.77 1.52
C VAL A 64 1.51 11.79 2.59
N MET A 65 1.49 10.50 2.26
CA MET A 65 1.13 9.41 3.20
C MET A 65 2.14 9.28 4.36
N GLN A 66 1.64 8.93 5.56
CA GLN A 66 2.48 8.63 6.73
C GLN A 66 3.28 7.34 6.53
N GLU A 67 4.47 7.24 7.13
CA GLU A 67 5.44 6.16 6.88
C GLU A 67 4.88 4.74 7.08
N CYS A 68 4.02 4.56 8.09
CA CYS A 68 3.35 3.29 8.39
C CYS A 68 2.51 2.78 7.20
N ALA A 69 1.79 3.68 6.52
CA ALA A 69 0.96 3.37 5.36
C ALA A 69 1.71 3.46 4.01
N ALA A 70 2.72 4.33 3.93
CA ALA A 70 3.45 4.64 2.70
C ALA A 70 4.39 3.50 2.26
N ASP A 71 5.36 3.12 3.12
CA ASP A 71 6.37 2.10 2.81
C ASP A 71 6.86 1.15 3.92
N ALA A 72 6.56 1.41 5.20
CA ALA A 72 6.87 0.45 6.27
C ALA A 72 6.00 -0.84 6.18
N LEU A 73 4.84 -0.74 5.54
CA LEU A 73 3.94 -1.83 5.15
C LEU A 73 3.47 -1.63 3.69
N ASP A 74 3.19 -2.74 3.00
CA ASP A 74 2.63 -2.76 1.64
C ASP A 74 3.47 -2.18 0.48
N ASN A 75 3.06 -2.45 -0.77
CA ASN A 75 3.71 -1.91 -1.97
C ASN A 75 3.45 -0.40 -2.15
N LYS A 76 4.40 0.33 -2.76
CA LYS A 76 4.33 1.79 -2.98
C LYS A 76 3.41 2.23 -4.14
N VAL A 77 3.00 1.30 -5.00
CA VAL A 77 2.06 1.54 -6.12
C VAL A 77 0.70 2.11 -5.67
N GLU A 78 0.18 3.09 -6.41
CA GLU A 78 -0.98 3.90 -6.01
C GLU A 78 -2.33 3.27 -6.41
N PHE A 79 -2.32 2.44 -7.47
CA PHE A 79 -3.50 1.78 -8.04
C PHE A 79 -3.97 0.52 -7.28
N GLY A 80 -4.09 0.66 -5.94
CA GLY A 80 -4.32 -0.44 -4.99
C GLY A 80 -3.05 -1.25 -4.71
N VAL A 81 -2.87 -1.73 -3.47
CA VAL A 81 -1.60 -2.35 -3.01
C VAL A 81 -1.17 -3.62 -3.77
N TRP A 82 -2.12 -4.29 -4.45
CA TRP A 82 -1.87 -5.47 -5.28
C TRP A 82 -1.36 -5.14 -6.70
N GLY A 83 -1.35 -3.86 -7.10
CA GLY A 83 -0.93 -3.42 -8.44
C GLY A 83 -1.98 -3.62 -9.53
N GLY A 84 -1.55 -4.08 -10.71
CA GLY A 84 -2.32 -4.16 -11.97
C GLY A 84 -3.52 -5.12 -12.06
N MET A 85 -4.12 -5.55 -10.95
CA MET A 85 -5.36 -6.35 -10.96
C MET A 85 -6.55 -5.53 -11.47
N THR A 86 -7.48 -6.16 -12.20
CA THR A 86 -8.66 -5.50 -12.78
C THR A 86 -9.56 -4.76 -11.78
N GLU A 87 -9.78 -3.46 -11.96
CA GLU A 87 -10.43 -2.60 -10.94
C GLU A 87 -11.88 -2.97 -10.63
N ARG A 88 -12.71 -3.20 -11.66
CA ARG A 88 -14.13 -3.59 -11.49
C ARG A 88 -14.28 -4.92 -10.74
N GLN A 89 -13.44 -5.90 -11.11
CA GLN A 89 -13.39 -7.21 -10.44
C GLN A 89 -12.87 -7.09 -9.01
N ARG A 90 -11.82 -6.27 -8.79
CA ARG A 90 -11.25 -5.98 -7.48
C ARG A 90 -12.29 -5.41 -6.52
N ARG A 91 -12.92 -4.28 -6.85
CA ARG A 91 -13.87 -3.60 -5.95
C ARG A 91 -15.06 -4.49 -5.58
N ALA A 92 -15.64 -5.18 -6.57
CA ALA A 92 -16.75 -6.11 -6.37
C ALA A 92 -16.36 -7.30 -5.48
N LEU A 93 -15.36 -8.09 -5.88
CA LEU A 93 -15.03 -9.35 -5.21
C LEU A 93 -14.34 -9.13 -3.85
N LEU A 94 -13.59 -8.03 -3.67
CA LEU A 94 -13.03 -7.65 -2.36
C LEU A 94 -14.14 -7.29 -1.36
N LYS A 95 -15.18 -6.57 -1.81
CA LYS A 95 -16.37 -6.24 -0.98
C LYS A 95 -17.19 -7.48 -0.62
N GLN A 96 -17.35 -8.40 -1.57
CA GLN A 96 -18.11 -9.65 -1.39
C GLN A 96 -17.39 -10.72 -0.54
N HIS A 97 -16.06 -10.84 -0.66
CA HIS A 97 -15.24 -11.94 -0.09
C HIS A 97 -13.93 -11.49 0.59
N PRO A 98 -13.95 -10.54 1.54
CA PRO A 98 -12.73 -9.96 2.13
C PRO A 98 -11.90 -10.95 2.97
N GLU A 99 -12.54 -11.96 3.58
CA GLU A 99 -11.87 -12.96 4.44
C GLU A 99 -11.07 -14.03 3.66
N VAL A 100 -11.43 -14.27 2.39
CA VAL A 100 -10.87 -15.34 1.55
C VAL A 100 -9.48 -15.00 1.02
N VAL A 101 -8.42 -15.62 1.56
CA VAL A 101 -7.02 -15.36 1.13
C VAL A 101 -6.72 -15.67 -0.34
N SER A 102 -7.47 -16.61 -0.94
CA SER A 102 -7.35 -16.99 -2.35
C SER A 102 -7.83 -15.91 -3.33
N TRP A 103 -8.51 -14.86 -2.87
CA TRP A 103 -9.03 -13.78 -3.72
C TRP A 103 -7.97 -13.04 -4.55
N SER A 104 -6.90 -12.56 -3.89
CA SER A 104 -5.80 -11.86 -4.58
C SER A 104 -4.99 -12.81 -5.48
N ASP A 105 -4.78 -14.06 -5.05
CA ASP A 105 -4.21 -15.11 -5.88
C ASP A 105 -4.99 -15.39 -7.18
N TYR A 106 -6.32 -15.48 -7.08
CA TYR A 106 -7.22 -15.55 -8.23
C TYR A 106 -7.18 -14.36 -9.20
N LEU A 107 -7.29 -13.12 -8.70
CA LEU A 107 -7.23 -11.94 -9.56
C LEU A 107 -5.82 -11.75 -10.20
N GLU A 108 -4.74 -12.11 -9.49
CA GLU A 108 -3.40 -12.17 -10.09
C GLU A 108 -3.34 -13.21 -11.21
N LYS A 109 -3.83 -14.44 -11.00
CA LYS A 109 -3.92 -15.46 -12.06
C LYS A 109 -4.77 -15.00 -13.25
N ARG A 110 -5.90 -14.33 -13.00
CA ARG A 110 -6.76 -13.74 -14.05
C ARG A 110 -6.03 -12.68 -14.89
N LYS A 111 -5.18 -11.87 -14.26
CA LYS A 111 -4.29 -10.89 -14.95
C LYS A 111 -3.13 -11.55 -15.71
N ARG A 112 -2.49 -12.57 -15.11
CA ARG A 112 -1.25 -13.24 -15.57
C ARG A 112 -1.47 -14.51 -16.42
N ARG A 113 -2.60 -14.61 -17.14
CA ARG A 113 -2.97 -15.76 -18.01
C ARG A 113 -2.85 -17.12 -17.31
N THR A 114 -3.31 -17.16 -16.06
CA THR A 114 -3.20 -18.25 -15.07
C THR A 114 -1.80 -18.71 -14.60
N GLY A 115 -0.72 -18.12 -15.15
CA GLY A 115 0.66 -18.48 -14.83
C GLY A 115 1.14 -19.84 -15.37
N THR A 116 0.37 -20.47 -16.27
CA THR A 116 0.66 -21.81 -16.81
C THR A 116 1.84 -21.87 -17.80
N ALA A 117 2.56 -23.00 -17.78
CA ALA A 117 3.57 -23.34 -18.78
C ALA A 117 2.96 -23.98 -20.06
N GLY A 118 1.67 -24.34 -20.02
CA GLY A 118 0.94 -25.02 -21.11
C GLY A 118 1.22 -26.53 -21.24
N LEU A 119 2.00 -27.11 -20.31
CA LEU A 119 2.33 -28.54 -20.26
C LEU A 119 1.18 -29.37 -19.65
N GLU A 120 1.13 -30.67 -19.99
CA GLU A 120 0.21 -31.64 -19.37
C GLU A 120 0.57 -31.98 -17.92
N HIS A 121 -0.45 -32.34 -17.11
CA HIS A 121 -0.27 -32.70 -15.69
C HIS A 121 0.57 -33.98 -15.50
N HIS A 122 1.58 -33.93 -14.63
CA HIS A 122 2.45 -35.07 -14.29
C HIS A 122 1.71 -36.16 -13.47
N HIS A 123 2.01 -37.43 -13.76
CA HIS A 123 1.48 -38.64 -13.08
C HIS A 123 -0.06 -38.80 -13.16
N HIS A 124 -0.58 -39.92 -12.62
CA HIS A 124 -2.02 -40.27 -12.56
C HIS A 124 -2.34 -41.11 -11.31
N HIS A 125 -3.62 -41.14 -10.89
CA HIS A 125 -4.11 -41.96 -9.77
C HIS A 125 -3.95 -43.48 -10.02
N HIS A 126 -3.74 -44.26 -8.95
CA HIS A 126 -3.63 -45.73 -8.95
C HIS A 126 -4.09 -46.32 -7.60
#